data_2H23
#
_entry.id   2H23
#
_cell.length_a   131.860
_cell.length_b   157.550
_cell.length_c   267.600
_cell.angle_alpha   90.00
_cell.angle_beta   90.00
_cell.angle_gamma   90.00
#
_symmetry.space_group_name_H-M   'I 2 2 2'
#
loop_
_entity.id
_entity.type
_entity.pdbx_description
1 polymer 'Ribulose-1,5 bisphosphate carboxylase/oxygenase large subunit N-methyltransferase'
2 non-polymer S-ADENOSYL-L-HOMOCYSTEINE
3 non-polymer N-TRIMETHYLLYSINE
4 water water
#
_entity_poly.entity_id   1
_entity_poly.type   'polypeptide(L)'
_entity_poly.pdbx_seq_one_letter_code
;SLSPAVQTFWKWLQEEGVITAKTPVKASVVTEGLGLVALKDISRNDVILQVPKRLWINPDAVAASEIGRVCSELKPWLSV
ILFLIRERSREDSVWKHYFGILPQETDSTIYWSEEELQELQGSQLLKTTVSVKEYVKNECLKLEQEIILPNKRLFPDPVT
LDDFFWAFGILRSRAFSRLRNENLVVVPMADLINHSAGVTTEDHAYEVKGAAGLFSWDYLFSLKSPLSVKAGEQVYIQYD
LNKSNAELALDYGFIEPNENRHAYTLTLEISESDPFFDDKLDVAESNGFAQTAYFDIFYNRTLPPGLLPYLRLVALGGTD
AFLLESLFRDTIWGHLELSVSRDNEELLCKAVREACKSALAGYHTTIEQDRELKEGNLDSRLAIAVGIREGEKMVLQQID
GIFEQKELELDQLEYYQERRLKDLGLCGENGDILENLYFQ
;
_entity_poly.pdbx_strand_id   A,B,C
#
# COMPACT_ATOMS: atom_id res chain seq x y z
N LEU A 2 -50.41 39.73 41.63
CA LEU A 2 -49.43 38.89 40.90
C LEU A 2 -49.96 38.58 39.50
N SER A 3 -50.80 37.54 39.41
CA SER A 3 -51.40 37.12 38.15
C SER A 3 -52.75 36.47 38.40
N PRO A 4 -53.70 36.64 37.47
CA PRO A 4 -55.04 36.06 37.59
C PRO A 4 -55.02 34.58 37.96
N ALA A 5 -54.79 33.72 36.96
CA ALA A 5 -54.75 32.29 37.17
C ALA A 5 -53.75 31.86 38.24
N VAL A 6 -52.77 32.73 38.51
CA VAL A 6 -51.76 32.43 39.51
C VAL A 6 -52.33 32.59 40.92
N GLN A 7 -52.74 33.80 41.27
CA GLN A 7 -53.30 34.07 42.59
C GLN A 7 -54.44 33.10 42.89
N THR A 8 -54.99 32.52 41.83
CA THR A 8 -56.09 31.56 41.92
C THR A 8 -55.54 30.13 42.00
N PHE A 9 -54.61 29.82 41.11
CA PHE A 9 -53.98 28.50 41.07
C PHE A 9 -53.49 28.13 42.47
N TRP A 10 -52.98 29.12 43.21
CA TRP A 10 -52.49 28.89 44.57
C TRP A 10 -53.67 28.47 45.44
N LYS A 11 -54.80 29.16 45.24
CA LYS A 11 -56.00 28.87 45.99
C LYS A 11 -56.40 27.41 45.76
N TRP A 12 -56.38 26.98 44.50
CA TRP A 12 -56.72 25.61 44.15
C TRP A 12 -55.99 24.56 44.99
N LEU A 13 -54.68 24.70 45.09
CA LEU A 13 -53.85 23.76 45.84
C LEU A 13 -54.16 23.78 47.33
N GLN A 14 -54.59 24.93 47.83
CA GLN A 14 -54.89 25.07 49.26
C GLN A 14 -55.99 24.12 49.71
N GLU A 15 -57.02 23.95 48.88
CA GLU A 15 -58.12 23.06 49.22
C GLU A 15 -57.74 21.60 48.97
N GLU A 16 -56.89 21.36 47.97
CA GLU A 16 -56.48 20.01 47.66
C GLU A 16 -55.51 19.48 48.72
N GLY A 17 -55.32 20.26 49.78
CA GLY A 17 -54.41 19.84 50.85
C GLY A 17 -52.99 19.69 50.36
N VAL A 18 -52.54 20.64 49.54
CA VAL A 18 -51.18 20.63 48.99
C VAL A 18 -50.37 21.76 49.60
N ILE A 19 -50.88 22.98 49.47
CA ILE A 19 -50.21 24.17 50.01
C ILE A 19 -50.83 24.62 51.34
N THR A 20 -50.02 24.58 52.40
CA THR A 20 -50.46 24.98 53.72
C THR A 20 -49.39 25.87 54.35
N ALA A 21 -49.65 26.36 55.56
CA ALA A 21 -48.69 27.23 56.22
C ALA A 21 -47.43 26.42 56.53
N LYS A 22 -47.41 25.17 56.08
CA LYS A 22 -46.27 24.27 56.29
C LYS A 22 -45.25 24.42 55.16
N THR A 23 -45.75 24.73 53.96
CA THR A 23 -44.90 24.91 52.78
C THR A 23 -44.37 26.35 52.67
N PRO A 24 -43.05 26.53 52.82
CA PRO A 24 -42.38 27.84 52.74
C PRO A 24 -41.92 28.20 51.34
N VAL A 25 -42.86 28.54 50.46
CA VAL A 25 -42.48 28.87 49.10
C VAL A 25 -43.68 29.33 48.29
N LYS A 26 -43.66 30.57 47.86
CA LYS A 26 -44.74 31.12 47.07
C LYS A 26 -44.33 31.28 45.62
N ALA A 27 -45.28 31.09 44.71
CA ALA A 27 -45.00 31.22 43.28
C ALA A 27 -44.79 32.70 42.93
N SER A 28 -43.80 32.97 42.10
CA SER A 28 -43.51 34.35 41.69
C SER A 28 -43.11 34.45 40.23
N VAL A 29 -43.13 35.66 39.71
CA VAL A 29 -42.75 35.90 38.33
C VAL A 29 -41.28 36.26 38.27
N VAL A 30 -40.50 35.34 37.70
CA VAL A 30 -39.06 35.50 37.59
C VAL A 30 -38.62 35.62 36.14
N THR A 31 -37.36 35.97 35.92
CA THR A 31 -36.84 36.14 34.57
C THR A 31 -37.09 34.88 33.75
N GLU A 32 -37.13 33.74 34.43
CA GLU A 32 -37.35 32.47 33.76
C GLU A 32 -38.83 32.12 33.60
N GLY A 33 -39.70 33.08 33.91
CA GLY A 33 -41.12 32.88 33.77
C GLY A 33 -41.86 32.92 35.09
N LEU A 34 -42.09 31.74 35.65
CA LEU A 34 -42.75 31.59 36.93
C LEU A 34 -41.81 30.70 37.72
N GLY A 35 -41.65 30.96 39.00
CA GLY A 35 -40.75 30.13 39.77
C GLY A 35 -41.08 30.11 41.23
N LEU A 36 -40.34 29.31 41.98
CA LEU A 36 -40.57 29.19 43.39
C LEU A 36 -39.64 30.08 44.20
N VAL A 37 -40.24 31.05 44.87
CA VAL A 37 -39.51 31.97 45.72
C VAL A 37 -39.71 31.51 47.16
N ALA A 38 -38.63 31.39 47.91
CA ALA A 38 -38.72 30.97 49.29
C ALA A 38 -39.42 32.02 50.14
N LEU A 39 -40.49 31.59 50.83
CA LEU A 39 -41.25 32.48 51.69
C LEU A 39 -40.49 32.75 52.97
N LYS A 40 -39.47 31.93 53.22
CA LYS A 40 -38.61 32.12 54.38
C LYS A 40 -37.37 31.25 54.25
N ASP A 41 -36.31 31.65 54.93
CA ASP A 41 -35.05 30.91 54.89
C ASP A 41 -35.26 29.41 54.86
N ILE A 42 -34.86 28.78 53.75
CA ILE A 42 -34.97 27.34 53.58
C ILE A 42 -33.58 26.73 53.69
N SER A 43 -33.51 25.48 54.13
CA SER A 43 -32.21 24.82 54.28
C SER A 43 -32.01 23.68 53.29
N ARG A 44 -30.78 23.22 53.21
CA ARG A 44 -30.44 22.13 52.30
C ARG A 44 -31.32 20.92 52.59
N ASN A 45 -31.77 20.25 51.53
CA ASN A 45 -32.64 19.07 51.62
C ASN A 45 -34.02 19.32 52.21
N ASP A 46 -34.25 20.52 52.72
CA ASP A 46 -35.55 20.88 53.28
C ASP A 46 -36.66 20.66 52.25
N VAL A 47 -37.58 19.75 52.55
CA VAL A 47 -38.68 19.49 51.64
C VAL A 47 -39.48 20.79 51.51
N ILE A 48 -39.45 21.41 50.33
CA ILE A 48 -40.15 22.68 50.13
C ILE A 48 -41.66 22.52 49.92
N LEU A 49 -42.05 21.38 49.35
CA LEU A 49 -43.46 21.11 49.11
C LEU A 49 -43.70 19.71 48.56
N GLN A 50 -44.83 19.12 48.96
CA GLN A 50 -45.21 17.79 48.51
C GLN A 50 -46.59 17.85 47.88
N VAL A 51 -46.80 17.05 46.84
CA VAL A 51 -48.10 17.05 46.17
C VAL A 51 -48.73 15.67 46.25
N PRO A 52 -50.07 15.61 46.45
CA PRO A 52 -50.81 14.35 46.55
C PRO A 52 -50.89 13.73 45.17
N LYS A 53 -50.59 12.43 45.07
CA LYS A 53 -50.62 11.75 43.78
C LYS A 53 -52.00 11.87 43.12
N ARG A 54 -52.94 12.42 43.89
CA ARG A 54 -54.31 12.64 43.42
C ARG A 54 -54.25 13.71 42.32
N LEU A 55 -53.12 14.43 42.29
CA LEU A 55 -52.94 15.50 41.33
C LEU A 55 -51.89 15.24 40.24
N TRP A 56 -51.40 14.01 40.13
CA TRP A 56 -50.42 13.71 39.07
C TRP A 56 -51.16 13.81 37.75
N ILE A 57 -50.44 13.51 36.68
CA ILE A 57 -50.98 13.52 35.32
C ILE A 57 -50.03 12.68 34.47
N ASN A 58 -49.98 11.40 34.82
CA ASN A 58 -49.13 10.41 34.15
C ASN A 58 -50.01 9.30 33.56
N PRO A 59 -49.41 8.34 32.85
CA PRO A 59 -50.20 7.26 32.25
C PRO A 59 -51.24 6.63 33.22
N ASP A 60 -50.84 6.47 34.49
CA ASP A 60 -51.71 5.89 35.52
C ASP A 60 -52.96 6.72 35.79
N ALA A 61 -52.87 8.03 35.55
CA ALA A 61 -54.01 8.90 35.79
C ALA A 61 -54.89 8.95 34.54
N VAL A 62 -54.26 8.82 33.36
CA VAL A 62 -55.02 8.85 32.10
C VAL A 62 -55.78 7.54 31.93
N ALA A 63 -55.17 6.45 32.42
CA ALA A 63 -55.79 5.13 32.32
C ALA A 63 -57.05 5.03 33.17
N ALA A 64 -57.12 5.88 34.20
CA ALA A 64 -58.24 5.94 35.14
C ALA A 64 -59.31 7.01 34.83
N SER A 65 -59.14 7.75 33.75
CA SER A 65 -60.11 8.78 33.37
C SER A 65 -61.02 8.21 32.28
N GLU A 66 -62.01 8.99 31.85
CA GLU A 66 -62.95 8.54 30.82
C GLU A 66 -62.27 8.05 29.54
N ILE A 67 -61.08 8.56 29.27
CA ILE A 67 -60.35 8.15 28.07
C ILE A 67 -59.36 7.03 28.39
N GLY A 68 -59.47 6.48 29.59
CA GLY A 68 -58.59 5.41 30.00
C GLY A 68 -58.63 4.20 29.08
N ARG A 69 -59.82 3.92 28.54
CA ARG A 69 -60.04 2.78 27.63
C ARG A 69 -59.40 3.00 26.26
N VAL A 70 -59.91 4.00 25.55
CA VAL A 70 -59.44 4.36 24.21
C VAL A 70 -57.93 4.48 24.07
N CYS A 71 -57.28 4.90 25.15
CA CYS A 71 -55.84 5.09 25.15
C CYS A 71 -55.09 3.86 25.66
N SER A 72 -55.83 2.77 25.89
CA SER A 72 -55.28 1.52 26.37
C SER A 72 -53.96 1.05 25.73
N GLU A 73 -53.93 0.93 24.40
CA GLU A 73 -52.73 0.46 23.70
C GLU A 73 -51.80 1.56 23.30
N LEU A 74 -52.18 2.80 23.59
CA LEU A 74 -51.34 3.95 23.25
C LEU A 74 -50.02 3.93 24.02
N LYS A 75 -48.97 4.49 23.41
CA LYS A 75 -47.68 4.57 24.09
C LYS A 75 -47.79 5.58 25.25
N PRO A 76 -46.89 5.49 26.23
CA PRO A 76 -46.86 6.36 27.41
C PRO A 76 -47.14 7.84 27.19
N TRP A 77 -46.28 8.51 26.44
CA TRP A 77 -46.48 9.93 26.20
C TRP A 77 -47.74 10.29 25.45
N LEU A 78 -48.02 9.52 24.41
CA LEU A 78 -49.18 9.74 23.58
C LEU A 78 -50.45 9.83 24.43
N SER A 79 -50.52 8.99 25.46
CA SER A 79 -51.68 8.95 26.36
C SER A 79 -51.82 10.28 27.13
N VAL A 80 -50.69 10.76 27.65
CA VAL A 80 -50.62 12.02 28.40
C VAL A 80 -50.86 13.23 27.47
N ILE A 81 -50.38 13.13 26.23
CA ILE A 81 -50.58 14.22 25.29
C ILE A 81 -52.09 14.49 25.23
N LEU A 82 -52.83 13.48 24.80
CA LEU A 82 -54.27 13.59 24.67
C LEU A 82 -54.93 14.02 25.98
N PHE A 83 -54.56 13.36 27.08
CA PHE A 83 -55.13 13.69 28.39
C PHE A 83 -55.04 15.21 28.67
N LEU A 84 -53.82 15.74 28.57
CA LEU A 84 -53.49 17.15 28.78
C LEU A 84 -54.32 18.09 27.92
N ILE A 85 -54.40 17.74 26.64
CA ILE A 85 -55.18 18.51 25.66
C ILE A 85 -56.62 18.53 26.14
N ARG A 86 -57.15 17.33 26.33
CA ARG A 86 -58.52 17.15 26.76
C ARG A 86 -58.87 17.99 27.98
N GLU A 87 -58.10 17.84 29.06
CA GLU A 87 -58.37 18.60 30.29
C GLU A 87 -58.30 20.13 30.10
N ARG A 88 -57.52 20.55 29.11
CA ARG A 88 -57.36 21.98 28.81
C ARG A 88 -58.67 22.51 28.23
N SER A 89 -59.40 21.64 27.56
CA SER A 89 -60.69 21.97 26.95
C SER A 89 -61.81 22.08 28.00
N ARG A 90 -61.99 21.01 28.78
CA ARG A 90 -63.00 20.94 29.84
C ARG A 90 -63.02 22.16 30.78
N GLU A 91 -64.19 22.76 30.96
CA GLU A 91 -64.32 23.93 31.84
C GLU A 91 -64.53 23.52 33.29
N ASP A 92 -64.55 22.21 33.53
CA ASP A 92 -64.75 21.66 34.87
C ASP A 92 -63.61 20.72 35.27
N SER A 93 -62.49 20.82 34.55
CA SER A 93 -61.33 19.99 34.83
C SER A 93 -60.79 20.28 36.23
N VAL A 94 -60.13 19.29 36.82
CA VAL A 94 -59.57 19.44 38.16
C VAL A 94 -58.34 20.35 38.15
N TRP A 95 -57.75 20.54 36.97
CA TRP A 95 -56.56 21.38 36.82
C TRP A 95 -56.94 22.69 36.10
N LYS A 96 -58.14 23.19 36.39
CA LYS A 96 -58.63 24.41 35.76
C LYS A 96 -57.73 25.60 35.99
N HIS A 97 -57.36 25.79 37.26
CA HIS A 97 -56.50 26.89 37.65
C HIS A 97 -55.04 26.61 37.25
N TYR A 98 -54.76 25.33 36.98
CA TYR A 98 -53.44 24.86 36.58
C TYR A 98 -53.11 25.24 35.15
N PHE A 99 -53.98 24.86 34.21
CA PHE A 99 -53.76 25.16 32.79
C PHE A 99 -53.74 26.66 32.51
N GLY A 100 -54.44 27.41 33.35
CA GLY A 100 -54.46 28.86 33.18
C GLY A 100 -53.10 29.41 33.54
N ILE A 101 -52.26 28.54 34.07
CA ILE A 101 -50.92 28.93 34.46
C ILE A 101 -49.89 28.48 33.41
N LEU A 102 -50.10 27.33 32.79
CA LEU A 102 -49.15 26.85 31.79
C LEU A 102 -48.87 27.77 30.62
N PRO A 103 -47.58 28.02 30.34
CA PRO A 103 -47.17 28.88 29.23
C PRO A 103 -47.57 28.24 27.90
N GLN A 104 -48.23 29.01 27.05
CA GLN A 104 -48.65 28.49 25.76
C GLN A 104 -47.45 28.08 24.93
N GLU A 105 -46.28 28.63 25.26
CA GLU A 105 -45.06 28.32 24.50
C GLU A 105 -43.75 28.51 25.32
N THR A 106 -42.65 27.94 24.81
CA THR A 106 -41.34 28.11 25.45
C THR A 106 -40.35 28.47 24.34
N ASP A 107 -39.07 28.54 24.67
CA ASP A 107 -38.09 28.89 23.65
C ASP A 107 -37.48 27.68 22.97
N SER A 108 -38.07 26.52 23.22
CA SER A 108 -37.61 25.29 22.60
C SER A 108 -37.62 25.53 21.11
N THR A 109 -36.66 24.97 20.40
CA THR A 109 -36.62 25.18 18.96
C THR A 109 -37.84 24.63 18.23
N ILE A 110 -38.61 23.78 18.89
CA ILE A 110 -39.79 23.22 18.24
C ILE A 110 -40.84 24.30 17.95
N TYR A 111 -40.64 25.50 18.47
CA TYR A 111 -41.59 26.58 18.24
C TYR A 111 -41.04 27.71 17.37
N TRP A 112 -39.72 27.73 17.21
CA TRP A 112 -39.06 28.76 16.41
C TRP A 112 -39.64 28.93 15.02
N SER A 113 -39.85 30.18 14.65
CA SER A 113 -40.35 30.53 13.34
C SER A 113 -39.31 30.10 12.33
N GLU A 114 -39.58 30.34 11.05
CA GLU A 114 -38.65 29.97 9.99
C GLU A 114 -37.43 30.89 10.00
N GLU A 115 -37.65 32.17 10.29
CA GLU A 115 -36.55 33.13 10.33
C GLU A 115 -35.68 32.77 11.51
N GLU A 116 -36.31 32.57 12.66
CA GLU A 116 -35.58 32.20 13.86
C GLU A 116 -34.73 30.96 13.58
N LEU A 117 -35.31 29.96 12.92
CA LEU A 117 -34.57 28.75 12.61
C LEU A 117 -33.39 28.97 11.67
N GLN A 118 -33.41 30.06 10.93
CA GLN A 118 -32.31 30.36 10.01
C GLN A 118 -31.05 30.74 10.76
N GLU A 119 -31.21 31.08 12.03
CA GLU A 119 -30.08 31.48 12.83
C GLU A 119 -29.26 30.26 13.27
N LEU A 120 -29.84 29.08 13.09
CA LEU A 120 -29.18 27.82 13.43
C LEU A 120 -28.69 27.09 12.16
N GLN A 121 -28.66 27.82 11.05
CA GLN A 121 -28.23 27.29 9.77
C GLN A 121 -26.93 26.51 9.88
N GLY A 122 -26.87 25.33 9.30
CA GLY A 122 -25.66 24.52 9.34
C GLY A 122 -25.40 23.79 10.65
N SER A 123 -26.21 24.10 11.66
CA SER A 123 -26.06 23.50 12.98
C SER A 123 -26.67 22.14 13.12
N GLN A 124 -26.07 21.32 13.99
CA GLN A 124 -26.58 19.99 14.26
C GLN A 124 -27.94 20.16 14.95
N LEU A 125 -28.07 21.17 15.80
CA LEU A 125 -29.32 21.41 16.52
C LEU A 125 -30.51 21.56 15.56
N LEU A 126 -30.29 22.25 14.44
CA LEU A 126 -31.35 22.44 13.49
C LEU A 126 -31.85 21.09 12.99
N LYS A 127 -30.92 20.27 12.52
CA LYS A 127 -31.26 18.94 12.03
C LYS A 127 -32.12 18.26 13.08
N THR A 128 -31.55 18.03 14.24
CA THR A 128 -32.26 17.37 15.30
C THR A 128 -33.65 17.94 15.51
N THR A 129 -33.78 19.25 15.64
CA THR A 129 -35.11 19.82 15.87
C THR A 129 -36.13 19.47 14.77
N VAL A 130 -35.67 19.43 13.51
CA VAL A 130 -36.59 19.10 12.43
C VAL A 130 -37.13 17.70 12.64
N SER A 131 -36.20 16.74 12.65
CA SER A 131 -36.51 15.34 12.85
C SER A 131 -37.56 15.20 13.92
N VAL A 132 -37.28 15.76 15.09
CA VAL A 132 -38.22 15.65 16.19
C VAL A 132 -39.58 16.27 15.86
N LYS A 133 -39.58 17.45 15.26
CA LYS A 133 -40.84 18.10 14.90
C LYS A 133 -41.64 17.21 13.97
N GLU A 134 -40.97 16.69 12.96
CA GLU A 134 -41.58 15.83 11.98
C GLU A 134 -42.24 14.61 12.62
N TYR A 135 -41.42 13.79 13.29
CA TYR A 135 -41.87 12.60 13.96
C TYR A 135 -43.13 12.89 14.77
N VAL A 136 -42.99 13.74 15.78
CA VAL A 136 -44.12 14.08 16.64
C VAL A 136 -45.39 14.33 15.80
N LYS A 137 -45.21 15.08 14.72
CA LYS A 137 -46.31 15.39 13.81
C LYS A 137 -47.00 14.09 13.37
N ASN A 138 -46.28 13.19 12.72
CA ASN A 138 -46.86 11.93 12.28
C ASN A 138 -47.64 11.27 13.40
N GLU A 139 -46.92 10.90 14.46
CA GLU A 139 -47.54 10.26 15.60
C GLU A 139 -48.79 11.01 16.09
N CYS A 140 -48.80 12.33 15.94
CA CYS A 140 -49.97 13.11 16.38
C CYS A 140 -51.15 13.10 15.42
N LEU A 141 -50.86 12.82 14.15
CA LEU A 141 -51.91 12.76 13.13
C LEU A 141 -52.58 11.40 13.17
N LYS A 142 -51.83 10.37 13.57
CA LYS A 142 -52.40 9.03 13.65
C LYS A 142 -53.33 8.98 14.86
N LEU A 143 -53.03 9.79 15.87
CA LEU A 143 -53.86 9.86 17.08
C LEU A 143 -55.23 10.49 16.75
N GLU A 144 -55.20 11.57 15.99
CA GLU A 144 -56.44 12.22 15.61
C GLU A 144 -57.34 11.25 14.85
N GLN A 145 -56.84 10.74 13.73
CA GLN A 145 -57.57 9.81 12.88
C GLN A 145 -57.95 8.50 13.59
N GLU A 146 -57.17 8.12 14.60
CA GLU A 146 -57.43 6.86 15.28
C GLU A 146 -57.98 6.91 16.69
N ILE A 147 -58.07 8.10 17.28
CA ILE A 147 -58.59 8.22 18.65
C ILE A 147 -59.50 9.43 18.86
N ILE A 148 -59.03 10.60 18.48
CA ILE A 148 -59.78 11.85 18.65
C ILE A 148 -61.09 11.95 17.84
N LEU A 149 -61.01 11.59 16.56
CA LEU A 149 -62.16 11.64 15.65
C LEU A 149 -63.17 10.48 15.88
N PRO A 150 -62.69 9.23 15.97
CA PRO A 150 -63.63 8.13 16.19
C PRO A 150 -64.48 8.41 17.42
N ASN A 151 -63.82 8.75 18.52
CA ASN A 151 -64.50 9.04 19.78
C ASN A 151 -64.85 10.51 19.88
N LYS A 152 -65.72 10.98 18.98
CA LYS A 152 -66.13 12.39 18.98
C LYS A 152 -66.91 12.78 20.24
N ARG A 153 -67.12 11.80 21.12
CA ARG A 153 -67.85 12.03 22.37
C ARG A 153 -66.92 12.49 23.50
N LEU A 154 -65.69 11.97 23.50
CA LEU A 154 -64.69 12.31 24.51
C LEU A 154 -63.88 13.53 24.09
N PHE A 155 -63.74 13.72 22.77
CA PHE A 155 -62.99 14.85 22.20
C PHE A 155 -63.92 15.65 21.30
N PRO A 156 -64.78 16.51 21.90
CA PRO A 156 -65.75 17.39 21.22
C PRO A 156 -65.13 18.46 20.34
N ASP A 157 -64.11 19.12 20.86
CA ASP A 157 -63.42 20.20 20.18
C ASP A 157 -62.33 19.66 19.24
N PRO A 158 -62.05 20.39 18.14
CA PRO A 158 -61.03 19.98 17.17
C PRO A 158 -59.63 20.14 17.78
N VAL A 159 -58.70 19.29 17.38
CA VAL A 159 -57.34 19.36 17.91
C VAL A 159 -56.34 19.71 16.81
N THR A 160 -55.69 20.88 16.95
CA THR A 160 -54.72 21.32 15.96
C THR A 160 -53.32 20.87 16.31
N LEU A 161 -52.46 20.88 15.30
CA LEU A 161 -51.06 20.51 15.46
C LEU A 161 -50.49 21.34 16.62
N ASP A 162 -50.74 22.65 16.57
CA ASP A 162 -50.29 23.56 17.62
C ASP A 162 -50.56 22.93 18.99
N ASP A 163 -51.81 22.52 19.23
CA ASP A 163 -52.17 21.90 20.51
C ASP A 163 -51.25 20.72 20.81
N PHE A 164 -50.93 19.95 19.78
CA PHE A 164 -50.07 18.80 19.94
C PHE A 164 -48.69 19.22 20.44
N PHE A 165 -47.97 19.95 19.61
CA PHE A 165 -46.64 20.43 19.98
C PHE A 165 -46.73 21.05 21.36
N TRP A 166 -47.83 21.74 21.63
CA TRP A 166 -48.05 22.36 22.92
C TRP A 166 -47.94 21.30 24.01
N ALA A 167 -48.74 20.24 23.88
CA ALA A 167 -48.73 19.15 24.85
C ALA A 167 -47.35 18.48 24.92
N PHE A 168 -46.75 18.24 23.74
CA PHE A 168 -45.43 17.61 23.68
C PHE A 168 -44.41 18.45 24.45
N GLY A 169 -44.35 19.73 24.08
CA GLY A 169 -43.42 20.64 24.72
C GLY A 169 -43.63 20.57 26.22
N ILE A 170 -44.89 20.65 26.64
CA ILE A 170 -45.21 20.59 28.06
C ILE A 170 -44.54 19.34 28.65
N LEU A 171 -44.62 18.23 27.92
CA LEU A 171 -44.04 16.98 28.36
C LEU A 171 -42.54 17.09 28.52
N ARG A 172 -41.87 17.42 27.42
CA ARG A 172 -40.41 17.57 27.36
C ARG A 172 -39.80 18.58 28.33
N SER A 173 -40.59 19.57 28.74
CA SER A 173 -40.06 20.58 29.64
C SER A 173 -40.65 20.54 31.03
N ARG A 174 -41.52 19.57 31.30
CA ARG A 174 -42.15 19.48 32.62
C ARG A 174 -42.25 18.09 33.21
N ALA A 175 -41.71 17.10 32.52
CA ALA A 175 -41.78 15.73 32.99
C ALA A 175 -40.60 15.33 33.87
N PHE A 176 -40.89 14.66 34.98
CA PHE A 176 -39.84 14.17 35.87
C PHE A 176 -39.64 12.69 35.59
N SER A 177 -38.80 12.37 34.62
CA SER A 177 -38.53 10.99 34.27
C SER A 177 -37.51 10.35 35.21
N ARG A 178 -37.49 10.82 36.45
CA ARG A 178 -36.55 10.31 37.45
C ARG A 178 -37.31 9.73 38.66
N LEU A 179 -37.50 8.42 38.66
CA LEU A 179 -38.20 7.73 39.75
C LEU A 179 -37.52 6.41 40.11
N ASN A 183 -41.63 7.66 34.89
CA ASN A 183 -40.74 7.96 33.76
C ASN A 183 -41.27 9.12 32.92
N LEU A 184 -42.50 9.54 33.22
CA LEU A 184 -43.13 10.63 32.49
C LEU A 184 -44.25 11.21 33.35
N VAL A 185 -43.89 11.66 34.54
CA VAL A 185 -44.85 12.24 35.47
C VAL A 185 -44.87 13.76 35.39
N VAL A 186 -45.95 14.36 35.88
CA VAL A 186 -46.11 15.79 35.86
C VAL A 186 -46.69 16.22 37.20
N VAL A 187 -46.12 17.26 37.81
CA VAL A 187 -46.64 17.68 39.10
C VAL A 187 -46.90 19.17 39.22
N PRO A 188 -48.13 19.59 38.90
CA PRO A 188 -48.62 20.98 38.93
C PRO A 188 -48.03 21.93 39.97
N MET A 189 -47.60 21.39 41.10
CA MET A 189 -47.01 22.25 42.13
C MET A 189 -45.51 22.40 41.92
N ALA A 190 -44.81 21.27 41.88
CA ALA A 190 -43.37 21.24 41.69
C ALA A 190 -43.03 21.27 40.21
N ASP A 191 -43.91 21.89 39.44
CA ASP A 191 -43.73 21.99 38.00
C ASP A 191 -43.09 23.37 37.76
N LEU A 192 -43.23 24.24 38.75
CA LEU A 192 -42.74 25.60 38.68
C LEU A 192 -41.30 25.82 39.17
N ILE A 193 -40.55 24.75 39.38
CA ILE A 193 -39.16 24.88 39.85
C ILE A 193 -38.24 25.07 38.65
N ASN A 194 -37.42 26.11 38.69
CA ASN A 194 -36.52 26.37 37.57
C ASN A 194 -35.12 25.77 37.72
N HIS A 195 -34.34 25.85 36.63
CA HIS A 195 -32.99 25.31 36.57
C HIS A 195 -31.91 26.35 36.88
N SER A 196 -30.85 25.92 37.57
CA SER A 196 -29.73 26.81 37.88
C SER A 196 -28.40 26.07 37.91
N ALA A 197 -27.39 26.68 37.32
CA ALA A 197 -26.06 26.07 37.29
C ALA A 197 -25.47 26.05 38.70
N GLY A 198 -26.10 26.77 39.62
CA GLY A 198 -25.61 26.82 40.99
C GLY A 198 -25.72 25.46 41.63
N VAL A 199 -26.77 24.74 41.27
CA VAL A 199 -27.02 23.40 41.80
C VAL A 199 -26.18 22.38 41.07
N THR A 200 -25.39 21.59 41.80
CA THR A 200 -24.54 20.62 41.15
C THR A 200 -24.71 19.18 41.65
N THR A 201 -25.93 18.83 42.05
CA THR A 201 -26.24 17.49 42.56
C THR A 201 -26.99 16.61 41.57
N GLU A 202 -28.18 17.10 41.18
CA GLU A 202 -29.08 16.43 40.24
C GLU A 202 -29.94 15.32 40.87
N ASP A 203 -30.42 15.57 42.09
CA ASP A 203 -31.27 14.62 42.80
C ASP A 203 -32.18 15.39 43.74
N HIS A 204 -33.44 15.55 43.34
CA HIS A 204 -34.40 16.31 44.13
C HIS A 204 -35.76 15.66 44.26
N ALA A 205 -36.06 14.75 43.34
CA ALA A 205 -37.34 14.04 43.36
C ALA A 205 -37.41 13.19 44.63
N TYR A 206 -38.63 12.79 44.99
CA TYR A 206 -38.84 12.00 46.20
C TYR A 206 -40.29 11.51 46.19
N GLU A 207 -40.66 10.70 47.17
CA GLU A 207 -42.02 10.17 47.26
C GLU A 207 -42.30 9.48 48.58
N VAL A 208 -43.30 9.96 49.30
CA VAL A 208 -43.67 9.39 50.58
C VAL A 208 -45.13 8.97 50.58
N TYR A 219 -49.46 7.73 45.99
CA TYR A 219 -48.40 8.04 46.95
C TYR A 219 -48.27 9.56 47.21
N LEU A 220 -47.12 10.11 46.83
CA LEU A 220 -46.87 11.54 47.03
C LEU A 220 -45.57 11.96 46.32
N PHE A 221 -45.50 13.22 45.90
CA PHE A 221 -44.31 13.75 45.24
C PHE A 221 -43.72 14.79 46.17
N SER A 222 -42.53 14.48 46.69
CA SER A 222 -41.82 15.35 47.61
C SER A 222 -40.68 16.05 46.87
N LEU A 223 -40.59 17.37 47.03
CA LEU A 223 -39.55 18.15 46.40
C LEU A 223 -38.73 18.83 47.47
N LYS A 224 -37.43 18.66 47.41
CA LYS A 224 -36.55 19.26 48.40
C LYS A 224 -35.46 20.10 47.72
N SER A 225 -35.29 21.33 48.20
CA SER A 225 -34.30 22.24 47.66
C SER A 225 -32.89 21.76 47.99
N PRO A 226 -32.10 21.44 46.96
CA PRO A 226 -30.73 20.97 47.16
C PRO A 226 -29.77 22.06 47.64
N LEU A 227 -30.31 23.28 47.83
CA LEU A 227 -29.51 24.40 48.30
C LEU A 227 -30.24 25.26 49.32
N SER A 228 -29.48 25.84 50.24
CA SER A 228 -30.04 26.72 51.26
C SER A 228 -30.37 28.07 50.63
N VAL A 229 -31.65 28.39 50.56
CA VAL A 229 -32.06 29.66 49.98
C VAL A 229 -32.53 30.61 51.07
N LYS A 230 -32.21 31.89 50.93
CA LYS A 230 -32.64 32.85 51.93
C LYS A 230 -34.02 33.41 51.55
N ALA A 231 -34.67 34.03 52.53
CA ALA A 231 -35.99 34.59 52.34
C ALA A 231 -36.03 35.62 51.21
N GLY A 232 -36.89 35.37 50.23
CA GLY A 232 -37.03 36.28 49.12
C GLY A 232 -36.42 35.77 47.82
N GLU A 233 -35.44 34.88 47.96
CA GLU A 233 -34.74 34.32 46.80
C GLU A 233 -35.50 33.18 46.16
N GLN A 234 -35.02 32.75 44.99
CA GLN A 234 -35.64 31.67 44.25
C GLN A 234 -35.03 30.31 44.60
N VAL A 235 -35.84 29.26 44.46
CA VAL A 235 -35.38 27.91 44.72
C VAL A 235 -35.18 27.25 43.37
N TYR A 236 -34.02 26.62 43.18
CA TYR A 236 -33.70 25.99 41.91
C TYR A 236 -33.30 24.52 42.05
N ILE A 237 -32.96 23.91 40.93
CA ILE A 237 -32.49 22.53 40.89
C ILE A 237 -31.68 22.33 39.61
N GLN A 238 -30.99 21.21 39.52
CA GLN A 238 -30.20 20.90 38.35
C GLN A 238 -31.02 19.99 37.45
N TYR A 239 -31.46 20.50 36.30
CA TYR A 239 -32.25 19.66 35.42
C TYR A 239 -31.47 18.44 34.92
N ASP A 240 -30.24 18.63 34.47
CA ASP A 240 -29.46 17.49 34.00
C ASP A 240 -28.01 17.88 33.76
N LEU A 241 -27.11 17.33 34.57
CA LEU A 241 -25.70 17.64 34.45
C LEU A 241 -25.08 17.07 33.19
N ASN A 242 -25.75 16.15 32.55
CA ASN A 242 -25.16 15.53 31.38
C ASN A 242 -25.65 15.99 30.01
N LYS A 243 -26.70 16.80 29.96
CA LYS A 243 -27.17 17.26 28.67
C LYS A 243 -26.23 18.29 28.07
N SER A 244 -26.15 18.29 26.75
CA SER A 244 -25.32 19.26 26.04
C SER A 244 -26.19 20.51 25.93
N ASN A 245 -25.62 21.60 25.40
CA ASN A 245 -26.41 22.82 25.26
C ASN A 245 -27.46 22.61 24.17
N ALA A 246 -27.08 21.85 23.14
CA ALA A 246 -27.99 21.54 22.06
C ALA A 246 -29.18 20.81 22.65
N GLU A 247 -28.97 20.01 23.68
CA GLU A 247 -30.06 19.27 24.31
C GLU A 247 -30.92 20.14 25.22
N LEU A 248 -30.30 21.06 25.96
CA LEU A 248 -31.07 21.92 26.83
C LEU A 248 -31.88 22.84 25.92
N ALA A 249 -31.31 23.17 24.76
CA ALA A 249 -32.01 24.04 23.82
C ALA A 249 -33.33 23.43 23.29
N LEU A 250 -33.33 22.14 22.97
CA LEU A 250 -34.53 21.48 22.45
C LEU A 250 -35.53 21.10 23.54
N ASP A 251 -35.04 20.45 24.59
CA ASP A 251 -35.87 20.00 25.71
C ASP A 251 -36.55 21.17 26.42
N TYR A 252 -35.77 22.19 26.72
CA TYR A 252 -36.29 23.38 27.38
C TYR A 252 -35.96 24.51 26.42
N GLY A 253 -36.23 25.74 26.82
CA GLY A 253 -35.92 26.82 25.93
C GLY A 253 -34.72 27.61 26.39
N PHE A 254 -33.62 26.95 26.75
CA PHE A 254 -32.45 27.69 27.26
C PHE A 254 -31.15 26.91 27.18
N ILE A 255 -30.04 27.65 27.27
CA ILE A 255 -28.71 27.07 27.24
C ILE A 255 -27.88 27.74 28.33
N GLU A 256 -26.68 27.21 28.58
CA GLU A 256 -25.79 27.78 29.58
C GLU A 256 -24.55 28.36 28.92
N PRO A 257 -23.87 29.30 29.60
CA PRO A 257 -22.65 29.94 29.11
C PRO A 257 -21.47 28.99 29.19
N ASN A 258 -21.63 27.96 30.03
CA ASN A 258 -20.61 26.95 30.26
C ASN A 258 -20.14 26.24 28.99
N GLU A 259 -18.95 26.57 28.52
CA GLU A 259 -18.47 25.92 27.32
C GLU A 259 -18.37 24.40 27.47
N ASN A 260 -18.43 23.88 28.69
CA ASN A 260 -18.34 22.43 28.83
C ASN A 260 -19.66 21.74 28.49
N ARG A 261 -20.66 22.52 28.10
CA ARG A 261 -21.96 21.95 27.71
C ARG A 261 -22.03 21.85 26.19
N HIS A 262 -21.04 22.43 25.50
CA HIS A 262 -21.00 22.37 24.05
C HIS A 262 -20.57 21.00 23.60
N ALA A 263 -21.36 20.40 22.73
CA ALA A 263 -21.04 19.09 22.23
C ALA A 263 -21.43 18.95 20.76
N TYR A 264 -20.80 17.99 20.08
CA TYR A 264 -21.10 17.72 18.68
C TYR A 264 -20.99 16.22 18.50
N THR A 265 -22.10 15.58 18.15
CA THR A 265 -22.07 14.14 17.97
C THR A 265 -21.75 13.71 16.53
N LEU A 266 -20.79 12.79 16.41
CA LEU A 266 -20.37 12.27 15.12
C LEU A 266 -21.06 10.92 14.88
N THR A 267 -21.42 10.66 13.63
CA THR A 267 -22.07 9.40 13.34
C THR A 267 -21.19 8.51 12.44
N LEU A 268 -20.89 7.31 12.94
CA LEU A 268 -20.05 6.36 12.24
C LEU A 268 -20.86 5.12 11.83
N GLU A 269 -20.51 4.54 10.70
CA GLU A 269 -21.20 3.34 10.25
C GLU A 269 -20.34 2.55 9.28
N ILE A 270 -20.54 1.24 9.29
CA ILE A 270 -19.83 0.35 8.39
C ILE A 270 -20.78 0.22 7.21
N SER A 271 -20.46 0.89 6.11
CA SER A 271 -21.30 0.86 4.93
C SER A 271 -21.49 -0.54 4.38
N GLU A 272 -22.68 -0.82 3.86
CA GLU A 272 -22.92 -2.15 3.30
C GLU A 272 -22.19 -2.35 1.98
N SER A 273 -21.73 -1.27 1.35
CA SER A 273 -21.02 -1.41 0.09
C SER A 273 -19.55 -1.76 0.33
N ASP A 274 -19.14 -1.73 1.59
CA ASP A 274 -17.77 -2.06 1.97
C ASP A 274 -17.60 -3.55 1.65
N PRO A 275 -16.57 -3.88 0.88
CA PRO A 275 -16.35 -5.29 0.55
C PRO A 275 -16.11 -6.16 1.76
N PHE A 276 -15.82 -5.57 2.92
CA PHE A 276 -15.59 -6.35 4.13
C PHE A 276 -16.65 -6.13 5.19
N PHE A 277 -17.80 -5.63 4.75
CA PHE A 277 -18.93 -5.36 5.64
C PHE A 277 -19.25 -6.48 6.63
N ASP A 278 -19.51 -7.68 6.14
CA ASP A 278 -19.84 -8.79 7.02
C ASP A 278 -18.82 -9.05 8.11
N ASP A 279 -17.53 -8.98 7.77
CA ASP A 279 -16.49 -9.21 8.75
C ASP A 279 -16.32 -8.04 9.72
N LYS A 280 -16.41 -6.84 9.19
CA LYS A 280 -16.28 -5.66 10.02
C LYS A 280 -17.42 -5.54 11.02
N LEU A 281 -18.64 -5.84 10.60
CA LEU A 281 -19.80 -5.77 11.48
C LEU A 281 -19.68 -6.78 12.60
N ASP A 282 -19.09 -7.93 12.32
CA ASP A 282 -18.93 -8.95 13.34
C ASP A 282 -17.98 -8.47 14.41
N VAL A 283 -16.91 -7.82 13.97
CA VAL A 283 -15.93 -7.26 14.87
C VAL A 283 -16.56 -6.18 15.74
N ALA A 284 -17.27 -5.24 15.12
CA ALA A 284 -17.91 -4.16 15.85
C ALA A 284 -18.89 -4.68 16.92
N GLU A 285 -19.86 -5.48 16.49
CA GLU A 285 -20.88 -6.03 17.38
C GLU A 285 -20.28 -6.85 18.50
N SER A 286 -19.23 -7.57 18.15
CA SER A 286 -18.52 -8.41 19.08
C SER A 286 -17.92 -7.56 20.18
N ASN A 287 -17.92 -6.24 19.97
CA ASN A 287 -17.35 -5.31 20.93
C ASN A 287 -18.28 -4.18 21.37
N GLY A 288 -19.58 -4.42 21.33
CA GLY A 288 -20.53 -3.41 21.78
C GLY A 288 -20.96 -2.31 20.84
N PHE A 289 -20.63 -2.43 19.56
CA PHE A 289 -21.02 -1.38 18.63
C PHE A 289 -21.83 -1.92 17.47
N ALA A 290 -22.85 -1.16 17.08
CA ALA A 290 -23.70 -1.58 15.98
C ALA A 290 -23.19 -1.10 14.64
N GLN A 291 -23.96 -1.45 13.61
CA GLN A 291 -23.68 -1.08 12.23
C GLN A 291 -23.56 0.45 12.13
N THR A 292 -24.31 1.13 12.99
CA THR A 292 -24.29 2.58 13.07
C THR A 292 -24.00 2.91 14.52
N ALA A 293 -23.16 3.91 14.75
CA ALA A 293 -22.81 4.27 16.11
C ALA A 293 -22.66 5.77 16.28
N TYR A 294 -23.13 6.29 17.40
CA TYR A 294 -23.02 7.71 17.64
C TYR A 294 -22.02 8.00 18.73
N PHE A 295 -21.07 8.89 18.44
CA PHE A 295 -20.08 9.30 19.43
C PHE A 295 -20.25 10.78 19.77
N ASP A 296 -20.64 11.06 21.01
CA ASP A 296 -20.82 12.43 21.47
C ASP A 296 -19.48 13.05 21.89
N ILE A 297 -19.12 14.12 21.21
CA ILE A 297 -17.88 14.81 21.50
C ILE A 297 -18.14 16.12 22.22
N PHE A 298 -17.64 16.22 23.45
CA PHE A 298 -17.80 17.45 24.23
C PHE A 298 -16.56 18.30 24.25
N TYR A 299 -16.77 19.60 24.40
CA TYR A 299 -15.65 20.53 24.42
C TYR A 299 -14.72 20.24 25.61
N ASN A 300 -13.43 20.36 25.34
CA ASN A 300 -12.42 20.13 26.36
C ASN A 300 -12.44 18.75 26.97
N ARG A 301 -13.38 17.91 26.58
CA ARG A 301 -13.39 16.55 27.12
C ARG A 301 -12.54 15.66 26.19
N THR A 302 -12.05 14.52 26.68
CA THR A 302 -11.23 13.68 25.79
C THR A 302 -12.07 12.81 24.89
N LEU A 303 -11.54 12.49 23.71
CA LEU A 303 -12.26 11.67 22.75
C LEU A 303 -12.88 10.47 23.44
N PRO A 304 -14.07 10.06 22.98
CA PRO A 304 -14.72 8.92 23.61
C PRO A 304 -14.02 7.63 23.24
N PRO A 305 -14.02 6.66 24.15
CA PRO A 305 -13.38 5.38 23.85
C PRO A 305 -14.22 4.73 22.75
N GLY A 306 -13.56 4.03 21.84
CA GLY A 306 -14.31 3.40 20.78
C GLY A 306 -14.34 4.20 19.50
N LEU A 307 -14.28 5.53 19.61
CA LEU A 307 -14.29 6.39 18.42
C LEU A 307 -13.14 6.07 17.48
N LEU A 308 -11.91 6.07 17.99
CA LEU A 308 -10.75 5.80 17.17
C LEU A 308 -10.75 4.39 16.60
N PRO A 309 -10.90 3.38 17.46
CA PRO A 309 -10.91 2.01 16.91
C PRO A 309 -12.02 1.78 15.90
N TYR A 310 -13.14 2.46 16.07
CA TYR A 310 -14.22 2.31 15.11
C TYR A 310 -13.83 3.03 13.82
N LEU A 311 -13.17 4.18 13.95
CA LEU A 311 -12.73 4.91 12.78
C LEU A 311 -11.76 4.04 11.99
N ARG A 312 -10.84 3.38 12.70
CA ARG A 312 -9.88 2.51 12.04
C ARG A 312 -10.56 1.33 11.36
N LEU A 313 -11.59 0.78 11.99
CA LEU A 313 -12.32 -0.35 11.41
C LEU A 313 -12.98 0.11 10.10
N VAL A 314 -13.60 1.29 10.16
CA VAL A 314 -14.27 1.87 9.00
C VAL A 314 -13.33 2.01 7.81
N ALA A 315 -12.17 2.59 8.05
CA ALA A 315 -11.20 2.79 6.99
C ALA A 315 -10.26 1.62 6.82
N LEU A 316 -10.62 0.43 7.31
CA LEU A 316 -9.70 -0.70 7.24
C LEU A 316 -8.93 -0.90 5.93
N GLY A 317 -9.59 -1.34 4.86
CA GLY A 317 -8.85 -1.51 3.61
C GLY A 317 -8.20 -2.86 3.32
N GLY A 318 -8.10 -3.17 2.01
CA GLY A 318 -7.52 -4.43 1.56
C GLY A 318 -6.26 -4.92 2.25
N THR A 319 -5.26 -4.04 2.34
CA THR A 319 -3.99 -4.36 2.97
C THR A 319 -4.07 -4.93 4.38
N ASP A 320 -4.90 -4.32 5.20
CA ASP A 320 -5.02 -4.73 6.58
C ASP A 320 -6.19 -5.66 6.86
N ALA A 321 -6.88 -6.05 5.80
CA ALA A 321 -8.04 -6.95 5.89
C ALA A 321 -7.72 -8.27 6.57
N PHE A 322 -6.44 -8.62 6.63
CA PHE A 322 -6.00 -9.87 7.25
C PHE A 322 -6.31 -9.93 8.74
N LEU A 323 -6.48 -8.77 9.36
CA LEU A 323 -6.79 -8.71 10.78
C LEU A 323 -8.24 -9.13 11.03
N LEU A 324 -9.03 -9.24 9.96
CA LEU A 324 -10.42 -9.64 10.10
C LEU A 324 -10.58 -11.15 10.15
N GLU A 325 -9.49 -11.88 9.97
CA GLU A 325 -9.49 -13.34 9.99
C GLU A 325 -9.74 -13.92 11.37
N SER A 326 -10.31 -15.12 11.41
CA SER A 326 -10.64 -15.83 12.66
C SER A 326 -9.47 -15.86 13.64
N LEU A 327 -8.27 -15.72 13.09
CA LEU A 327 -7.07 -15.72 13.91
C LEU A 327 -7.01 -14.59 14.93
N PHE A 328 -7.55 -13.43 14.57
CA PHE A 328 -7.53 -12.28 15.46
C PHE A 328 -8.86 -11.95 16.09
N ARG A 329 -9.89 -12.76 15.87
CA ARG A 329 -11.20 -12.43 16.43
C ARG A 329 -11.20 -12.40 17.96
N ASP A 330 -10.04 -12.16 18.56
CA ASP A 330 -9.94 -12.10 20.01
C ASP A 330 -9.03 -10.98 20.48
N THR A 331 -8.38 -10.33 19.51
CA THR A 331 -7.44 -9.25 19.79
C THR A 331 -7.58 -8.11 18.79
N ILE A 332 -8.38 -8.34 17.75
CA ILE A 332 -8.59 -7.34 16.69
C ILE A 332 -8.97 -5.98 17.24
N TRP A 333 -9.77 -5.96 18.31
CA TRP A 333 -10.19 -4.70 18.89
C TRP A 333 -9.03 -4.06 19.66
N GLY A 334 -8.19 -4.90 20.28
CA GLY A 334 -7.04 -4.38 20.99
C GLY A 334 -6.12 -3.71 19.99
N HIS A 335 -5.96 -4.34 18.83
CA HIS A 335 -5.13 -3.77 17.78
C HIS A 335 -5.77 -2.49 17.29
N LEU A 336 -7.08 -2.49 17.10
CA LEU A 336 -7.79 -1.30 16.64
C LEU A 336 -7.55 -0.14 17.61
N GLU A 337 -7.39 -0.46 18.89
CA GLU A 337 -7.16 0.57 19.89
C GLU A 337 -5.72 1.06 19.86
N LEU A 338 -4.80 0.19 19.44
CA LEU A 338 -3.39 0.57 19.38
C LEU A 338 -2.95 1.16 18.02
N SER A 339 -3.78 1.00 17.01
CA SER A 339 -3.58 1.48 15.62
C SER A 339 -3.21 0.34 14.68
N VAL A 340 -3.62 0.46 13.42
CA VAL A 340 -3.39 -0.59 12.44
C VAL A 340 -2.15 -0.36 11.59
N SER A 341 -2.16 0.72 10.82
CA SER A 341 -1.05 1.04 9.94
C SER A 341 -1.13 2.50 9.54
N ARG A 342 0.01 3.05 9.11
CA ARG A 342 0.07 4.45 8.71
C ARG A 342 -0.90 4.82 7.61
N ASP A 343 -1.14 3.91 6.67
CA ASP A 343 -2.07 4.23 5.60
C ASP A 343 -3.47 4.27 6.17
N ASN A 344 -3.70 3.47 7.21
CA ASN A 344 -5.01 3.43 7.84
C ASN A 344 -5.28 4.71 8.64
N GLU A 345 -4.29 5.13 9.43
CA GLU A 345 -4.41 6.31 10.25
C GLU A 345 -4.58 7.58 9.41
N GLU A 346 -3.78 7.70 8.36
CA GLU A 346 -3.82 8.86 7.48
C GLU A 346 -5.17 9.02 6.80
N LEU A 347 -5.78 7.90 6.49
CA LEU A 347 -7.08 7.87 5.82
C LEU A 347 -8.16 8.46 6.70
N LEU A 348 -8.29 7.91 7.90
CA LEU A 348 -9.30 8.36 8.84
C LEU A 348 -9.08 9.82 9.24
N CYS A 349 -7.82 10.24 9.37
CA CYS A 349 -7.54 11.63 9.73
C CYS A 349 -8.07 12.50 8.61
N LYS A 350 -7.73 12.14 7.38
CA LYS A 350 -8.16 12.86 6.20
C LYS A 350 -9.68 12.98 6.20
N ALA A 351 -10.34 11.86 6.40
CA ALA A 351 -11.79 11.81 6.42
C ALA A 351 -12.39 12.72 7.50
N VAL A 352 -11.84 12.63 8.71
CA VAL A 352 -12.36 13.46 9.80
C VAL A 352 -12.15 14.93 9.55
N ARG A 353 -10.94 15.30 9.17
CA ARG A 353 -10.65 16.71 8.92
C ARG A 353 -11.55 17.26 7.84
N GLU A 354 -11.75 16.47 6.79
CA GLU A 354 -12.60 16.94 5.71
C GLU A 354 -14.03 17.14 6.19
N ALA A 355 -14.53 16.24 7.03
CA ALA A 355 -15.90 16.39 7.54
C ALA A 355 -16.01 17.64 8.41
N CYS A 356 -14.99 17.93 9.20
CA CYS A 356 -15.00 19.10 10.04
C CYS A 356 -15.01 20.37 9.21
N LYS A 357 -14.09 20.47 8.26
CA LYS A 357 -14.01 21.65 7.42
C LYS A 357 -15.30 21.81 6.62
N SER A 358 -15.82 20.71 6.10
CA SER A 358 -17.05 20.77 5.33
C SER A 358 -18.17 21.31 6.19
N ALA A 359 -18.30 20.78 7.40
CA ALA A 359 -19.35 21.22 8.33
C ALA A 359 -19.15 22.68 8.71
N LEU A 360 -17.92 23.07 9.01
CA LEU A 360 -17.64 24.46 9.37
C LEU A 360 -18.12 25.44 8.31
N ALA A 361 -18.01 25.06 7.05
CA ALA A 361 -18.41 25.93 5.96
C ALA A 361 -19.92 26.10 5.84
N GLY A 362 -20.67 25.25 6.53
CA GLY A 362 -22.12 25.32 6.44
C GLY A 362 -22.82 26.42 7.24
N TYR A 363 -22.08 27.05 8.16
CA TYR A 363 -22.63 28.10 9.00
C TYR A 363 -22.57 29.43 8.25
N HIS A 364 -23.44 30.37 8.61
CA HIS A 364 -23.44 31.66 7.93
C HIS A 364 -22.71 32.78 8.66
N THR A 365 -22.20 32.48 9.85
CA THR A 365 -21.46 33.47 10.61
C THR A 365 -20.17 32.87 11.15
N THR A 366 -19.20 33.73 11.48
CA THR A 366 -17.92 33.27 12.02
C THR A 366 -17.99 33.33 13.54
N ILE A 367 -17.11 32.59 14.21
CA ILE A 367 -17.09 32.63 15.66
C ILE A 367 -16.86 34.06 16.15
N GLU A 368 -16.11 34.86 15.39
CA GLU A 368 -15.86 36.24 15.79
C GLU A 368 -17.15 37.01 15.85
N GLN A 369 -17.96 36.87 14.80
CA GLN A 369 -19.22 37.55 14.75
C GLN A 369 -20.14 37.12 15.89
N ASP A 370 -20.18 35.82 16.15
CA ASP A 370 -21.04 35.31 17.21
C ASP A 370 -20.66 35.93 18.53
N ARG A 371 -19.36 35.88 18.86
CA ARG A 371 -18.86 36.44 20.10
C ARG A 371 -19.15 37.93 20.23
N GLU A 372 -19.11 38.65 19.11
CA GLU A 372 -19.41 40.04 19.19
C GLU A 372 -20.87 40.18 19.52
N LEU A 373 -21.71 39.40 18.82
CA LEU A 373 -23.13 39.45 19.06
C LEU A 373 -23.43 39.23 20.54
N LYS A 374 -22.81 38.23 21.14
CA LYS A 374 -23.05 37.93 22.55
C LYS A 374 -22.72 39.10 23.45
N GLU A 375 -21.95 40.05 22.92
CA GLU A 375 -21.52 41.19 23.70
C GLU A 375 -22.61 42.26 23.83
N GLY A 376 -23.68 42.10 23.05
CA GLY A 376 -24.79 43.03 23.12
C GLY A 376 -26.00 42.34 23.72
N ASN A 377 -27.18 42.97 23.63
CA ASN A 377 -28.42 42.38 24.16
C ASN A 377 -29.11 41.56 23.10
N LEU A 378 -29.25 40.27 23.34
CA LEU A 378 -29.90 39.38 22.39
C LEU A 378 -31.25 38.84 22.84
N ASP A 379 -32.12 38.60 21.86
CA ASP A 379 -33.44 38.05 22.13
C ASP A 379 -33.21 36.60 22.59
N SER A 380 -34.00 36.12 23.55
CA SER A 380 -33.84 34.75 24.05
C SER A 380 -33.53 33.68 22.99
N ARG A 381 -34.29 33.67 21.89
CA ARG A 381 -34.07 32.66 20.85
C ARG A 381 -32.86 32.99 19.99
N LEU A 382 -32.57 34.26 19.86
CA LEU A 382 -31.41 34.68 19.08
C LEU A 382 -30.15 34.30 19.87
N ALA A 383 -30.20 34.57 21.17
CA ALA A 383 -29.13 34.25 22.07
C ALA A 383 -28.83 32.75 22.04
N ILE A 384 -29.87 31.92 21.98
CA ILE A 384 -29.69 30.47 21.94
C ILE A 384 -28.99 30.03 20.66
N ALA A 385 -29.44 30.56 19.53
CA ALA A 385 -28.84 30.20 18.27
C ALA A 385 -27.37 30.57 18.26
N VAL A 386 -27.09 31.79 18.72
CA VAL A 386 -25.72 32.28 18.73
C VAL A 386 -24.85 31.40 19.61
N GLY A 387 -25.25 31.21 20.86
CA GLY A 387 -24.46 30.38 21.73
C GLY A 387 -24.34 28.98 21.19
N ILE A 388 -25.44 28.41 20.69
CA ILE A 388 -25.37 27.06 20.15
C ILE A 388 -24.37 26.97 18.99
N ARG A 389 -24.51 27.85 18.00
CA ARG A 389 -23.62 27.79 16.85
C ARG A 389 -22.16 28.11 17.16
N GLU A 390 -21.92 28.95 18.15
CA GLU A 390 -20.53 29.28 18.51
C GLU A 390 -19.90 28.01 19.09
N GLY A 391 -20.60 27.40 20.03
CA GLY A 391 -20.13 26.19 20.64
C GLY A 391 -19.82 25.11 19.62
N GLU A 392 -20.77 24.83 18.73
CA GLU A 392 -20.56 23.81 17.71
C GLU A 392 -19.30 24.07 16.92
N LYS A 393 -19.03 25.34 16.61
CA LYS A 393 -17.84 25.68 15.84
C LYS A 393 -16.58 25.41 16.68
N MET A 394 -16.69 25.61 17.98
CA MET A 394 -15.56 25.38 18.85
C MET A 394 -15.24 23.89 18.86
N VAL A 395 -16.26 23.06 19.02
CA VAL A 395 -16.07 21.61 19.06
C VAL A 395 -15.55 21.10 17.72
N LEU A 396 -16.17 21.54 16.63
CA LEU A 396 -15.70 21.14 15.32
C LEU A 396 -14.23 21.50 15.17
N GLN A 397 -13.85 22.72 15.54
CA GLN A 397 -12.46 23.12 15.42
C GLN A 397 -11.51 22.40 16.38
N GLN A 398 -12.01 22.01 17.54
CA GLN A 398 -11.19 21.29 18.49
C GLN A 398 -10.92 19.89 17.91
N ILE A 399 -11.96 19.30 17.34
CA ILE A 399 -11.85 17.99 16.74
C ILE A 399 -10.88 18.10 15.60
N ASP A 400 -11.03 19.14 14.78
CA ASP A 400 -10.11 19.28 13.65
C ASP A 400 -8.70 19.50 14.15
N GLY A 401 -8.57 20.24 15.25
CA GLY A 401 -7.25 20.50 15.78
C GLY A 401 -6.61 19.20 16.18
N ILE A 402 -7.38 18.36 16.87
CA ILE A 402 -6.88 17.09 17.33
C ILE A 402 -6.37 16.20 16.19
N PHE A 403 -7.11 16.10 15.10
CA PHE A 403 -6.63 15.25 14.06
C PHE A 403 -5.51 15.88 13.24
N GLU A 404 -5.43 17.21 13.24
CA GLU A 404 -4.37 17.88 12.51
C GLU A 404 -3.05 17.48 13.18
N GLN A 405 -3.05 17.47 14.51
CA GLN A 405 -1.89 17.08 15.30
C GLN A 405 -1.54 15.63 14.93
N LYS A 406 -2.58 14.81 14.84
CA LYS A 406 -2.42 13.40 14.51
C LYS A 406 -1.73 13.21 13.19
N GLU A 407 -2.07 14.02 12.20
CA GLU A 407 -1.45 13.89 10.90
C GLU A 407 0.06 14.13 11.02
N LEU A 408 0.46 15.01 11.94
CA LEU A 408 1.87 15.31 12.13
C LEU A 408 2.61 14.19 12.84
N GLU A 409 1.97 13.62 13.87
CA GLU A 409 2.57 12.54 14.63
C GLU A 409 2.30 11.19 13.95
N LEU A 410 1.97 11.27 12.67
CA LEU A 410 1.65 10.10 11.88
C LEU A 410 2.78 9.07 11.85
N ASP A 411 3.95 9.43 12.35
CA ASP A 411 5.08 8.49 12.36
C ASP A 411 5.57 8.13 13.75
N GLN A 412 4.93 8.68 14.77
CA GLN A 412 5.30 8.38 16.14
C GLN A 412 4.55 7.18 16.67
N LEU A 413 3.45 6.81 16.01
CA LEU A 413 2.66 5.66 16.43
C LEU A 413 3.32 4.36 15.97
N GLU A 414 3.19 3.31 16.78
CA GLU A 414 3.73 2.03 16.38
C GLU A 414 2.59 1.13 15.96
N TYR A 415 2.42 1.04 14.63
CA TYR A 415 1.37 0.26 14.02
C TYR A 415 1.49 -1.25 14.24
N TYR A 416 0.68 -2.02 13.52
CA TYR A 416 0.67 -3.46 13.66
C TYR A 416 2.00 -4.13 13.37
N GLN A 417 2.48 -3.98 12.14
CA GLN A 417 3.75 -4.58 11.74
C GLN A 417 4.83 -4.36 12.80
N GLU A 418 5.18 -3.10 13.04
CA GLU A 418 6.19 -2.79 14.03
C GLU A 418 5.95 -3.47 15.37
N ARG A 419 4.73 -3.43 15.86
CA ARG A 419 4.42 -4.06 17.14
C ARG A 419 4.65 -5.55 17.06
N ARG A 420 4.51 -6.11 15.87
CA ARG A 420 4.69 -7.54 15.71
C ARG A 420 6.16 -7.91 15.77
N LEU A 421 7.03 -7.04 15.26
CA LEU A 421 8.46 -7.32 15.27
C LEU A 421 9.20 -6.87 16.51
N LYS A 422 8.46 -6.40 17.52
CA LYS A 422 9.10 -5.95 18.74
C LYS A 422 9.39 -7.13 19.66
N ASP A 423 9.84 -8.23 19.07
CA ASP A 423 10.16 -9.43 19.85
C ASP A 423 10.85 -10.46 18.94
N LEU A 424 11.73 -9.97 18.08
CA LEU A 424 12.46 -10.83 17.17
C LEU A 424 13.61 -11.53 17.87
N GLY A 425 14.18 -10.86 18.87
CA GLY A 425 15.32 -11.44 19.57
C GLY A 425 16.41 -11.79 18.57
N LEU A 426 16.71 -10.88 17.65
CA LEU A 426 17.76 -11.09 16.66
C LEU A 426 19.07 -11.37 17.34
N CYS A 427 19.33 -10.60 18.40
CA CYS A 427 20.55 -10.71 19.18
C CYS A 427 20.37 -11.61 20.38
N GLY A 428 20.35 -12.91 20.13
CA GLY A 428 20.21 -13.86 21.20
C GLY A 428 21.52 -14.61 21.38
N GLU A 429 21.44 -15.93 21.29
CA GLU A 429 22.62 -16.76 21.47
C GLU A 429 23.00 -17.38 20.15
N ASN A 430 24.16 -18.03 20.12
CA ASN A 430 24.60 -18.69 18.90
C ASN A 430 23.89 -20.04 18.85
N GLY A 431 22.57 -19.98 18.82
CA GLY A 431 21.74 -21.18 18.80
C GLY A 431 22.24 -22.42 18.09
N ASP A 432 23.04 -22.27 17.04
CA ASP A 432 23.53 -23.46 16.33
C ASP A 432 24.34 -24.38 17.26
N ILE A 433 25.16 -23.81 18.14
CA ILE A 433 25.97 -24.63 19.03
C ILE A 433 25.09 -25.69 19.70
N LEU A 434 24.02 -25.25 20.36
CA LEU A 434 23.11 -26.16 21.05
C LEU A 434 22.49 -27.19 20.12
N GLU A 435 22.11 -26.75 18.93
CA GLU A 435 21.50 -27.65 17.97
C GLU A 435 22.45 -28.75 17.52
N ASN A 436 23.70 -28.41 17.26
CA ASN A 436 24.67 -29.42 16.83
C ASN A 436 25.10 -30.32 17.98
N LEU A 437 24.23 -30.46 18.98
CA LEU A 437 24.53 -31.32 20.11
C LEU A 437 23.54 -32.49 20.22
N TYR A 438 22.84 -32.75 19.11
CA TYR A 438 21.86 -33.85 19.05
C TYR A 438 21.25 -34.05 17.67
N SER B 1 9.77 18.31 -72.16
CA SER B 1 9.08 16.99 -72.05
C SER B 1 7.84 17.09 -71.16
N LEU B 2 7.89 18.03 -70.22
CA LEU B 2 6.80 18.24 -69.28
C LEU B 2 5.61 18.88 -69.97
N SER B 3 5.78 20.10 -70.44
CA SER B 3 4.69 20.81 -71.11
C SER B 3 3.98 19.91 -72.14
N PRO B 4 4.73 19.07 -72.88
CA PRO B 4 4.07 18.21 -73.87
C PRO B 4 3.27 17.06 -73.25
N ALA B 5 3.83 16.48 -72.18
CA ALA B 5 3.20 15.37 -71.48
C ALA B 5 2.00 15.88 -70.70
N VAL B 6 2.13 17.07 -70.11
CA VAL B 6 1.03 17.65 -69.37
C VAL B 6 -0.03 18.06 -70.41
N GLN B 7 0.42 18.69 -71.50
CA GLN B 7 -0.50 19.10 -72.57
C GLN B 7 -1.26 17.89 -73.06
N THR B 8 -0.55 16.77 -73.22
CA THR B 8 -1.19 15.55 -73.66
C THR B 8 -2.25 15.14 -72.64
N PHE B 9 -1.89 15.22 -71.36
CA PHE B 9 -2.81 14.86 -70.28
C PHE B 9 -4.02 15.76 -70.33
N TRP B 10 -3.79 17.04 -70.48
CA TRP B 10 -4.87 18.02 -70.52
C TRP B 10 -5.72 17.82 -71.75
N LYS B 11 -5.08 17.58 -72.90
CA LYS B 11 -5.83 17.36 -74.12
C LYS B 11 -6.72 16.14 -73.96
N TRP B 12 -6.24 15.15 -73.22
CA TRP B 12 -7.01 13.93 -72.99
C TRP B 12 -8.28 14.25 -72.20
N LEU B 13 -8.12 15.02 -71.12
CA LEU B 13 -9.24 15.38 -70.27
C LEU B 13 -10.27 16.19 -71.05
N GLN B 14 -9.81 16.90 -72.07
CA GLN B 14 -10.69 17.70 -72.91
C GLN B 14 -11.53 16.77 -73.78
N GLU B 15 -10.89 15.74 -74.34
CA GLU B 15 -11.58 14.77 -75.19
C GLU B 15 -12.56 13.98 -74.34
N GLU B 16 -12.11 13.55 -73.17
CA GLU B 16 -12.98 12.79 -72.28
C GLU B 16 -14.13 13.63 -71.78
N GLY B 17 -14.08 14.92 -72.10
CA GLY B 17 -15.14 15.83 -71.71
C GLY B 17 -15.12 16.29 -70.29
N VAL B 18 -14.00 16.10 -69.60
CA VAL B 18 -13.86 16.50 -68.22
C VAL B 18 -13.54 18.00 -68.19
N ILE B 19 -12.62 18.40 -69.07
CA ILE B 19 -12.20 19.79 -69.19
C ILE B 19 -13.07 20.49 -70.22
N THR B 20 -13.42 21.74 -69.94
CA THR B 20 -14.22 22.51 -70.88
C THR B 20 -13.76 23.95 -70.83
N ALA B 21 -14.38 24.79 -71.66
CA ALA B 21 -14.02 26.20 -71.65
C ALA B 21 -14.45 26.77 -70.30
N LYS B 22 -15.36 26.08 -69.63
CA LYS B 22 -15.81 26.52 -68.32
C LYS B 22 -14.87 26.14 -67.17
N THR B 23 -13.87 25.32 -67.45
CA THR B 23 -12.91 24.90 -66.42
C THR B 23 -12.04 26.10 -66.04
N PRO B 24 -12.17 26.57 -64.78
CA PRO B 24 -11.43 27.73 -64.27
C PRO B 24 -9.99 27.52 -63.86
N VAL B 25 -9.41 26.39 -64.23
CA VAL B 25 -8.07 26.14 -63.77
C VAL B 25 -7.20 25.35 -64.74
N LYS B 26 -5.90 25.60 -64.71
CA LYS B 26 -4.97 24.86 -65.56
C LYS B 26 -3.88 24.24 -64.70
N ALA B 27 -3.11 23.34 -65.30
CA ALA B 27 -2.01 22.68 -64.64
C ALA B 27 -0.81 23.64 -64.75
N SER B 28 -0.01 23.71 -63.71
CA SER B 28 1.13 24.63 -63.70
C SER B 28 2.31 24.08 -62.87
N VAL B 29 3.53 24.45 -63.25
CA VAL B 29 4.72 24.00 -62.52
C VAL B 29 4.84 24.91 -61.32
N VAL B 30 4.89 24.28 -60.16
CA VAL B 30 4.88 24.97 -58.89
C VAL B 30 5.94 24.48 -57.93
N THR B 31 6.13 25.20 -56.84
CA THR B 31 7.11 24.78 -55.85
C THR B 31 6.80 23.34 -55.43
N GLU B 32 5.53 23.04 -55.21
CA GLU B 32 5.12 21.71 -54.79
C GLU B 32 5.05 20.62 -55.89
N GLY B 33 5.44 20.99 -57.11
CA GLY B 33 5.47 20.05 -58.24
C GLY B 33 4.54 20.55 -59.33
N LEU B 34 3.46 19.82 -59.55
CA LEU B 34 2.44 20.23 -60.48
C LEU B 34 1.34 20.73 -59.54
N GLY B 35 0.51 21.63 -60.02
CA GLY B 35 -0.54 22.15 -59.20
C GLY B 35 -1.56 22.79 -60.09
N LEU B 36 -2.64 23.28 -59.48
CA LEU B 36 -3.69 23.91 -60.24
C LEU B 36 -3.68 25.39 -59.95
N VAL B 37 -3.61 26.17 -61.03
CA VAL B 37 -3.61 27.62 -60.96
C VAL B 37 -4.88 28.16 -61.58
N ALA B 38 -5.42 29.21 -60.97
CA ALA B 38 -6.66 29.83 -61.44
C ALA B 38 -6.53 30.55 -62.76
N LEU B 39 -7.47 30.29 -63.67
CA LEU B 39 -7.47 30.93 -64.98
C LEU B 39 -8.20 32.24 -64.83
N LYS B 40 -8.92 32.36 -63.72
CA LYS B 40 -9.67 33.57 -63.43
C LYS B 40 -9.92 33.62 -61.93
N ASP B 41 -10.53 34.69 -61.45
CA ASP B 41 -10.82 34.78 -60.02
C ASP B 41 -11.80 33.65 -59.68
N ILE B 42 -11.55 33.00 -58.55
CA ILE B 42 -12.39 31.90 -58.09
C ILE B 42 -12.91 32.25 -56.70
N SER B 43 -14.20 32.06 -56.47
CA SER B 43 -14.76 32.37 -55.18
C SER B 43 -14.73 31.17 -54.28
N ARG B 44 -14.96 31.39 -53.00
CA ARG B 44 -15.00 30.33 -52.02
C ARG B 44 -16.16 29.38 -52.36
N ASN B 45 -15.90 28.08 -52.34
CA ASN B 45 -16.87 27.03 -52.62
C ASN B 45 -17.20 26.84 -54.09
N ASP B 46 -16.37 27.37 -54.96
CA ASP B 46 -16.61 27.22 -56.37
C ASP B 46 -16.14 25.88 -56.88
N VAL B 47 -16.95 25.24 -57.69
CA VAL B 47 -16.54 23.96 -58.24
C VAL B 47 -15.45 24.26 -59.23
N ILE B 48 -14.35 23.56 -59.06
CA ILE B 48 -13.16 23.72 -59.86
C ILE B 48 -13.10 22.70 -60.98
N LEU B 49 -13.54 21.50 -60.67
CA LEU B 49 -13.51 20.45 -61.66
C LEU B 49 -14.32 19.25 -61.17
N GLN B 50 -14.72 18.40 -62.12
CA GLN B 50 -15.51 17.21 -61.81
C GLN B 50 -15.06 16.09 -62.71
N VAL B 51 -14.75 14.93 -62.12
CA VAL B 51 -14.26 13.80 -62.89
C VAL B 51 -15.23 12.62 -62.75
N PRO B 52 -15.63 11.99 -63.88
CA PRO B 52 -16.55 10.86 -63.91
C PRO B 52 -16.00 9.59 -63.31
N LYS B 53 -16.85 8.84 -62.61
CA LYS B 53 -16.46 7.60 -61.97
C LYS B 53 -15.76 6.65 -62.91
N ARG B 54 -16.10 6.76 -64.19
CA ARG B 54 -15.52 5.94 -65.24
C ARG B 54 -14.00 6.00 -65.19
N LEU B 55 -13.49 7.11 -64.64
CA LEU B 55 -12.06 7.33 -64.52
C LEU B 55 -11.47 7.15 -63.12
N TRP B 56 -12.24 6.65 -62.16
CA TRP B 56 -11.72 6.39 -60.82
C TRP B 56 -10.76 5.20 -60.98
N ILE B 57 -10.02 4.95 -59.92
CA ILE B 57 -9.15 3.80 -59.84
C ILE B 57 -9.30 3.44 -58.39
N ASN B 58 -10.23 2.52 -58.13
CA ASN B 58 -10.51 2.06 -56.78
C ASN B 58 -10.80 0.58 -56.84
N PRO B 59 -10.95 -0.08 -55.67
CA PRO B 59 -11.23 -1.52 -55.65
C PRO B 59 -12.26 -1.96 -56.68
N ASP B 60 -13.35 -1.21 -56.77
CA ASP B 60 -14.41 -1.50 -57.72
C ASP B 60 -13.90 -1.56 -59.14
N ALA B 61 -12.97 -0.68 -59.48
CA ALA B 61 -12.46 -0.68 -60.84
C ALA B 61 -11.59 -1.90 -61.10
N VAL B 62 -10.83 -2.33 -60.10
CA VAL B 62 -9.99 -3.50 -60.31
C VAL B 62 -10.86 -4.74 -60.41
N ALA B 63 -11.89 -4.82 -59.57
CA ALA B 63 -12.78 -5.96 -59.58
C ALA B 63 -13.41 -6.15 -60.96
N ALA B 64 -13.48 -5.07 -61.74
CA ALA B 64 -14.08 -5.16 -63.06
C ALA B 64 -13.05 -5.31 -64.17
N SER B 65 -11.80 -5.49 -63.79
CA SER B 65 -10.74 -5.66 -64.78
C SER B 65 -10.38 -7.11 -64.93
N GLU B 66 -9.54 -7.39 -65.93
CA GLU B 66 -9.10 -8.75 -66.21
C GLU B 66 -8.49 -9.44 -64.99
N ILE B 67 -8.00 -8.66 -64.04
CA ILE B 67 -7.42 -9.24 -62.85
C ILE B 67 -8.40 -9.23 -61.68
N GLY B 68 -9.64 -8.81 -61.96
CA GLY B 68 -10.65 -8.75 -60.92
C GLY B 68 -10.84 -10.09 -60.24
N ARG B 69 -10.73 -11.16 -61.03
CA ARG B 69 -10.89 -12.52 -60.54
C ARG B 69 -9.81 -12.93 -59.55
N VAL B 70 -8.56 -12.92 -60.02
CA VAL B 70 -7.44 -13.30 -59.17
C VAL B 70 -7.26 -12.47 -57.90
N CYS B 71 -7.80 -11.26 -57.87
CA CYS B 71 -7.67 -10.39 -56.70
C CYS B 71 -8.89 -10.37 -55.79
N SER B 72 -9.84 -11.26 -56.06
CA SER B 72 -11.07 -11.32 -55.28
C SER B 72 -10.90 -11.35 -53.75
N GLU B 73 -9.92 -12.12 -53.28
CA GLU B 73 -9.69 -12.25 -51.84
C GLU B 73 -8.57 -11.38 -51.29
N LEU B 74 -8.01 -10.52 -52.13
CA LEU B 74 -6.94 -9.64 -51.71
C LEU B 74 -7.52 -8.44 -51.00
N LYS B 75 -6.78 -7.90 -50.05
CA LYS B 75 -7.22 -6.72 -49.33
C LYS B 75 -7.34 -5.57 -50.32
N PRO B 76 -8.27 -4.63 -50.06
CA PRO B 76 -8.49 -3.48 -50.94
C PRO B 76 -7.24 -2.81 -51.50
N TRP B 77 -6.39 -2.26 -50.64
CA TRP B 77 -5.19 -1.57 -51.11
C TRP B 77 -4.20 -2.41 -51.93
N LEU B 78 -4.11 -3.70 -51.60
CA LEU B 78 -3.22 -4.60 -52.32
C LEU B 78 -3.70 -4.78 -53.76
N SER B 79 -5.01 -4.75 -53.95
CA SER B 79 -5.60 -4.89 -55.28
C SER B 79 -5.23 -3.68 -56.13
N VAL B 80 -5.43 -2.51 -55.55
CA VAL B 80 -5.14 -1.27 -56.23
C VAL B 80 -3.66 -1.22 -56.60
N ILE B 81 -2.78 -1.63 -55.68
CA ILE B 81 -1.35 -1.63 -55.96
C ILE B 81 -1.04 -2.41 -57.24
N LEU B 82 -1.56 -3.64 -57.34
CA LEU B 82 -1.33 -4.46 -58.53
C LEU B 82 -1.96 -3.82 -59.76
N PHE B 83 -3.16 -3.26 -59.59
CA PHE B 83 -3.86 -2.64 -60.70
C PHE B 83 -3.05 -1.47 -61.25
N LEU B 84 -2.52 -0.66 -60.34
CA LEU B 84 -1.72 0.50 -60.71
C LEU B 84 -0.44 0.09 -61.46
N ILE B 85 0.25 -0.92 -60.93
CA ILE B 85 1.48 -1.41 -61.55
C ILE B 85 1.18 -2.01 -62.92
N ARG B 86 0.10 -2.76 -63.03
CA ARG B 86 -0.30 -3.40 -64.27
C ARG B 86 -0.67 -2.40 -65.38
N GLU B 87 -1.49 -1.42 -65.04
CA GLU B 87 -1.90 -0.41 -66.03
C GLU B 87 -0.73 0.47 -66.47
N ARG B 88 0.22 0.70 -65.58
CA ARG B 88 1.38 1.51 -65.91
C ARG B 88 2.18 0.85 -67.04
N SER B 89 2.15 -0.49 -67.06
CA SER B 89 2.85 -1.28 -68.07
C SER B 89 2.15 -1.29 -69.43
N ARG B 90 0.84 -1.48 -69.41
CA ARG B 90 0.03 -1.53 -70.62
C ARG B 90 0.18 -0.25 -71.44
N GLU B 91 0.56 -0.41 -72.71
CA GLU B 91 0.75 0.73 -73.60
C GLU B 91 -0.56 1.25 -74.14
N ASP B 92 -1.65 0.55 -73.84
CA ASP B 92 -2.97 0.95 -74.31
C ASP B 92 -3.90 1.13 -73.13
N SER B 93 -3.32 1.45 -71.98
CA SER B 93 -4.09 1.66 -70.76
C SER B 93 -4.94 2.91 -70.90
N VAL B 94 -6.05 2.94 -70.19
CA VAL B 94 -6.94 4.08 -70.25
C VAL B 94 -6.35 5.27 -69.53
N TRP B 95 -5.33 5.03 -68.71
CA TRP B 95 -4.70 6.10 -67.95
C TRP B 95 -3.27 6.34 -68.42
N LYS B 96 -3.02 6.02 -69.67
CA LYS B 96 -1.69 6.19 -70.26
C LYS B 96 -1.18 7.61 -70.03
N HIS B 97 -2.00 8.59 -70.34
CA HIS B 97 -1.61 9.99 -70.18
C HIS B 97 -1.62 10.44 -68.73
N TYR B 98 -2.32 9.69 -67.89
CA TYR B 98 -2.36 10.02 -66.47
C TYR B 98 -1.04 9.56 -65.85
N PHE B 99 -0.70 8.29 -66.07
CA PHE B 99 0.55 7.75 -65.55
C PHE B 99 1.80 8.51 -66.02
N GLY B 100 1.74 9.10 -67.21
CA GLY B 100 2.89 9.81 -67.72
C GLY B 100 3.14 11.09 -66.97
N ILE B 101 2.17 11.47 -66.16
CA ILE B 101 2.23 12.71 -65.39
C ILE B 101 2.58 12.46 -63.93
N LEU B 102 2.50 11.21 -63.50
CA LEU B 102 2.78 10.88 -62.11
C LEU B 102 4.25 10.91 -61.73
N PRO B 103 4.55 11.47 -60.57
CA PRO B 103 5.95 11.54 -60.13
C PRO B 103 6.40 10.11 -59.86
N GLN B 104 7.64 9.79 -60.18
CA GLN B 104 8.12 8.45 -59.93
C GLN B 104 8.40 8.26 -58.46
N GLU B 105 8.46 9.37 -57.73
CA GLU B 105 8.79 9.30 -56.32
C GLU B 105 8.35 10.58 -55.58
N THR B 106 8.38 10.56 -54.25
CA THR B 106 8.03 11.76 -53.46
C THR B 106 9.10 11.88 -52.37
N ASP B 107 8.96 12.87 -51.50
CA ASP B 107 9.90 13.04 -50.43
C ASP B 107 9.43 12.29 -49.19
N SER B 108 8.58 11.30 -49.40
CA SER B 108 8.09 10.47 -48.32
C SER B 108 9.31 9.69 -47.84
N THR B 109 9.41 9.44 -46.54
CA THR B 109 10.56 8.72 -46.02
C THR B 109 10.75 7.36 -46.64
N ILE B 110 9.68 6.73 -47.10
CA ILE B 110 9.82 5.40 -47.69
C ILE B 110 10.74 5.40 -48.92
N TYR B 111 11.22 6.57 -49.33
CA TYR B 111 12.11 6.63 -50.49
C TYR B 111 13.47 7.19 -50.14
N TRP B 112 13.62 7.66 -48.90
CA TRP B 112 14.90 8.23 -48.48
C TRP B 112 16.02 7.21 -48.54
N SER B 113 17.22 7.72 -48.82
CA SER B 113 18.41 6.89 -48.89
C SER B 113 18.87 6.60 -47.46
N GLU B 114 19.81 5.66 -47.34
CA GLU B 114 20.34 5.30 -46.04
C GLU B 114 20.95 6.52 -45.35
N GLU B 115 21.62 7.37 -46.14
CA GLU B 115 22.26 8.57 -45.61
C GLU B 115 21.19 9.55 -45.15
N GLU B 116 20.12 9.65 -45.94
CA GLU B 116 19.02 10.54 -45.62
C GLU B 116 18.30 10.09 -44.35
N LEU B 117 18.07 8.79 -44.22
CA LEU B 117 17.42 8.25 -43.04
C LEU B 117 18.21 8.50 -41.76
N GLN B 118 19.54 8.53 -41.88
CA GLN B 118 20.43 8.76 -40.74
C GLN B 118 20.17 10.12 -40.10
N GLU B 119 19.49 10.99 -40.82
CA GLU B 119 19.22 12.32 -40.30
C GLU B 119 18.06 12.28 -39.30
N LEU B 120 17.37 11.14 -39.29
CA LEU B 120 16.23 10.88 -38.40
C LEU B 120 16.59 9.86 -37.32
N GLN B 121 17.89 9.73 -37.06
CA GLN B 121 18.42 8.80 -36.08
C GLN B 121 17.75 8.93 -34.71
N GLY B 122 17.25 7.81 -34.18
CA GLY B 122 16.60 7.82 -32.88
C GLY B 122 15.20 8.42 -32.81
N SER B 123 14.61 8.71 -33.96
CA SER B 123 13.27 9.31 -34.02
C SER B 123 12.16 8.26 -34.20
N GLN B 124 10.97 8.59 -33.72
CA GLN B 124 9.86 7.67 -33.87
C GLN B 124 9.53 7.49 -35.34
N LEU B 125 9.52 8.59 -36.08
CA LEU B 125 9.23 8.54 -37.50
C LEU B 125 10.12 7.50 -38.17
N LEU B 126 11.40 7.48 -37.82
CA LEU B 126 12.30 6.50 -38.42
C LEU B 126 11.84 5.06 -38.11
N LYS B 127 11.42 4.80 -36.87
CA LYS B 127 10.96 3.45 -36.52
C LYS B 127 9.72 3.12 -37.35
N THR B 128 8.77 4.06 -37.40
CA THR B 128 7.54 3.84 -38.15
C THR B 128 7.79 3.55 -39.64
N THR B 129 8.64 4.34 -40.28
CA THR B 129 8.90 4.13 -41.69
C THR B 129 9.52 2.77 -41.95
N VAL B 130 10.45 2.36 -41.10
CA VAL B 130 11.11 1.06 -41.22
C VAL B 130 10.09 -0.07 -41.13
N SER B 131 9.22 0.01 -40.12
CA SER B 131 8.17 -0.99 -39.91
C SER B 131 7.26 -1.03 -41.11
N VAL B 132 6.83 0.15 -41.55
CA VAL B 132 5.95 0.23 -42.69
C VAL B 132 6.64 -0.30 -43.94
N LYS B 133 7.89 0.10 -44.16
CA LYS B 133 8.59 -0.38 -45.35
C LYS B 133 8.67 -1.91 -45.39
N GLU B 134 9.10 -2.50 -44.29
CA GLU B 134 9.23 -3.95 -44.18
C GLU B 134 7.89 -4.67 -44.36
N TYR B 135 6.84 -4.18 -43.72
CA TYR B 135 5.52 -4.77 -43.82
C TYR B 135 5.04 -4.79 -45.28
N VAL B 136 5.16 -3.63 -45.95
CA VAL B 136 4.75 -3.53 -47.33
C VAL B 136 5.57 -4.50 -48.17
N LYS B 137 6.84 -4.62 -47.84
CA LYS B 137 7.72 -5.52 -48.57
C LYS B 137 7.21 -6.97 -48.48
N ASN B 138 6.90 -7.43 -47.28
CA ASN B 138 6.41 -8.80 -47.12
C ASN B 138 5.11 -9.02 -47.86
N GLU B 139 4.13 -8.16 -47.59
CA GLU B 139 2.83 -8.26 -48.23
C GLU B 139 2.96 -8.34 -49.73
N CYS B 140 3.86 -7.53 -50.29
CA CYS B 140 4.06 -7.50 -51.71
C CYS B 140 4.80 -8.72 -52.26
N LEU B 141 5.59 -9.38 -51.42
CA LEU B 141 6.32 -10.56 -51.85
C LEU B 141 5.33 -11.72 -52.02
N LYS B 142 4.36 -11.77 -51.12
CA LYS B 142 3.32 -12.80 -51.15
C LYS B 142 2.44 -12.63 -52.38
N LEU B 143 2.36 -11.39 -52.86
CA LEU B 143 1.56 -11.09 -54.04
C LEU B 143 2.26 -11.66 -55.25
N GLU B 144 3.59 -11.57 -55.24
CA GLU B 144 4.41 -12.04 -56.35
C GLU B 144 4.35 -13.55 -56.50
N GLN B 145 4.46 -14.25 -55.38
CA GLN B 145 4.44 -15.70 -55.37
C GLN B 145 3.05 -16.35 -55.35
N GLU B 146 1.99 -15.56 -55.24
CA GLU B 146 0.64 -16.09 -55.20
C GLU B 146 -0.34 -15.50 -56.19
N ILE B 147 0.07 -14.46 -56.90
CA ILE B 147 -0.81 -13.84 -57.87
C ILE B 147 -0.05 -13.47 -59.15
N ILE B 148 1.00 -12.69 -59.00
CA ILE B 148 1.79 -12.23 -60.13
C ILE B 148 2.46 -13.35 -60.94
N LEU B 149 3.28 -14.17 -60.28
CA LEU B 149 3.97 -15.25 -60.96
C LEU B 149 3.01 -16.32 -61.50
N PRO B 150 2.12 -16.84 -60.65
CA PRO B 150 1.17 -17.85 -61.09
C PRO B 150 0.36 -17.44 -62.33
N ASN B 151 0.03 -16.16 -62.44
CA ASN B 151 -0.74 -15.65 -63.56
C ASN B 151 0.11 -14.80 -64.51
N LYS B 152 1.16 -15.41 -65.04
CA LYS B 152 2.06 -14.73 -65.97
C LYS B 152 1.29 -14.13 -67.14
N ARG B 153 0.07 -14.61 -67.37
CA ARG B 153 -0.74 -14.10 -68.47
C ARG B 153 -1.22 -12.68 -68.20
N LEU B 154 -1.58 -12.41 -66.95
CA LEU B 154 -2.07 -11.10 -66.56
C LEU B 154 -0.93 -10.15 -66.19
N PHE B 155 0.19 -10.70 -65.74
CA PHE B 155 1.35 -9.91 -65.37
C PHE B 155 2.57 -10.38 -66.14
N PRO B 156 2.68 -10.00 -67.42
CA PRO B 156 3.80 -10.37 -68.28
C PRO B 156 5.17 -9.93 -67.75
N ASP B 157 5.32 -8.63 -67.57
CA ASP B 157 6.57 -8.04 -67.10
C ASP B 157 6.82 -8.32 -65.63
N PRO B 158 8.10 -8.47 -65.23
CA PRO B 158 8.47 -8.72 -63.84
C PRO B 158 8.14 -7.51 -62.98
N VAL B 159 7.93 -7.74 -61.69
CA VAL B 159 7.59 -6.65 -60.79
C VAL B 159 8.64 -6.52 -59.69
N THR B 160 9.30 -5.38 -59.63
CA THR B 160 10.33 -5.16 -58.61
C THR B 160 9.77 -4.51 -57.35
N LEU B 161 10.64 -4.38 -56.34
CA LEU B 161 10.21 -3.77 -55.09
C LEU B 161 9.91 -2.30 -55.34
N ASP B 162 10.72 -1.67 -56.19
CA ASP B 162 10.52 -0.27 -56.52
C ASP B 162 9.10 -0.02 -57.03
N ASP B 163 8.62 -0.91 -57.91
CA ASP B 163 7.28 -0.79 -58.44
C ASP B 163 6.25 -0.81 -57.31
N PHE B 164 6.45 -1.73 -56.36
CA PHE B 164 5.54 -1.84 -55.22
C PHE B 164 5.55 -0.56 -54.41
N PHE B 165 6.74 -0.15 -53.98
CA PHE B 165 6.85 1.07 -53.19
C PHE B 165 6.34 2.25 -53.98
N TRP B 166 6.43 2.17 -55.30
CA TRP B 166 5.93 3.24 -56.13
C TRP B 166 4.42 3.29 -55.96
N ALA B 167 3.75 2.17 -56.22
CA ALA B 167 2.30 2.09 -56.10
C ALA B 167 1.84 2.42 -54.69
N PHE B 168 2.57 1.92 -53.70
CA PHE B 168 2.20 2.20 -52.33
C PHE B 168 2.26 3.72 -52.10
N GLY B 169 3.26 4.36 -52.68
CA GLY B 169 3.42 5.80 -52.52
C GLY B 169 2.32 6.60 -53.19
N ILE B 170 1.92 6.14 -54.38
CA ILE B 170 0.85 6.77 -55.13
C ILE B 170 -0.43 6.67 -54.35
N LEU B 171 -0.66 5.50 -53.74
CA LEU B 171 -1.87 5.31 -52.98
C LEU B 171 -1.90 6.24 -51.77
N ARG B 172 -0.81 6.30 -51.02
CA ARG B 172 -0.73 7.14 -49.83
C ARG B 172 -0.68 8.64 -50.12
N SER B 173 0.11 9.05 -51.10
CA SER B 173 0.22 10.47 -51.35
C SER B 173 -0.94 11.07 -52.13
N ARG B 174 -1.69 10.27 -52.89
CA ARG B 174 -2.76 10.89 -53.64
C ARG B 174 -4.19 10.32 -53.71
N ALA B 175 -4.52 9.34 -52.89
CA ALA B 175 -5.88 8.82 -52.95
C ALA B 175 -6.79 9.70 -52.08
N PHE B 176 -8.07 9.74 -52.42
CA PHE B 176 -9.04 10.50 -51.65
C PHE B 176 -9.84 9.54 -50.76
N SER B 177 -10.33 10.03 -49.63
CA SER B 177 -11.15 9.24 -48.71
C SER B 177 -12.40 10.05 -48.40
N ARG B 178 -12.44 11.29 -48.88
CA ARG B 178 -13.55 12.20 -48.64
C ARG B 178 -14.80 11.72 -49.36
N LEU B 179 -14.99 10.40 -49.38
CA LEU B 179 -16.16 9.84 -50.06
C LEU B 179 -16.91 8.86 -49.20
N ARG B 180 -18.24 8.89 -49.32
CA ARG B 180 -19.13 7.99 -48.59
C ARG B 180 -19.19 6.71 -49.42
N ASN B 181 -19.11 5.56 -48.76
CA ASN B 181 -19.14 4.27 -49.44
C ASN B 181 -17.83 4.08 -50.19
N GLU B 182 -16.85 4.92 -49.85
CA GLU B 182 -15.54 4.87 -50.47
C GLU B 182 -14.47 5.21 -49.43
N ASN B 183 -13.35 4.49 -49.49
CA ASN B 183 -12.27 4.70 -48.55
C ASN B 183 -10.96 4.91 -49.28
N LEU B 184 -10.91 4.40 -50.50
CA LEU B 184 -9.70 4.52 -51.30
C LEU B 184 -10.06 4.80 -52.74
N VAL B 185 -9.81 6.02 -53.20
CA VAL B 185 -10.10 6.37 -54.59
C VAL B 185 -9.02 7.28 -55.19
N VAL B 186 -8.53 6.91 -56.36
CA VAL B 186 -7.52 7.68 -57.09
C VAL B 186 -8.27 8.43 -58.20
N VAL B 187 -8.14 9.76 -58.25
CA VAL B 187 -8.85 10.58 -59.26
C VAL B 187 -7.94 11.54 -60.08
N PRO B 188 -7.63 11.18 -61.33
CA PRO B 188 -6.79 11.88 -62.32
C PRO B 188 -6.54 13.39 -62.35
N MET B 189 -7.56 14.21 -62.53
CA MET B 189 -7.21 15.63 -62.53
C MET B 189 -7.24 16.14 -61.09
N ALA B 190 -8.25 15.72 -60.37
CA ALA B 190 -8.41 16.12 -58.98
C ALA B 190 -7.14 15.96 -58.12
N ASP B 191 -6.37 14.88 -58.29
CA ASP B 191 -5.20 14.74 -57.41
C ASP B 191 -4.07 15.71 -57.62
N LEU B 192 -4.22 16.67 -58.52
CA LEU B 192 -3.16 17.66 -58.75
C LEU B 192 -3.19 18.76 -57.69
N ILE B 193 -4.31 18.90 -57.00
CA ILE B 193 -4.41 19.99 -56.04
C ILE B 193 -3.48 19.84 -54.85
N ASN B 194 -2.87 20.95 -54.45
CA ASN B 194 -1.93 20.91 -53.34
C ASN B 194 -2.44 21.37 -51.96
N HIS B 195 -1.60 21.17 -50.95
CA HIS B 195 -1.93 21.50 -49.57
C HIS B 195 -1.39 22.85 -49.10
N SER B 196 -2.20 23.54 -48.31
CA SER B 196 -1.80 24.82 -47.73
C SER B 196 -2.37 24.93 -46.33
N ALA B 197 -1.55 25.41 -45.42
CA ALA B 197 -1.97 25.59 -44.05
C ALA B 197 -2.90 26.79 -44.02
N GLY B 198 -3.03 27.44 -45.18
CA GLY B 198 -3.93 28.57 -45.30
C GLY B 198 -5.38 28.11 -45.33
N VAL B 199 -5.61 26.86 -45.73
CA VAL B 199 -6.94 26.30 -45.78
C VAL B 199 -7.23 25.68 -44.42
N THR B 200 -8.28 26.18 -43.76
CA THR B 200 -8.61 25.69 -42.43
C THR B 200 -9.86 24.83 -42.29
N THR B 201 -10.46 24.47 -43.41
CA THR B 201 -11.64 23.63 -43.42
C THR B 201 -11.35 22.46 -44.35
N GLU B 202 -12.09 21.38 -44.21
CA GLU B 202 -11.88 20.23 -45.06
C GLU B 202 -13.09 19.96 -45.95
N ASP B 203 -13.78 21.04 -46.33
CA ASP B 203 -14.94 20.90 -47.22
C ASP B 203 -14.56 21.34 -48.61
N HIS B 204 -13.99 20.43 -49.38
CA HIS B 204 -13.54 20.75 -50.73
C HIS B 204 -14.04 19.76 -51.76
N ALA B 205 -14.62 18.66 -51.32
CA ALA B 205 -15.10 17.66 -52.25
C ALA B 205 -16.51 17.19 -51.92
N TYR B 206 -17.14 16.53 -52.89
CA TYR B 206 -18.50 15.98 -52.79
C TYR B 206 -18.77 15.28 -54.10
N GLU B 207 -19.78 14.42 -54.12
CA GLU B 207 -20.09 13.68 -55.34
C GLU B 207 -21.53 13.86 -55.83
N VAL B 208 -21.73 13.53 -57.10
CA VAL B 208 -23.04 13.61 -57.73
C VAL B 208 -23.37 12.22 -58.28
N LYS B 209 -24.33 11.55 -57.65
CA LYS B 209 -24.70 10.19 -58.05
C LYS B 209 -26.07 10.00 -58.71
N GLY B 210 -26.70 8.87 -58.39
CA GLY B 210 -28.00 8.52 -58.95
C GLY B 210 -29.17 9.35 -58.51
N ALA B 211 -29.07 9.93 -57.32
CA ALA B 211 -30.14 10.78 -56.80
C ALA B 211 -30.40 11.89 -57.80
N ALA B 212 -29.37 12.20 -58.61
CA ALA B 212 -29.44 13.25 -59.63
C ALA B 212 -29.69 12.72 -61.05
N GLY B 213 -30.17 11.47 -61.15
CA GLY B 213 -30.47 10.89 -62.45
C GLY B 213 -29.34 10.42 -63.36
N LEU B 214 -28.15 10.22 -62.79
CA LEU B 214 -26.98 9.80 -63.55
C LEU B 214 -26.71 8.30 -63.54
N PHE B 215 -25.95 7.85 -64.51
CA PHE B 215 -25.55 6.45 -64.57
C PHE B 215 -24.28 6.38 -63.75
N SER B 216 -24.10 5.29 -63.02
CA SER B 216 -22.93 5.12 -62.18
C SER B 216 -21.62 5.55 -62.84
N TRP B 217 -21.37 5.09 -64.07
CA TRP B 217 -20.13 5.47 -64.76
C TRP B 217 -20.02 6.97 -65.05
N ASP B 218 -21.08 7.74 -64.80
CA ASP B 218 -20.99 9.17 -65.01
C ASP B 218 -21.08 9.94 -63.68
N TYR B 219 -21.03 9.22 -62.56
CA TYR B 219 -21.06 9.90 -61.25
C TYR B 219 -19.84 10.80 -61.11
N LEU B 220 -20.04 11.96 -60.49
CA LEU B 220 -18.96 12.92 -60.37
C LEU B 220 -18.29 13.14 -59.02
N PHE B 221 -16.97 13.18 -59.05
CA PHE B 221 -16.17 13.51 -57.87
C PHE B 221 -15.91 15.00 -58.14
N SER B 222 -16.63 15.86 -57.43
CA SER B 222 -16.50 17.29 -57.64
C SER B 222 -15.57 17.84 -56.59
N LEU B 223 -14.80 18.83 -56.96
CA LEU B 223 -13.84 19.44 -56.06
C LEU B 223 -14.07 20.93 -56.05
N LYS B 224 -14.18 21.53 -54.87
CA LYS B 224 -14.33 22.97 -54.86
C LYS B 224 -13.13 23.67 -54.26
N SER B 225 -13.12 25.00 -54.33
CA SER B 225 -12.03 25.76 -53.78
C SER B 225 -12.49 26.31 -52.46
N PRO B 226 -11.94 25.81 -51.35
CA PRO B 226 -12.38 26.32 -50.05
C PRO B 226 -12.07 27.78 -49.84
N LEU B 227 -11.04 28.28 -50.48
CA LEU B 227 -10.71 29.69 -50.35
C LEU B 227 -10.96 30.42 -51.67
N SER B 228 -10.93 31.75 -51.64
CA SER B 228 -11.10 32.55 -52.85
C SER B 228 -9.69 32.70 -53.41
N VAL B 229 -9.56 32.59 -54.72
CA VAL B 229 -8.26 32.67 -55.35
C VAL B 229 -8.26 33.66 -56.49
N LYS B 230 -7.29 34.55 -56.51
CA LYS B 230 -7.20 35.52 -57.59
C LYS B 230 -6.62 34.81 -58.83
N ALA B 231 -6.98 35.31 -60.00
CA ALA B 231 -6.50 34.70 -61.23
C ALA B 231 -4.99 34.62 -61.18
N GLY B 232 -4.44 33.47 -61.54
CA GLY B 232 -3.00 33.32 -61.53
C GLY B 232 -2.42 32.73 -60.27
N GLU B 233 -3.20 32.65 -59.20
CA GLU B 233 -2.68 32.06 -57.98
C GLU B 233 -3.01 30.58 -57.97
N GLN B 234 -2.43 29.86 -57.00
CA GLN B 234 -2.66 28.43 -56.88
C GLN B 234 -3.90 28.19 -56.04
N VAL B 235 -4.71 27.19 -56.42
CA VAL B 235 -5.87 26.85 -55.61
C VAL B 235 -5.39 25.69 -54.73
N TYR B 236 -5.68 25.75 -53.44
CA TYR B 236 -5.26 24.70 -52.50
C TYR B 236 -6.42 24.15 -51.68
N ILE B 237 -6.18 23.01 -51.04
CA ILE B 237 -7.15 22.44 -50.09
C ILE B 237 -6.33 22.08 -48.84
N GLN B 238 -6.99 21.59 -47.80
CA GLN B 238 -6.33 21.16 -46.55
C GLN B 238 -6.36 19.66 -46.60
N TYR B 239 -5.19 19.02 -46.63
CA TYR B 239 -5.18 17.56 -46.71
C TYR B 239 -5.73 16.84 -45.48
N ASP B 240 -5.45 17.34 -44.28
CA ASP B 240 -5.94 16.70 -43.05
C ASP B 240 -5.53 17.45 -41.79
N LEU B 241 -6.48 18.15 -41.21
CA LEU B 241 -6.23 18.93 -40.01
C LEU B 241 -5.70 18.12 -38.83
N ASN B 242 -5.98 16.82 -38.81
CA ASN B 242 -5.58 16.00 -37.67
C ASN B 242 -4.26 15.24 -37.72
N LYS B 243 -3.68 15.11 -38.90
CA LYS B 243 -2.44 14.40 -39.05
C LYS B 243 -1.31 15.15 -38.35
N SER B 244 -0.28 14.39 -37.96
CA SER B 244 0.91 14.95 -37.30
C SER B 244 1.96 15.26 -38.37
N ASN B 245 3.02 15.96 -38.01
CA ASN B 245 4.03 16.23 -39.01
C ASN B 245 4.60 14.88 -39.45
N ALA B 246 4.74 13.96 -38.51
CA ALA B 246 5.25 12.64 -38.83
C ALA B 246 4.38 12.01 -39.90
N GLU B 247 3.07 12.11 -39.75
CA GLU B 247 2.15 11.55 -40.73
C GLU B 247 2.21 12.28 -42.07
N LEU B 248 2.25 13.61 -42.01
CA LEU B 248 2.31 14.37 -43.24
C LEU B 248 3.56 13.96 -44.01
N ALA B 249 4.63 13.71 -43.27
CA ALA B 249 5.92 13.33 -43.84
C ALA B 249 5.94 11.93 -44.43
N LEU B 250 5.26 10.98 -43.81
CA LEU B 250 5.25 9.63 -44.34
C LEU B 250 4.24 9.44 -45.47
N ASP B 251 3.13 10.18 -45.43
CA ASP B 251 2.08 10.07 -46.45
C ASP B 251 2.36 10.91 -47.69
N TYR B 252 2.84 12.13 -47.47
CA TYR B 252 3.19 13.08 -48.52
C TYR B 252 4.66 13.46 -48.21
N GLY B 253 5.40 14.01 -49.15
CA GLY B 253 6.79 14.34 -48.80
C GLY B 253 6.99 15.72 -48.19
N PHE B 254 6.26 16.04 -47.12
CA PHE B 254 6.41 17.36 -46.50
C PHE B 254 5.85 17.45 -45.08
N ILE B 255 6.21 18.52 -44.37
CA ILE B 255 5.74 18.79 -43.00
C ILE B 255 5.45 20.28 -42.89
N GLU B 256 4.82 20.71 -41.80
CA GLU B 256 4.54 22.13 -41.60
C GLU B 256 5.35 22.71 -40.43
N PRO B 257 5.47 24.05 -40.37
CA PRO B 257 6.19 24.78 -39.33
C PRO B 257 5.34 24.78 -38.06
N ASN B 258 4.05 24.59 -38.23
CA ASN B 258 3.14 24.60 -37.11
C ASN B 258 3.53 23.59 -36.03
N GLU B 259 3.95 24.12 -34.88
CA GLU B 259 4.36 23.26 -33.77
C GLU B 259 3.24 22.36 -33.25
N ASN B 260 1.99 22.73 -33.51
CA ASN B 260 0.84 21.94 -33.09
C ASN B 260 0.68 20.64 -33.86
N ARG B 261 1.47 20.44 -34.91
CA ARG B 261 1.41 19.22 -35.72
C ARG B 261 2.40 18.21 -35.15
N HIS B 262 3.23 18.68 -34.24
CA HIS B 262 4.24 17.85 -33.62
C HIS B 262 3.63 16.84 -32.68
N ALA B 263 3.90 15.57 -32.93
CA ALA B 263 3.34 14.54 -32.09
C ALA B 263 4.31 13.38 -31.86
N TYR B 264 4.01 12.59 -30.84
CA TYR B 264 4.80 11.43 -30.48
C TYR B 264 3.79 10.45 -29.93
N THR B 265 3.81 9.21 -30.40
CA THR B 265 2.86 8.28 -29.85
C THR B 265 3.51 7.28 -28.89
N LEU B 266 2.76 6.94 -27.85
CA LEU B 266 3.24 6.02 -26.85
C LEU B 266 2.54 4.70 -27.05
N THR B 267 3.30 3.62 -26.92
CA THR B 267 2.70 2.31 -27.08
C THR B 267 2.57 1.64 -25.71
N LEU B 268 1.34 1.33 -25.35
CA LEU B 268 1.03 0.69 -24.09
C LEU B 268 0.49 -0.72 -24.29
N GLU B 269 0.94 -1.66 -23.46
CA GLU B 269 0.44 -3.01 -23.60
C GLU B 269 0.43 -3.80 -22.30
N ILE B 270 -0.53 -4.69 -22.20
CA ILE B 270 -0.65 -5.56 -21.05
C ILE B 270 0.19 -6.80 -21.38
N SER B 271 1.33 -6.96 -20.70
CA SER B 271 2.22 -8.10 -20.95
C SER B 271 1.61 -9.43 -20.49
N GLU B 272 1.87 -10.49 -21.25
CA GLU B 272 1.33 -11.80 -20.89
C GLU B 272 2.06 -12.39 -19.69
N SER B 273 3.25 -11.87 -19.42
CA SER B 273 4.04 -12.32 -18.29
C SER B 273 3.52 -11.65 -17.02
N ASP B 274 2.48 -10.83 -17.16
CA ASP B 274 1.89 -10.14 -16.02
C ASP B 274 0.98 -11.15 -15.32
N PRO B 275 1.14 -11.31 -13.99
CA PRO B 275 0.33 -12.25 -13.22
C PRO B 275 -1.18 -12.01 -13.31
N PHE B 276 -1.59 -10.80 -13.64
CA PHE B 276 -3.02 -10.50 -13.75
C PHE B 276 -3.47 -10.22 -15.18
N PHE B 277 -2.63 -10.62 -16.12
CA PHE B 277 -2.91 -10.45 -17.55
C PHE B 277 -4.37 -10.67 -17.93
N ASP B 278 -4.80 -11.91 -17.81
CA ASP B 278 -6.18 -12.29 -18.16
C ASP B 278 -7.23 -11.34 -17.60
N ASP B 279 -7.06 -10.89 -16.36
CA ASP B 279 -8.05 -9.97 -15.81
C ASP B 279 -7.91 -8.58 -16.42
N LYS B 280 -6.68 -8.08 -16.48
CA LYS B 280 -6.41 -6.77 -17.04
C LYS B 280 -6.86 -6.67 -18.49
N LEU B 281 -6.60 -7.71 -19.28
CA LEU B 281 -6.98 -7.70 -20.69
C LEU B 281 -8.50 -7.58 -20.82
N ASP B 282 -9.17 -8.24 -19.90
CA ASP B 282 -10.62 -8.23 -19.90
C ASP B 282 -11.09 -6.81 -19.63
N VAL B 283 -10.47 -6.15 -18.66
CA VAL B 283 -10.87 -4.80 -18.33
C VAL B 283 -10.65 -3.86 -19.51
N ALA B 284 -9.53 -4.05 -20.21
CA ALA B 284 -9.21 -3.21 -21.35
C ALA B 284 -10.26 -3.33 -22.46
N GLU B 285 -10.44 -4.54 -22.97
CA GLU B 285 -11.41 -4.76 -24.05
C GLU B 285 -12.81 -4.29 -23.68
N SER B 286 -13.25 -4.66 -22.48
CA SER B 286 -14.58 -4.26 -22.01
C SER B 286 -14.73 -2.75 -22.02
N ASN B 287 -13.63 -2.02 -22.21
CA ASN B 287 -13.71 -0.57 -22.23
C ASN B 287 -13.20 0.07 -23.51
N GLY B 288 -13.19 -0.74 -24.57
CA GLY B 288 -12.77 -0.26 -25.87
C GLY B 288 -11.28 -0.15 -26.11
N PHE B 289 -10.50 -1.07 -25.55
CA PHE B 289 -9.06 -1.04 -25.77
C PHE B 289 -8.55 -2.44 -25.97
N ALA B 290 -7.39 -2.56 -26.61
CA ALA B 290 -6.81 -3.86 -26.91
C ALA B 290 -5.61 -4.24 -26.06
N GLN B 291 -5.17 -5.48 -26.26
CA GLN B 291 -4.03 -6.04 -25.56
C GLN B 291 -2.83 -5.11 -25.76
N THR B 292 -2.89 -4.29 -26.80
CA THR B 292 -1.85 -3.31 -27.11
C THR B 292 -2.59 -2.06 -27.58
N ALA B 293 -2.22 -0.90 -27.05
CA ALA B 293 -2.89 0.33 -27.41
C ALA B 293 -1.90 1.46 -27.75
N TYR B 294 -2.25 2.30 -28.73
CA TYR B 294 -1.38 3.41 -29.09
C TYR B 294 -2.06 4.73 -28.79
N PHE B 295 -1.37 5.59 -28.04
CA PHE B 295 -1.90 6.91 -27.67
C PHE B 295 -1.04 8.00 -28.27
N ASP B 296 -1.61 8.81 -29.17
CA ASP B 296 -0.88 9.88 -29.81
C ASP B 296 -0.88 11.13 -28.95
N ILE B 297 0.31 11.69 -28.71
CA ILE B 297 0.42 12.89 -27.89
C ILE B 297 0.89 14.05 -28.74
N PHE B 298 0.05 15.08 -28.83
CA PHE B 298 0.39 16.26 -29.62
C PHE B 298 0.89 17.39 -28.77
N TYR B 299 1.84 18.12 -29.31
CA TYR B 299 2.42 19.26 -28.62
C TYR B 299 1.32 20.22 -28.22
N ASN B 300 1.45 20.80 -27.03
CA ASN B 300 0.48 21.75 -26.49
C ASN B 300 -0.95 21.24 -26.29
N ARG B 301 -1.24 20.00 -26.70
CA ARG B 301 -2.58 19.48 -26.52
C ARG B 301 -2.58 18.69 -25.21
N THR B 302 -3.75 18.55 -24.59
CA THR B 302 -3.83 17.80 -23.34
C THR B 302 -3.72 16.33 -23.65
N LEU B 303 -3.29 15.54 -22.66
CA LEU B 303 -3.15 14.11 -22.83
C LEU B 303 -4.42 13.44 -23.31
N PRO B 304 -4.33 12.49 -24.23
CA PRO B 304 -5.53 11.82 -24.72
C PRO B 304 -6.22 11.02 -23.64
N PRO B 305 -7.56 11.03 -23.64
CA PRO B 305 -8.24 10.26 -22.60
C PRO B 305 -7.92 8.80 -22.88
N GLY B 306 -7.75 8.03 -21.82
CA GLY B 306 -7.43 6.63 -21.97
C GLY B 306 -5.99 6.34 -21.62
N LEU B 307 -5.11 7.32 -21.78
CA LEU B 307 -3.70 7.12 -21.48
C LEU B 307 -3.44 6.84 -20.01
N LEU B 308 -3.83 7.77 -19.13
CA LEU B 308 -3.60 7.58 -17.71
C LEU B 308 -4.30 6.32 -17.18
N PRO B 309 -5.60 6.16 -17.47
CA PRO B 309 -6.23 4.94 -16.94
C PRO B 309 -5.57 3.65 -17.46
N TYR B 310 -5.06 3.67 -18.70
CA TYR B 310 -4.42 2.48 -19.25
C TYR B 310 -3.08 2.28 -18.57
N LEU B 311 -2.38 3.38 -18.34
CA LEU B 311 -1.09 3.33 -17.68
C LEU B 311 -1.29 2.73 -16.30
N ARG B 312 -2.31 3.23 -15.59
CA ARG B 312 -2.61 2.74 -14.26
C ARG B 312 -2.94 1.26 -14.27
N LEU B 313 -3.61 0.79 -15.31
CA LEU B 313 -3.97 -0.62 -15.42
C LEU B 313 -2.70 -1.44 -15.60
N VAL B 314 -1.80 -0.93 -16.41
CA VAL B 314 -0.54 -1.59 -16.69
C VAL B 314 0.29 -1.80 -15.43
N ALA B 315 0.40 -0.74 -14.64
CA ALA B 315 1.18 -0.78 -13.42
C ALA B 315 0.39 -1.23 -12.21
N LEU B 316 -0.83 -1.74 -12.41
CA LEU B 316 -1.67 -2.13 -11.28
C LEU B 316 -0.89 -2.61 -10.05
N GLY B 317 -0.48 -3.89 -10.01
CA GLY B 317 0.29 -4.35 -8.85
C GLY B 317 -0.47 -5.07 -7.76
N GLY B 318 0.26 -5.85 -6.96
CA GLY B 318 -0.32 -6.64 -5.88
C GLY B 318 -1.50 -6.13 -5.08
N THR B 319 -1.24 -5.22 -4.13
CA THR B 319 -2.27 -4.65 -3.28
C THR B 319 -3.53 -4.25 -4.06
N ASP B 320 -3.35 -3.41 -5.08
CA ASP B 320 -4.46 -2.90 -5.90
C ASP B 320 -5.17 -3.90 -6.79
N ALA B 321 -4.58 -5.08 -6.98
CA ALA B 321 -5.19 -6.10 -7.83
C ALA B 321 -6.61 -6.43 -7.43
N PHE B 322 -6.99 -6.07 -6.21
CA PHE B 322 -8.34 -6.37 -5.74
C PHE B 322 -9.33 -5.75 -6.69
N LEU B 323 -8.97 -4.62 -7.29
CA LEU B 323 -9.88 -3.97 -8.23
C LEU B 323 -10.26 -4.89 -9.37
N LEU B 324 -9.42 -5.90 -9.63
CA LEU B 324 -9.70 -6.82 -10.72
C LEU B 324 -10.76 -7.88 -10.39
N GLU B 325 -11.32 -7.82 -9.19
CA GLU B 325 -12.34 -8.77 -8.77
C GLU B 325 -13.69 -8.51 -9.44
N SER B 326 -14.46 -9.58 -9.60
CA SER B 326 -15.79 -9.53 -10.22
C SER B 326 -16.60 -8.36 -9.68
N LEU B 327 -16.41 -8.07 -8.41
CA LEU B 327 -17.11 -7.00 -7.74
C LEU B 327 -16.95 -5.63 -8.40
N PHE B 328 -15.76 -5.36 -8.95
CA PHE B 328 -15.52 -4.06 -9.56
C PHE B 328 -15.59 -3.97 -11.08
N ARG B 329 -15.86 -5.07 -11.76
CA ARG B 329 -15.93 -5.04 -13.22
C ARG B 329 -17.04 -4.18 -13.79
N ASP B 330 -17.32 -3.07 -13.12
CA ASP B 330 -18.35 -2.16 -13.58
C ASP B 330 -18.06 -0.76 -13.09
N THR B 331 -16.95 -0.61 -12.39
CA THR B 331 -16.55 0.68 -11.87
C THR B 331 -15.04 0.80 -11.92
N ILE B 332 -14.39 -0.32 -12.23
CA ILE B 332 -12.94 -0.37 -12.32
C ILE B 332 -12.39 0.70 -13.25
N TRP B 333 -12.97 0.80 -14.44
CA TRP B 333 -12.52 1.78 -15.39
C TRP B 333 -12.73 3.18 -14.83
N GLY B 334 -13.85 3.38 -14.15
CA GLY B 334 -14.12 4.66 -13.54
C GLY B 334 -12.99 4.99 -12.57
N HIS B 335 -12.64 4.01 -11.75
CA HIS B 335 -11.57 4.20 -10.77
C HIS B 335 -10.21 4.45 -11.45
N LEU B 336 -9.94 3.73 -12.53
CA LEU B 336 -8.69 3.92 -13.24
C LEU B 336 -8.61 5.37 -13.74
N GLU B 337 -9.78 5.97 -13.98
CA GLU B 337 -9.83 7.37 -14.45
C GLU B 337 -9.62 8.36 -13.30
N LEU B 338 -10.06 7.97 -12.10
CA LEU B 338 -9.92 8.85 -10.94
C LEU B 338 -8.61 8.65 -10.19
N SER B 339 -7.89 7.56 -10.51
CA SER B 339 -6.60 7.18 -9.91
C SER B 339 -6.79 6.01 -8.94
N VAL B 340 -5.78 5.15 -8.85
CA VAL B 340 -5.82 3.97 -7.99
C VAL B 340 -5.18 4.18 -6.61
N SER B 341 -3.87 4.37 -6.60
CA SER B 341 -3.16 4.56 -5.35
C SER B 341 -1.87 5.31 -5.59
N ARG B 342 -1.39 6.00 -4.56
CA ARG B 342 -0.17 6.77 -4.72
C ARG B 342 1.00 5.92 -5.16
N ASP B 343 0.98 4.64 -4.80
CA ASP B 343 2.09 3.77 -5.21
C ASP B 343 1.98 3.54 -6.71
N ASN B 344 0.76 3.25 -7.16
CA ASN B 344 0.47 3.00 -8.57
C ASN B 344 0.81 4.21 -9.43
N GLU B 345 0.39 5.39 -8.96
CA GLU B 345 0.63 6.63 -9.66
C GLU B 345 2.13 6.89 -9.76
N GLU B 346 2.85 6.69 -8.66
CA GLU B 346 4.30 6.91 -8.63
C GLU B 346 5.04 6.02 -9.63
N LEU B 347 4.57 4.79 -9.78
CA LEU B 347 5.19 3.84 -10.68
C LEU B 347 5.04 4.25 -12.14
N LEU B 348 3.82 4.60 -12.54
CA LEU B 348 3.59 5.01 -13.93
C LEU B 348 4.38 6.29 -14.25
N CYS B 349 4.44 7.21 -13.29
CA CYS B 349 5.19 8.43 -13.51
C CYS B 349 6.66 8.08 -13.70
N LYS B 350 7.14 7.09 -12.96
CA LYS B 350 8.53 6.68 -13.07
C LYS B 350 8.77 6.01 -14.43
N ALA B 351 7.87 5.13 -14.83
CA ALA B 351 8.00 4.44 -16.12
C ALA B 351 8.03 5.45 -17.28
N VAL B 352 7.08 6.38 -17.27
CA VAL B 352 6.99 7.39 -18.32
C VAL B 352 8.24 8.25 -18.41
N ARG B 353 8.63 8.89 -17.30
CA ARG B 353 9.81 9.75 -17.33
C ARG B 353 11.09 9.04 -17.74
N GLU B 354 11.15 7.75 -17.44
CA GLU B 354 12.33 6.97 -17.80
C GLU B 354 12.34 6.79 -19.31
N ALA B 355 11.18 6.43 -19.86
CA ALA B 355 11.03 6.24 -21.28
C ALA B 355 11.45 7.52 -22.01
N CYS B 356 10.92 8.65 -21.56
CA CYS B 356 11.25 9.92 -22.19
C CYS B 356 12.73 10.22 -22.23
N LYS B 357 13.37 10.17 -21.07
CA LYS B 357 14.80 10.44 -20.96
C LYS B 357 15.62 9.49 -21.84
N SER B 358 15.22 8.24 -21.84
CA SER B 358 15.90 7.22 -22.65
C SER B 358 15.80 7.61 -24.12
N ALA B 359 14.57 7.83 -24.60
CA ALA B 359 14.35 8.21 -26.00
C ALA B 359 15.08 9.50 -26.35
N LEU B 360 15.02 10.49 -25.47
CA LEU B 360 15.68 11.75 -25.73
C LEU B 360 17.17 11.57 -26.00
N ALA B 361 17.74 10.52 -25.43
CA ALA B 361 19.17 10.26 -25.61
C ALA B 361 19.51 9.65 -26.97
N GLY B 362 18.51 9.11 -27.65
CA GLY B 362 18.75 8.49 -28.96
C GLY B 362 19.06 9.44 -30.10
N TYR B 363 18.64 10.70 -29.99
CA TYR B 363 18.89 11.69 -31.05
C TYR B 363 20.32 12.15 -31.06
N HIS B 364 20.85 12.44 -32.25
CA HIS B 364 22.23 12.87 -32.37
C HIS B 364 22.42 14.37 -32.47
N THR B 365 21.36 15.14 -32.22
CA THR B 365 21.46 16.60 -32.28
C THR B 365 20.55 17.21 -31.24
N THR B 366 20.93 18.36 -30.73
CA THR B 366 20.11 19.04 -29.74
C THR B 366 19.13 19.97 -30.41
N ILE B 367 18.05 20.27 -29.70
CA ILE B 367 17.04 21.17 -30.22
C ILE B 367 17.68 22.49 -30.67
N GLU B 368 18.68 22.95 -29.92
CA GLU B 368 19.36 24.20 -30.26
C GLU B 368 20.02 24.07 -31.63
N GLN B 369 20.60 22.91 -31.90
CA GLN B 369 21.26 22.66 -33.19
C GLN B 369 20.22 22.60 -34.31
N ASP B 370 19.11 21.92 -34.05
CA ASP B 370 18.07 21.80 -35.05
C ASP B 370 17.57 23.19 -35.45
N ARG B 371 17.19 23.98 -34.46
CA ARG B 371 16.69 25.34 -34.72
C ARG B 371 17.66 26.20 -35.51
N GLU B 372 18.96 26.05 -35.27
CA GLU B 372 19.93 26.85 -35.99
C GLU B 372 19.98 26.39 -37.44
N LEU B 373 19.91 25.08 -37.66
CA LEU B 373 19.92 24.53 -39.01
C LEU B 373 18.77 25.11 -39.83
N LYS B 374 17.58 25.15 -39.22
CA LYS B 374 16.41 25.68 -39.88
C LYS B 374 16.66 27.14 -40.28
N GLU B 375 17.44 27.85 -39.49
CA GLU B 375 17.71 29.25 -39.79
C GLU B 375 18.41 29.40 -41.14
N GLY B 376 18.93 28.30 -41.67
CA GLY B 376 19.59 28.34 -42.96
C GLY B 376 18.73 27.77 -44.07
N ASN B 377 19.33 27.52 -45.24
CA ASN B 377 18.62 26.97 -46.39
C ASN B 377 18.79 25.48 -46.46
N LEU B 378 17.79 24.74 -46.01
CA LEU B 378 17.88 23.29 -46.02
C LEU B 378 17.31 22.61 -47.27
N ASP B 379 17.78 21.38 -47.47
CA ASP B 379 17.36 20.52 -48.57
C ASP B 379 15.98 19.99 -48.14
N SER B 380 15.06 19.78 -49.09
CA SER B 380 13.73 19.32 -48.70
C SER B 380 13.72 18.11 -47.74
N ARG B 381 14.52 17.07 -48.00
CA ARG B 381 14.52 15.95 -47.08
C ARG B 381 15.27 16.24 -45.79
N LEU B 382 16.27 17.11 -45.85
CA LEU B 382 16.99 17.45 -44.64
C LEU B 382 16.03 18.26 -43.78
N ALA B 383 15.31 19.19 -44.39
CA ALA B 383 14.36 20.04 -43.69
C ALA B 383 13.29 19.20 -43.03
N ILE B 384 12.89 18.12 -43.70
CA ILE B 384 11.90 17.27 -43.11
C ILE B 384 12.46 16.59 -41.84
N ALA B 385 13.70 16.10 -41.94
CA ALA B 385 14.37 15.44 -40.84
C ALA B 385 14.53 16.35 -39.63
N VAL B 386 15.03 17.56 -39.87
CA VAL B 386 15.26 18.53 -38.81
C VAL B 386 13.99 18.94 -38.11
N GLY B 387 12.93 19.21 -38.89
CA GLY B 387 11.67 19.61 -38.32
C GLY B 387 11.01 18.50 -37.52
N ILE B 388 11.06 17.29 -38.05
CA ILE B 388 10.48 16.17 -37.35
C ILE B 388 11.17 15.96 -36.01
N ARG B 389 12.47 15.73 -36.07
CA ARG B 389 13.26 15.48 -34.86
C ARG B 389 13.18 16.63 -33.86
N GLU B 390 13.20 17.87 -34.33
CA GLU B 390 13.08 18.97 -33.39
C GLU B 390 11.76 18.78 -32.67
N GLY B 391 10.71 18.63 -33.46
CA GLY B 391 9.39 18.43 -32.92
C GLY B 391 9.29 17.31 -31.91
N GLU B 392 9.79 16.13 -32.27
CA GLU B 392 9.74 14.97 -31.37
C GLU B 392 10.43 15.24 -30.03
N LYS B 393 11.52 15.97 -30.05
CA LYS B 393 12.22 16.27 -28.81
C LYS B 393 11.39 17.19 -27.95
N MET B 394 10.67 18.11 -28.58
CA MET B 394 9.82 19.02 -27.84
C MET B 394 8.72 18.23 -27.14
N VAL B 395 8.06 17.35 -27.89
CA VAL B 395 6.98 16.56 -27.32
C VAL B 395 7.49 15.66 -26.20
N LEU B 396 8.58 14.94 -26.47
CA LEU B 396 9.15 14.05 -25.47
C LEU B 396 9.38 14.82 -24.18
N GLN B 397 9.97 16.01 -24.28
CA GLN B 397 10.22 16.83 -23.11
C GLN B 397 8.96 17.41 -22.46
N GLN B 398 7.91 17.60 -23.25
CA GLN B 398 6.66 18.12 -22.72
C GLN B 398 6.01 16.99 -21.91
N ILE B 399 6.14 15.76 -22.40
CA ILE B 399 5.58 14.62 -21.68
C ILE B 399 6.33 14.52 -20.37
N ASP B 400 7.66 14.45 -20.45
CA ASP B 400 8.46 14.35 -19.24
C ASP B 400 8.12 15.44 -18.23
N GLY B 401 7.84 16.64 -18.72
CA GLY B 401 7.52 17.75 -17.84
C GLY B 401 6.14 17.60 -17.18
N ILE B 402 5.21 17.01 -17.92
CA ILE B 402 3.88 16.81 -17.40
C ILE B 402 3.94 15.80 -16.26
N PHE B 403 4.63 14.69 -16.49
CA PHE B 403 4.73 13.68 -15.45
C PHE B 403 5.66 14.09 -14.33
N GLU B 404 6.59 15.00 -14.60
CA GLU B 404 7.48 15.45 -13.53
C GLU B 404 6.64 16.26 -12.57
N GLN B 405 5.69 17.03 -13.12
CA GLN B 405 4.79 17.84 -12.32
C GLN B 405 3.91 16.89 -11.53
N LYS B 406 3.48 15.81 -12.18
CA LYS B 406 2.63 14.86 -11.51
C LYS B 406 3.29 14.27 -10.27
N GLU B 407 4.58 13.95 -10.36
CA GLU B 407 5.32 13.39 -9.23
C GLU B 407 5.30 14.34 -8.03
N LEU B 408 5.27 15.64 -8.30
CA LEU B 408 5.24 16.63 -7.22
C LEU B 408 3.84 16.71 -6.63
N GLU B 409 2.82 16.59 -7.47
CA GLU B 409 1.43 16.67 -7.02
C GLU B 409 0.90 15.31 -6.62
N LEU B 410 1.81 14.36 -6.48
CA LEU B 410 1.46 13.00 -6.13
C LEU B 410 0.52 12.87 -4.90
N ASP B 411 0.61 13.81 -3.96
CA ASP B 411 -0.24 13.74 -2.77
C ASP B 411 -1.54 14.52 -2.90
N GLN B 412 -1.69 15.23 -4.03
CA GLN B 412 -2.87 16.04 -4.29
C GLN B 412 -4.03 15.27 -4.89
N LEU B 413 -3.76 14.06 -5.35
CA LEU B 413 -4.80 13.22 -5.93
C LEU B 413 -5.58 12.53 -4.82
N GLU B 414 -6.82 12.16 -5.13
CA GLU B 414 -7.66 11.45 -4.18
C GLU B 414 -7.80 10.05 -4.74
N TYR B 415 -7.07 9.11 -4.14
CA TYR B 415 -7.08 7.74 -4.61
C TYR B 415 -8.30 6.94 -4.16
N TYR B 416 -8.36 5.68 -4.59
CA TYR B 416 -9.49 4.82 -4.26
C TYR B 416 -9.94 4.89 -2.80
N GLN B 417 -9.03 4.66 -1.87
CA GLN B 417 -9.38 4.68 -0.46
C GLN B 417 -10.06 5.95 0.01
N GLU B 418 -9.46 7.10 -0.26
CA GLU B 418 -10.05 8.35 0.17
C GLU B 418 -11.45 8.53 -0.41
N ARG B 419 -11.62 8.11 -1.67
CA ARG B 419 -12.91 8.21 -2.35
C ARG B 419 -13.95 7.24 -1.76
N ARG B 420 -13.46 6.15 -1.18
CA ARG B 420 -14.34 5.16 -0.58
C ARG B 420 -15.00 5.75 0.66
N LEU B 421 -14.27 6.62 1.36
CA LEU B 421 -14.79 7.25 2.57
C LEU B 421 -15.48 8.58 2.32
N LYS B 422 -15.63 8.98 1.07
CA LYS B 422 -16.27 10.25 0.73
C LYS B 422 -17.69 10.41 1.29
N ASP B 423 -18.42 9.30 1.34
CA ASP B 423 -19.80 9.31 1.83
C ASP B 423 -19.94 8.80 3.27
N LEU B 424 -19.09 9.29 4.17
CA LEU B 424 -19.15 8.86 5.56
C LEU B 424 -20.30 9.48 6.33
N GLY B 425 -20.45 10.79 6.22
CA GLY B 425 -21.51 11.48 6.94
C GLY B 425 -21.28 11.53 8.44
N LEU B 426 -20.06 11.82 8.86
CA LEU B 426 -19.73 11.90 10.27
C LEU B 426 -20.51 13.01 10.95
N CYS B 427 -20.67 14.12 10.24
CA CYS B 427 -21.37 15.28 10.77
C CYS B 427 -22.83 15.34 10.37
N GLY B 428 -23.64 14.48 10.97
CA GLY B 428 -25.04 14.47 10.66
C GLY B 428 -25.91 14.98 11.79
N GLU B 429 -26.79 14.10 12.27
CA GLU B 429 -27.70 14.46 13.33
C GLU B 429 -27.36 13.77 14.63
N ASN B 430 -28.15 14.10 15.64
CA ASN B 430 -27.99 13.55 16.97
C ASN B 430 -28.91 12.34 17.11
N GLY B 431 -28.55 11.24 16.44
CA GLY B 431 -29.36 10.04 16.51
C GLY B 431 -29.69 9.61 17.93
N ASP B 432 -28.87 10.04 18.88
CA ASP B 432 -29.07 9.70 20.29
C ASP B 432 -30.47 10.16 20.75
N ILE B 433 -31.04 11.13 20.03
CA ILE B 433 -32.35 11.67 20.36
C ILE B 433 -33.43 10.99 19.52
N LEU B 434 -33.27 11.01 18.21
CA LEU B 434 -34.26 10.40 17.31
C LEU B 434 -34.44 8.92 17.63
N GLU B 435 -33.35 8.21 17.88
CA GLU B 435 -33.39 6.78 18.20
C GLU B 435 -33.99 6.56 19.59
N ASN B 436 -34.09 7.62 20.36
CA ASN B 436 -34.63 7.56 21.71
C ASN B 436 -36.15 7.78 21.67
N LEU B 437 -36.71 7.84 20.46
CA LEU B 437 -38.14 8.03 20.28
C LEU B 437 -38.78 6.85 19.53
N TYR B 438 -38.04 6.24 18.61
CA TYR B 438 -38.57 5.10 17.86
C TYR B 438 -38.89 3.91 18.74
N PHE B 439 -37.85 3.22 19.19
CA PHE B 439 -38.03 2.05 20.03
C PHE B 439 -38.86 2.31 21.27
N GLN B 440 -39.58 1.28 21.70
CA GLN B 440 -40.45 1.34 22.86
C GLN B 440 -39.66 1.72 24.12
N LEU C 2 59.50 -31.55 32.23
CA LEU C 2 58.40 -32.55 32.18
C LEU C 2 58.25 -33.29 33.51
N SER C 3 57.03 -33.29 34.03
CA SER C 3 56.72 -33.96 35.28
C SER C 3 56.86 -35.48 35.16
N PRO C 4 56.88 -36.19 36.29
CA PRO C 4 57.00 -37.65 36.29
C PRO C 4 55.88 -38.28 35.47
N ALA C 5 54.66 -37.81 35.70
CA ALA C 5 53.48 -38.30 34.99
C ALA C 5 53.63 -38.21 33.48
N VAL C 6 54.20 -37.12 32.98
CA VAL C 6 54.38 -36.96 31.55
C VAL C 6 55.41 -37.98 31.08
N GLN C 7 56.51 -38.09 31.81
CA GLN C 7 57.56 -39.03 31.44
C GLN C 7 57.04 -40.46 31.42
N THR C 8 56.09 -40.74 32.31
CA THR C 8 55.45 -42.06 32.39
C THR C 8 54.61 -42.26 31.14
N PHE C 9 53.88 -41.22 30.76
CA PHE C 9 53.02 -41.25 29.57
C PHE C 9 53.88 -41.55 28.35
N TRP C 10 55.08 -40.99 28.31
CA TRP C 10 55.98 -41.20 27.19
C TRP C 10 56.56 -42.60 27.17
N LYS C 11 56.75 -43.18 28.36
CA LYS C 11 57.29 -44.53 28.49
C LYS C 11 56.24 -45.48 27.92
N TRP C 12 54.99 -45.25 28.31
CA TRP C 12 53.87 -46.04 27.85
C TRP C 12 53.73 -46.05 26.32
N LEU C 13 53.82 -44.88 25.70
CA LEU C 13 53.69 -44.80 24.26
C LEU C 13 54.86 -45.53 23.66
N GLN C 14 55.96 -45.58 24.39
CA GLN C 14 57.15 -46.25 23.92
C GLN C 14 56.99 -47.77 23.93
N GLU C 15 56.42 -48.29 25.00
CA GLU C 15 56.21 -49.73 25.11
C GLU C 15 55.14 -50.14 24.12
N GLU C 16 54.08 -49.33 24.03
CA GLU C 16 52.98 -49.62 23.11
C GLU C 16 53.46 -49.63 21.67
N GLY C 17 54.75 -49.34 21.46
CA GLY C 17 55.31 -49.34 20.12
C GLY C 17 54.96 -48.12 19.31
N VAL C 18 54.41 -47.10 19.97
CA VAL C 18 54.03 -45.86 19.30
C VAL C 18 55.22 -44.93 19.10
N ILE C 19 56.04 -44.79 20.14
CA ILE C 19 57.23 -43.94 20.12
C ILE C 19 58.48 -44.77 19.84
N THR C 20 59.31 -44.29 18.92
CA THR C 20 60.56 -44.98 18.58
C THR C 20 61.65 -43.95 18.32
N ALA C 21 62.81 -44.43 17.90
CA ALA C 21 63.92 -43.52 17.61
C ALA C 21 63.55 -42.60 16.44
N LYS C 22 62.69 -43.10 15.55
CA LYS C 22 62.25 -42.33 14.40
C LYS C 22 61.32 -41.16 14.74
N THR C 23 60.71 -41.18 15.93
CA THR C 23 59.83 -40.11 16.37
C THR C 23 60.66 -38.82 16.49
N PRO C 24 60.34 -37.82 15.64
CA PRO C 24 61.03 -36.53 15.59
C PRO C 24 60.56 -35.51 16.61
N VAL C 25 59.58 -35.89 17.41
CA VAL C 25 59.04 -34.95 18.36
C VAL C 25 59.00 -35.51 19.79
N LYS C 26 58.90 -34.62 20.78
CA LYS C 26 58.83 -35.02 22.19
C LYS C 26 57.89 -34.07 22.93
N ALA C 27 57.51 -34.43 24.16
CA ALA C 27 56.61 -33.56 24.92
C ALA C 27 57.42 -32.43 25.56
N SER C 28 56.74 -31.32 25.86
CA SER C 28 57.41 -30.17 26.48
C SER C 28 56.42 -29.23 27.15
N VAL C 29 56.88 -28.58 28.21
CA VAL C 29 56.06 -27.62 28.94
C VAL C 29 56.19 -26.31 28.18
N VAL C 30 55.11 -25.90 27.54
CA VAL C 30 55.15 -24.67 26.76
C VAL C 30 54.05 -23.76 27.21
N THR C 31 54.12 -22.51 26.78
CA THR C 31 53.15 -21.52 27.18
C THR C 31 51.70 -22.01 27.02
N GLU C 32 51.39 -22.74 25.96
CA GLU C 32 50.02 -23.23 25.76
C GLU C 32 49.67 -24.41 26.68
N GLY C 33 50.65 -24.89 27.46
CA GLY C 33 50.44 -26.01 28.37
C GLY C 33 51.47 -27.04 28.00
N LEU C 34 51.02 -28.24 27.62
CA LEU C 34 51.96 -29.25 27.13
C LEU C 34 51.86 -29.10 25.61
N GLY C 35 52.94 -29.43 24.92
CA GLY C 35 52.94 -29.31 23.47
C GLY C 35 54.05 -30.16 22.90
N LEU C 36 54.15 -30.22 21.57
CA LEU C 36 55.17 -31.03 20.94
C LEU C 36 56.33 -30.23 20.37
N VAL C 37 57.54 -30.60 20.77
CA VAL C 37 58.75 -29.93 20.32
C VAL C 37 59.56 -30.85 19.42
N ALA C 38 60.09 -30.29 18.33
CA ALA C 38 60.88 -31.09 17.41
C ALA C 38 62.20 -31.51 18.04
N LEU C 39 62.60 -32.75 17.78
CA LEU C 39 63.86 -33.27 18.30
C LEU C 39 64.89 -33.10 17.21
N LYS C 40 64.40 -32.69 16.05
CA LYS C 40 65.28 -32.47 14.92
C LYS C 40 64.47 -31.68 13.92
N ASP C 41 65.13 -31.17 12.89
CA ASP C 41 64.43 -30.43 11.87
C ASP C 41 63.32 -31.28 11.28
N ILE C 42 62.20 -30.64 10.98
CA ILE C 42 61.08 -31.32 10.41
C ILE C 42 60.65 -30.56 9.18
N SER C 43 60.49 -31.25 8.07
CA SER C 43 60.07 -30.56 6.87
C SER C 43 58.58 -30.53 6.80
N ARG C 44 58.06 -29.62 5.97
CA ARG C 44 56.62 -29.51 5.82
C ARG C 44 56.11 -30.86 5.35
N ASN C 45 54.98 -31.28 5.92
CA ASN C 45 54.32 -32.54 5.60
C ASN C 45 54.96 -33.84 6.09
N ASP C 46 56.04 -33.73 6.85
CA ASP C 46 56.67 -34.92 7.42
C ASP C 46 55.62 -35.49 8.39
N VAL C 47 55.68 -36.81 8.59
CA VAL C 47 54.77 -37.47 9.51
C VAL C 47 55.40 -37.30 10.89
N ILE C 48 54.65 -36.75 11.84
CA ILE C 48 55.18 -36.53 13.19
C ILE C 48 54.98 -37.74 14.08
N LEU C 49 53.84 -38.41 13.92
CA LEU C 49 53.53 -39.57 14.74
C LEU C 49 52.29 -40.29 14.22
N GLN C 50 52.13 -41.56 14.60
CA GLN C 50 50.98 -42.36 14.18
C GLN C 50 50.52 -43.22 15.33
N VAL C 51 49.26 -43.05 15.71
CA VAL C 51 48.71 -43.82 16.81
C VAL C 51 47.80 -44.92 16.26
N PRO C 52 47.90 -46.14 16.82
CA PRO C 52 47.09 -47.30 16.40
C PRO C 52 45.63 -47.21 16.88
N LYS C 53 44.69 -47.56 16.00
CA LYS C 53 43.26 -47.50 16.31
C LYS C 53 42.90 -48.10 17.65
N ARG C 54 43.73 -49.04 18.09
CA ARG C 54 43.56 -49.74 19.35
C ARG C 54 43.46 -48.72 20.46
N LEU C 55 44.09 -47.56 20.24
CA LEU C 55 44.12 -46.49 21.22
C LEU C 55 43.12 -45.34 21.07
N TRP C 56 42.24 -45.38 20.06
CA TRP C 56 41.24 -44.32 19.92
C TRP C 56 40.35 -44.38 21.15
N ILE C 57 39.42 -43.44 21.19
CA ILE C 57 38.42 -43.36 22.23
C ILE C 57 37.31 -42.63 21.52
N ASN C 58 36.53 -43.39 20.77
CA ASN C 58 35.42 -42.87 20.01
C ASN C 58 34.25 -43.81 20.23
N PRO C 59 33.06 -43.43 19.75
CA PRO C 59 31.86 -44.26 19.91
C PRO C 59 32.10 -45.77 19.70
N ASP C 60 32.82 -46.13 18.64
CA ASP C 60 33.09 -47.54 18.39
C ASP C 60 33.76 -48.20 19.59
N ALA C 61 34.70 -47.49 20.21
CA ALA C 61 35.39 -48.03 21.36
C ALA C 61 34.44 -48.26 22.53
N VAL C 62 33.47 -47.37 22.74
CA VAL C 62 32.55 -47.54 23.85
C VAL C 62 31.56 -48.65 23.54
N ALA C 63 31.26 -48.85 22.26
CA ALA C 63 30.31 -49.87 21.83
C ALA C 63 30.89 -51.27 22.04
N ALA C 64 32.22 -51.38 22.06
CA ALA C 64 32.85 -52.67 22.24
C ALA C 64 33.33 -52.84 23.69
N SER C 65 32.87 -51.96 24.58
CA SER C 65 33.27 -52.03 25.98
C SER C 65 32.16 -52.60 26.86
N GLU C 66 32.48 -52.87 28.11
CA GLU C 66 31.50 -53.41 29.04
C GLU C 66 30.24 -52.57 29.08
N ILE C 67 30.37 -51.28 28.82
CA ILE C 67 29.20 -50.42 28.85
C ILE C 67 28.62 -50.17 27.46
N GLY C 68 29.05 -50.95 26.48
CA GLY C 68 28.54 -50.78 25.13
C GLY C 68 27.05 -50.98 25.00
N ARG C 69 26.54 -51.99 25.70
CA ARG C 69 25.12 -52.32 25.69
C ARG C 69 24.27 -51.19 26.24
N VAL C 70 24.52 -50.85 27.50
CA VAL C 70 23.78 -49.80 28.19
C VAL C 70 23.73 -48.45 27.49
N CYS C 71 24.69 -48.18 26.61
CA CYS C 71 24.73 -46.91 25.90
C CYS C 71 24.33 -47.04 24.44
N SER C 72 23.85 -48.21 24.06
CA SER C 72 23.44 -48.48 22.68
C SER C 72 22.49 -47.44 22.08
N GLU C 73 21.63 -46.84 22.90
CA GLU C 73 20.67 -45.85 22.41
C GLU C 73 21.06 -44.41 22.71
N LEU C 74 22.22 -44.22 23.33
CA LEU C 74 22.70 -42.89 23.67
C LEU C 74 23.34 -42.20 22.48
N LYS C 75 23.27 -40.87 22.46
CA LYS C 75 23.87 -40.11 21.39
C LYS C 75 25.38 -40.30 21.45
N PRO C 76 26.05 -40.26 20.29
CA PRO C 76 27.50 -40.43 20.21
C PRO C 76 28.34 -39.72 21.27
N TRP C 77 28.14 -38.41 21.45
CA TRP C 77 28.96 -37.70 22.44
C TRP C 77 28.64 -38.05 23.89
N LEU C 78 27.37 -38.33 24.18
CA LEU C 78 26.99 -38.69 25.55
C LEU C 78 27.67 -40.00 25.94
N SER C 79 27.78 -40.92 24.99
CA SER C 79 28.43 -42.20 25.23
C SER C 79 29.90 -42.02 25.56
N VAL C 80 30.56 -41.16 24.81
CA VAL C 80 31.98 -40.91 25.04
C VAL C 80 32.22 -40.28 26.39
N ILE C 81 31.29 -39.43 26.82
CA ILE C 81 31.43 -38.80 28.11
C ILE C 81 31.46 -39.87 29.21
N LEU C 82 30.46 -40.75 29.22
CA LEU C 82 30.40 -41.81 30.21
C LEU C 82 31.67 -42.64 30.18
N PHE C 83 32.02 -43.13 29.01
CA PHE C 83 33.22 -43.93 28.83
C PHE C 83 34.44 -43.25 29.45
N LEU C 84 34.64 -41.99 29.11
CA LEU C 84 35.77 -41.20 29.61
C LEU C 84 35.77 -41.09 31.13
N ILE C 85 34.60 -40.82 31.70
CA ILE C 85 34.51 -40.71 33.15
C ILE C 85 34.77 -42.07 33.79
N ARG C 86 34.28 -43.12 33.13
CA ARG C 86 34.45 -44.49 33.63
C ARG C 86 35.91 -44.90 33.64
N GLU C 87 36.58 -44.81 32.50
CA GLU C 87 37.99 -45.19 32.39
C GLU C 87 38.88 -44.39 33.33
N ARG C 88 38.48 -43.16 33.63
CA ARG C 88 39.26 -42.31 34.50
C ARG C 88 39.29 -42.94 35.90
N SER C 89 38.17 -43.55 36.28
CA SER C 89 38.00 -44.20 37.59
C SER C 89 38.76 -45.52 37.75
N ARG C 90 38.70 -46.35 36.72
CA ARG C 90 39.38 -47.64 36.74
C ARG C 90 40.88 -47.46 36.97
N GLU C 91 41.42 -48.19 37.92
CA GLU C 91 42.85 -48.11 38.24
C GLU C 91 43.67 -49.03 37.36
N ASP C 92 43.00 -49.69 36.42
CA ASP C 92 43.67 -50.60 35.51
C ASP C 92 43.26 -50.29 34.07
N SER C 93 42.80 -49.07 33.84
CA SER C 93 42.39 -48.67 32.50
C SER C 93 43.57 -48.65 31.56
N VAL C 94 43.31 -48.78 30.26
CA VAL C 94 44.37 -48.79 29.27
C VAL C 94 44.95 -47.40 29.06
N TRP C 95 44.20 -46.38 29.47
CA TRP C 95 44.65 -45.01 29.31
C TRP C 95 44.94 -44.41 30.68
N LYS C 96 45.43 -45.25 31.58
CA LYS C 96 45.77 -44.81 32.93
C LYS C 96 46.80 -43.67 32.87
N HIS C 97 47.85 -43.84 32.08
CA HIS C 97 48.89 -42.85 31.95
C HIS C 97 48.44 -41.63 31.17
N TYR C 98 47.47 -41.84 30.29
CA TYR C 98 46.92 -40.78 29.46
C TYR C 98 46.13 -39.81 30.35
N PHE C 99 45.21 -40.34 31.16
CA PHE C 99 44.41 -39.50 32.05
C PHE C 99 45.27 -38.75 33.07
N GLY C 100 46.48 -39.25 33.31
CA GLY C 100 47.36 -38.62 34.28
C GLY C 100 48.10 -37.45 33.70
N ILE C 101 47.77 -37.12 32.46
CA ILE C 101 48.38 -36.02 31.73
C ILE C 101 47.35 -34.94 31.42
N LEU C 102 46.11 -35.36 31.22
CA LEU C 102 45.01 -34.45 30.90
C LEU C 102 44.80 -33.35 31.95
N PRO C 103 44.66 -32.10 31.51
CA PRO C 103 44.44 -31.00 32.44
C PRO C 103 43.04 -31.13 33.03
N GLN C 104 42.87 -30.80 34.29
CA GLN C 104 41.55 -30.91 34.90
C GLN C 104 40.65 -29.80 34.44
N GLU C 105 41.22 -28.81 33.78
CA GLU C 105 40.42 -27.67 33.33
C GLU C 105 41.10 -26.91 32.19
N THR C 106 40.33 -26.09 31.48
CA THR C 106 40.87 -25.27 30.40
C THR C 106 40.35 -23.87 30.65
N ASP C 107 40.61 -22.95 29.73
CA ASP C 107 40.11 -21.60 29.92
C ASP C 107 38.78 -21.43 29.22
N SER C 108 38.15 -22.54 28.88
CA SER C 108 36.84 -22.49 28.24
C SER C 108 35.94 -21.81 29.23
N THR C 109 34.98 -21.03 28.74
CA THR C 109 34.06 -20.32 29.62
C THR C 109 33.19 -21.22 30.48
N ILE C 110 33.05 -22.49 30.10
CA ILE C 110 32.23 -23.41 30.89
C ILE C 110 32.85 -23.63 32.27
N TYR C 111 34.09 -23.21 32.45
CA TYR C 111 34.77 -23.38 33.72
C TYR C 111 34.97 -22.07 34.46
N TRP C 112 34.54 -20.97 33.86
CA TRP C 112 34.72 -19.65 34.49
C TRP C 112 33.87 -19.46 35.74
N SER C 113 34.39 -18.70 36.68
CA SER C 113 33.69 -18.41 37.92
C SER C 113 32.64 -17.36 37.63
N GLU C 114 31.80 -17.09 38.60
CA GLU C 114 30.75 -16.10 38.46
C GLU C 114 31.34 -14.71 38.23
N GLU C 115 32.42 -14.39 38.93
CA GLU C 115 33.07 -13.08 38.78
C GLU C 115 33.65 -13.01 37.38
N GLU C 116 34.38 -14.05 37.01
CA GLU C 116 34.99 -14.10 35.70
C GLU C 116 33.96 -13.90 34.60
N LEU C 117 32.82 -14.60 34.71
CA LEU C 117 31.77 -14.47 33.71
C LEU C 117 31.19 -13.06 33.63
N GLN C 118 31.26 -12.31 34.72
CA GLN C 118 30.74 -10.94 34.77
C GLN C 118 31.49 -10.08 33.78
N GLU C 119 32.71 -10.49 33.48
CA GLU C 119 33.56 -9.77 32.55
C GLU C 119 33.04 -9.90 31.11
N LEU C 120 32.05 -10.76 30.92
CA LEU C 120 31.45 -11.00 29.60
C LEU C 120 30.02 -10.48 29.58
N GLN C 121 29.62 -9.81 30.66
CA GLN C 121 28.28 -9.25 30.79
C GLN C 121 27.79 -8.58 29.51
N GLY C 122 26.57 -8.92 29.10
CA GLY C 122 26.01 -8.35 27.90
C GLY C 122 26.40 -9.01 26.59
N SER C 123 27.45 -9.81 26.61
CA SER C 123 27.94 -10.47 25.40
C SER C 123 27.18 -11.69 24.94
N GLN C 124 27.28 -11.97 23.65
CA GLN C 124 26.62 -13.14 23.08
C GLN C 124 27.31 -14.39 23.60
N LEU C 125 28.64 -14.36 23.68
CA LEU C 125 29.39 -15.51 24.17
C LEU C 125 28.83 -16.01 25.50
N LEU C 126 28.48 -15.07 26.37
CA LEU C 126 27.93 -15.42 27.67
C LEU C 126 26.60 -16.16 27.55
N LYS C 127 25.65 -15.59 26.81
CA LYS C 127 24.35 -16.22 26.63
C LYS C 127 24.59 -17.64 26.11
N THR C 128 25.44 -17.76 25.10
CA THR C 128 25.73 -19.06 24.50
C THR C 128 26.31 -20.05 25.50
N THR C 129 27.31 -19.62 26.26
CA THR C 129 27.92 -20.51 27.23
C THR C 129 26.90 -20.97 28.26
N VAL C 130 26.07 -20.04 28.71
CA VAL C 130 25.05 -20.38 29.70
C VAL C 130 24.10 -21.44 29.12
N SER C 131 23.69 -21.26 27.87
CA SER C 131 22.80 -22.23 27.22
C SER C 131 23.49 -23.56 27.14
N VAL C 132 24.74 -23.55 26.72
CA VAL C 132 25.48 -24.80 26.60
C VAL C 132 25.69 -25.47 27.95
N LYS C 133 26.06 -24.71 28.97
CA LYS C 133 26.27 -25.31 30.27
C LYS C 133 24.97 -25.93 30.79
N GLU C 134 23.88 -25.21 30.62
CA GLU C 134 22.58 -25.67 31.08
C GLU C 134 22.18 -26.98 30.40
N TYR C 135 22.14 -26.96 29.07
CA TYR C 135 21.76 -28.14 28.28
C TYR C 135 22.59 -29.37 28.66
N VAL C 136 23.91 -29.21 28.72
CA VAL C 136 24.78 -30.31 29.07
C VAL C 136 24.41 -30.84 30.46
N LYS C 137 24.04 -29.92 31.35
CA LYS C 137 23.65 -30.31 32.70
C LYS C 137 22.46 -31.25 32.63
N ASN C 138 21.39 -30.84 31.96
CA ASN C 138 20.21 -31.68 31.86
C ASN C 138 20.54 -33.05 31.26
N GLU C 139 21.11 -33.05 30.06
CA GLU C 139 21.45 -34.31 29.39
C GLU C 139 22.25 -35.23 30.30
N CYS C 140 23.15 -34.65 31.10
CA CYS C 140 23.96 -35.45 32.00
C CYS C 140 23.18 -36.00 33.20
N LEU C 141 22.17 -35.27 33.64
CA LEU C 141 21.37 -35.71 34.78
C LEU C 141 20.58 -36.95 34.36
N LYS C 142 20.04 -36.91 33.15
CA LYS C 142 19.26 -38.02 32.61
C LYS C 142 20.14 -39.26 32.52
N LEU C 143 21.41 -39.06 32.18
CA LEU C 143 22.34 -40.18 32.07
C LEU C 143 22.49 -40.82 33.44
N GLU C 144 22.61 -40.00 34.46
CA GLU C 144 22.78 -40.49 35.82
C GLU C 144 21.60 -41.34 36.26
N GLN C 145 20.40 -40.79 36.09
CA GLN C 145 19.18 -41.49 36.48
C GLN C 145 18.75 -42.61 35.53
N GLU C 146 19.34 -42.68 34.34
CA GLU C 146 18.93 -43.71 33.40
C GLU C 146 20.00 -44.70 32.96
N ILE C 147 21.25 -44.45 33.36
CA ILE C 147 22.33 -45.36 32.99
C ILE C 147 23.32 -45.56 34.13
N ILE C 148 23.72 -44.46 34.77
CA ILE C 148 24.70 -44.54 35.86
C ILE C 148 24.18 -45.19 37.14
N LEU C 149 23.01 -44.77 37.62
CA LEU C 149 22.47 -45.34 38.84
C LEU C 149 21.97 -46.77 38.65
N PRO C 150 21.03 -46.98 37.71
CA PRO C 150 20.52 -48.33 37.49
C PRO C 150 21.58 -49.39 37.24
N ASN C 151 22.75 -48.98 36.76
CA ASN C 151 23.84 -49.92 36.48
C ASN C 151 25.02 -49.70 37.41
N LYS C 152 24.74 -49.68 38.71
CA LYS C 152 25.75 -49.49 39.74
C LYS C 152 26.94 -50.45 39.60
N ARG C 153 26.74 -51.54 38.87
CA ARG C 153 27.80 -52.52 38.66
C ARG C 153 28.86 -51.98 37.72
N LEU C 154 28.42 -51.23 36.71
CA LEU C 154 29.32 -50.64 35.74
C LEU C 154 29.84 -49.29 36.19
N PHE C 155 29.04 -48.59 37.00
CA PHE C 155 29.45 -47.29 37.50
C PHE C 155 29.39 -47.29 39.04
N PRO C 156 30.40 -47.89 39.68
CA PRO C 156 30.52 -47.99 41.14
C PRO C 156 30.54 -46.63 41.85
N ASP C 157 31.52 -45.81 41.50
CA ASP C 157 31.70 -44.49 42.10
C ASP C 157 30.65 -43.51 41.61
N PRO C 158 30.31 -42.52 42.45
CA PRO C 158 29.31 -41.51 42.09
C PRO C 158 29.84 -40.59 40.99
N VAL C 159 28.95 -39.93 40.26
CA VAL C 159 29.36 -39.02 39.20
C VAL C 159 28.86 -37.62 39.48
N THR C 160 29.77 -36.67 39.62
CA THR C 160 29.40 -35.28 39.88
C THR C 160 29.31 -34.46 38.60
N LEU C 161 28.73 -33.26 38.71
CA LEU C 161 28.59 -32.39 37.56
C LEU C 161 29.97 -32.05 37.06
N ASP C 162 30.90 -31.89 38.01
CA ASP C 162 32.28 -31.58 37.68
C ASP C 162 32.84 -32.65 36.75
N ASP C 163 32.51 -33.91 37.00
CA ASP C 163 32.98 -35.02 36.18
C ASP C 163 32.39 -34.92 34.76
N PHE C 164 31.13 -34.49 34.67
CA PHE C 164 30.48 -34.33 33.39
C PHE C 164 31.07 -33.19 32.57
N PHE C 165 31.21 -32.02 33.19
CA PHE C 165 31.78 -30.87 32.50
C PHE C 165 33.24 -31.14 32.15
N TRP C 166 33.88 -32.03 32.92
CA TRP C 166 35.27 -32.36 32.65
C TRP C 166 35.36 -33.16 31.35
N ALA C 167 34.44 -34.11 31.19
CA ALA C 167 34.41 -34.95 29.99
C ALA C 167 33.97 -34.14 28.79
N PHE C 168 32.95 -33.32 28.98
CA PHE C 168 32.46 -32.48 27.91
C PHE C 168 33.63 -31.62 27.45
N GLY C 169 34.29 -30.97 28.41
CA GLY C 169 35.43 -30.13 28.09
C GLY C 169 36.52 -30.87 27.31
N ILE C 170 36.81 -32.09 27.73
CA ILE C 170 37.83 -32.89 27.06
C ILE C 170 37.38 -33.14 25.61
N LEU C 171 36.13 -33.53 25.46
CA LEU C 171 35.59 -33.80 24.13
C LEU C 171 35.69 -32.59 23.20
N ARG C 172 35.14 -31.46 23.64
CA ARG C 172 35.16 -30.23 22.85
C ARG C 172 36.54 -29.67 22.55
N SER C 173 37.45 -29.76 23.50
CA SER C 173 38.78 -29.20 23.28
C SER C 173 39.85 -30.16 22.77
N ARG C 174 39.55 -31.46 22.68
CA ARG C 174 40.54 -32.43 22.22
C ARG C 174 40.20 -33.36 21.06
N ALA C 175 38.94 -33.74 20.95
CA ALA C 175 38.56 -34.68 19.88
C ALA C 175 38.78 -34.14 18.48
N PHE C 176 39.17 -35.04 17.57
CA PHE C 176 39.34 -34.69 16.18
C PHE C 176 38.07 -35.16 15.47
N SER C 177 37.46 -34.29 14.70
CA SER C 177 36.23 -34.65 14.00
C SER C 177 36.37 -34.49 12.50
N ARG C 178 37.43 -33.80 12.07
CA ARG C 178 37.63 -33.57 10.65
C ARG C 178 38.31 -34.77 10.05
N LEU C 179 37.65 -35.91 10.18
CA LEU C 179 38.14 -37.18 9.69
C LEU C 179 36.98 -37.79 8.90
N ARG C 180 37.28 -38.71 7.98
CA ARG C 180 36.23 -39.34 7.20
C ARG C 180 35.63 -40.54 7.93
N ASN C 181 34.30 -40.56 8.02
CA ASN C 181 33.59 -41.65 8.70
C ASN C 181 33.83 -41.60 10.21
N GLU C 182 34.52 -40.56 10.65
CA GLU C 182 34.83 -40.37 12.05
C GLU C 182 34.72 -38.89 12.41
N ASN C 183 33.64 -38.55 13.09
CA ASN C 183 33.41 -37.17 13.48
C ASN C 183 33.46 -36.92 14.99
N LEU C 184 34.25 -37.73 15.69
CA LEU C 184 34.42 -37.61 17.14
C LEU C 184 35.41 -38.66 17.63
N VAL C 185 36.70 -38.34 17.60
CA VAL C 185 37.76 -39.27 18.02
C VAL C 185 38.82 -38.62 18.90
N VAL C 186 39.23 -39.36 19.93
CA VAL C 186 40.23 -38.88 20.88
C VAL C 186 41.53 -39.66 20.70
N VAL C 187 42.59 -38.98 20.27
CA VAL C 187 43.87 -39.66 20.07
C VAL C 187 44.95 -39.25 21.05
N PRO C 188 45.30 -40.15 21.98
CA PRO C 188 46.30 -39.98 23.03
C PRO C 188 47.55 -39.11 22.81
N MET C 189 48.42 -39.43 21.86
CA MET C 189 49.61 -38.57 21.75
C MET C 189 49.39 -37.42 20.77
N ALA C 190 48.59 -37.69 19.75
CA ALA C 190 48.30 -36.72 18.73
C ALA C 190 47.62 -35.46 19.29
N ASP C 191 46.90 -35.61 20.41
CA ASP C 191 46.19 -34.47 20.95
C ASP C 191 46.99 -33.48 21.78
N LEU C 192 48.32 -33.57 21.67
CA LEU C 192 49.20 -32.65 22.39
C LEU C 192 49.68 -31.48 21.51
N ILE C 193 49.38 -31.55 20.21
CA ILE C 193 49.80 -30.52 19.28
C ILE C 193 48.90 -29.28 19.45
N ASN C 194 49.54 -28.11 19.57
CA ASN C 194 48.78 -26.88 19.75
C ASN C 194 48.47 -26.12 18.46
N HIS C 195 47.68 -25.06 18.62
CA HIS C 195 47.27 -24.20 17.53
C HIS C 195 48.17 -22.98 17.31
N SER C 196 48.32 -22.58 16.05
CA SER C 196 49.10 -21.40 15.74
C SER C 196 48.58 -20.74 14.47
N ALA C 197 48.27 -19.46 14.61
CA ALA C 197 47.77 -18.70 13.48
C ALA C 197 48.81 -18.75 12.35
N GLY C 198 50.00 -19.24 12.66
CA GLY C 198 51.05 -19.32 11.66
C GLY C 198 50.75 -20.35 10.59
N VAL C 199 49.76 -21.20 10.86
CA VAL C 199 49.37 -22.24 9.93
C VAL C 199 48.12 -21.74 9.21
N THR C 200 48.22 -21.53 7.90
CA THR C 200 47.10 -20.99 7.17
C THR C 200 46.45 -21.85 6.11
N THR C 201 46.06 -23.07 6.46
CA THR C 201 45.45 -23.93 5.47
C THR C 201 44.37 -24.83 6.04
N GLU C 202 44.69 -25.42 7.20
CA GLU C 202 43.84 -26.37 7.93
C GLU C 202 43.30 -27.47 7.00
N ASP C 203 44.13 -27.88 6.06
CA ASP C 203 43.73 -28.91 5.13
C ASP C 203 43.91 -30.24 5.83
N HIS C 204 43.56 -30.25 7.12
CA HIS C 204 43.66 -31.43 7.97
C HIS C 204 45.10 -31.92 7.91
N ALA C 205 45.83 -31.72 8.99
CA ALA C 205 47.21 -32.16 9.02
C ALA C 205 47.22 -33.62 9.45
N TYR C 206 46.03 -34.20 9.58
CA TYR C 206 45.91 -35.57 10.05
C TYR C 206 44.93 -36.42 9.23
N GLU C 207 45.24 -37.70 9.13
CA GLU C 207 44.40 -38.63 8.38
C GLU C 207 44.51 -40.04 8.92
N VAL C 208 43.63 -40.89 8.42
CA VAL C 208 43.66 -42.28 8.81
C VAL C 208 44.22 -43.02 7.62
N LYS C 209 45.34 -43.69 7.82
CA LYS C 209 45.93 -44.46 6.75
C LYS C 209 46.04 -45.91 7.26
N GLY C 210 45.75 -46.86 6.36
CA GLY C 210 45.81 -48.27 6.73
C GLY C 210 47.09 -48.92 6.25
N ALA C 211 47.30 -50.16 6.66
CA ALA C 211 48.50 -50.92 6.28
C ALA C 211 48.26 -52.44 6.27
N ALA C 212 49.32 -53.20 6.01
CA ALA C 212 49.25 -54.67 5.98
C ALA C 212 47.98 -55.18 5.28
N GLY C 213 47.32 -56.14 5.92
CA GLY C 213 46.11 -56.70 5.35
C GLY C 213 44.88 -55.81 5.42
N LEU C 214 45.08 -54.54 5.81
CA LEU C 214 43.99 -53.57 5.91
C LEU C 214 42.90 -54.02 6.85
N PHE C 215 43.31 -54.61 7.97
CA PHE C 215 42.34 -55.06 8.97
C PHE C 215 42.02 -53.91 9.91
N SER C 216 40.81 -53.94 10.45
CA SER C 216 40.34 -52.92 11.37
C SER C 216 41.44 -52.34 12.26
N TRP C 217 42.20 -53.22 12.90
CA TRP C 217 43.28 -52.86 13.82
C TRP C 217 44.59 -52.35 13.17
N ASP C 218 44.74 -52.53 11.87
CA ASP C 218 45.94 -52.07 11.17
C ASP C 218 45.86 -50.57 10.85
N TYR C 219 44.69 -49.98 11.08
CA TYR C 219 44.49 -48.56 10.79
C TYR C 219 44.94 -47.66 11.92
N LEU C 220 45.61 -46.57 11.57
CA LEU C 220 46.08 -45.62 12.57
C LEU C 220 45.91 -44.15 12.21
N PHE C 221 45.99 -43.31 13.25
CA PHE C 221 45.87 -41.86 13.15
C PHE C 221 47.21 -41.31 12.71
N SER C 222 47.27 -40.77 11.51
CA SER C 222 48.54 -40.25 11.01
C SER C 222 48.53 -38.71 11.12
N LEU C 223 49.53 -38.18 11.81
CA LEU C 223 49.64 -36.74 12.00
C LEU C 223 50.95 -36.18 11.45
N LYS C 224 50.84 -35.28 10.48
CA LYS C 224 52.03 -34.68 9.90
C LYS C 224 52.10 -33.19 10.24
N SER C 225 53.30 -32.63 10.16
CA SER C 225 53.52 -31.23 10.45
C SER C 225 53.25 -30.37 9.22
N PRO C 226 52.18 -29.54 9.28
CA PRO C 226 51.83 -28.66 8.15
C PRO C 226 52.95 -27.68 7.81
N LEU C 227 53.77 -27.33 8.80
CA LEU C 227 54.87 -26.42 8.54
C LEU C 227 56.21 -27.04 8.78
N SER C 228 57.23 -26.31 8.32
CA SER C 228 58.60 -26.72 8.47
C SER C 228 59.02 -26.14 9.83
N VAL C 229 59.57 -26.98 10.70
CA VAL C 229 59.99 -26.56 12.03
C VAL C 229 61.45 -26.91 12.29
N LYS C 230 62.14 -26.10 13.10
CA LYS C 230 63.52 -26.38 13.42
C LYS C 230 63.62 -27.04 14.80
N ALA C 231 64.65 -27.88 14.96
CA ALA C 231 64.85 -28.60 16.22
C ALA C 231 64.70 -27.67 17.42
N GLY C 232 63.84 -28.05 18.35
CA GLY C 232 63.64 -27.23 19.53
C GLY C 232 62.42 -26.34 19.49
N GLU C 233 61.96 -26.00 18.29
CA GLU C 233 60.77 -25.15 18.16
C GLU C 233 59.53 -26.03 18.27
N GLN C 234 58.40 -25.43 18.62
CA GLN C 234 57.15 -26.18 18.76
C GLN C 234 56.52 -26.48 17.39
N VAL C 235 55.82 -27.60 17.32
CA VAL C 235 55.15 -28.03 16.10
C VAL C 235 53.66 -27.73 16.30
N TYR C 236 53.09 -26.94 15.40
CA TYR C 236 51.67 -26.57 15.50
C TYR C 236 50.86 -27.05 14.29
N ILE C 237 49.57 -26.80 14.35
CA ILE C 237 48.64 -27.11 13.26
C ILE C 237 47.57 -26.01 13.38
N GLN C 238 46.64 -25.97 12.42
CA GLN C 238 45.55 -25.00 12.46
C GLN C 238 44.27 -25.73 12.84
N TYR C 239 43.75 -25.42 14.02
CA TYR C 239 42.53 -26.05 14.51
C TYR C 239 41.32 -25.89 13.62
N ASP C 240 40.99 -24.66 13.25
CA ASP C 240 39.83 -24.44 12.41
C ASP C 240 39.89 -23.01 11.91
N LEU C 241 40.03 -22.82 10.60
CA LEU C 241 40.11 -21.48 10.08
C LEU C 241 38.78 -20.76 10.05
N ASN C 242 37.69 -21.50 10.09
CA ASN C 242 36.37 -20.91 10.02
C ASN C 242 35.66 -20.55 11.32
N LYS C 243 36.29 -20.88 12.45
CA LYS C 243 35.67 -20.57 13.73
C LYS C 243 35.87 -19.12 14.14
N SER C 244 34.86 -18.58 14.80
CA SER C 244 34.90 -17.22 15.32
C SER C 244 35.68 -17.33 16.62
N ASN C 245 36.05 -16.18 17.17
CA ASN C 245 36.76 -16.16 18.43
C ASN C 245 35.86 -16.73 19.53
N ALA C 246 34.57 -16.42 19.47
CA ALA C 246 33.61 -16.93 20.45
C ALA C 246 33.68 -18.44 20.46
N GLU C 247 33.80 -19.05 19.28
CA GLU C 247 33.89 -20.49 19.18
C GLU C 247 35.18 -20.98 19.84
N LEU C 248 36.32 -20.40 19.46
CA LEU C 248 37.60 -20.79 20.04
C LEU C 248 37.59 -20.63 21.56
N ALA C 249 36.91 -19.58 22.04
CA ALA C 249 36.82 -19.32 23.45
C ALA C 249 36.10 -20.47 24.15
N LEU C 250 34.96 -20.87 23.61
CA LEU C 250 34.18 -21.94 24.22
C LEU C 250 34.78 -23.35 24.04
N ASP C 251 35.22 -23.67 22.83
CA ASP C 251 35.78 -25.00 22.57
C ASP C 251 37.13 -25.20 23.20
N TYR C 252 38.00 -24.21 23.07
CA TYR C 252 39.34 -24.28 23.64
C TYR C 252 39.45 -23.10 24.59
N GLY C 253 40.57 -22.97 25.28
CA GLY C 253 40.65 -21.83 26.18
C GLY C 253 41.42 -20.66 25.61
N PHE C 254 41.05 -20.16 24.43
CA PHE C 254 41.83 -19.05 23.87
C PHE C 254 41.15 -18.38 22.70
N ILE C 255 41.65 -17.21 22.34
CA ILE C 255 41.13 -16.44 21.22
C ILE C 255 42.31 -15.85 20.45
N GLU C 256 42.05 -15.28 19.29
CA GLU C 256 43.12 -14.67 18.49
C GLU C 256 42.94 -13.17 18.37
N PRO C 257 44.03 -12.43 18.11
CA PRO C 257 44.08 -10.96 17.96
C PRO C 257 43.49 -10.55 16.62
N ASN C 258 43.49 -11.49 15.68
CA ASN C 258 42.96 -11.29 14.34
C ASN C 258 41.49 -10.84 14.36
N GLU C 259 41.25 -9.58 14.04
CA GLU C 259 39.89 -9.06 14.04
C GLU C 259 38.94 -9.77 13.09
N ASN C 260 39.47 -10.56 12.17
CA ASN C 260 38.59 -11.27 11.24
C ASN C 260 37.98 -12.51 11.88
N ARG C 261 38.38 -12.81 13.11
CA ARG C 261 37.84 -13.96 13.81
C ARG C 261 36.60 -13.52 14.58
N HIS C 262 36.43 -12.21 14.70
CA HIS C 262 35.28 -11.64 15.39
C HIS C 262 33.97 -11.86 14.64
N ALA C 263 32.97 -12.37 15.33
CA ALA C 263 31.69 -12.60 14.69
C ALA C 263 30.57 -12.43 15.69
N TYR C 264 29.35 -12.28 15.19
CA TYR C 264 28.18 -12.15 16.02
C TYR C 264 27.08 -12.83 15.23
N THR C 265 26.32 -13.72 15.87
CA THR C 265 25.28 -14.38 15.11
C THR C 265 23.87 -13.84 15.44
N LEU C 266 23.10 -13.63 14.38
CA LEU C 266 21.76 -13.13 14.52
C LEU C 266 20.83 -14.31 14.36
N THR C 267 19.77 -14.34 15.15
CA THR C 267 18.84 -15.42 15.03
C THR C 267 17.51 -14.93 14.50
N LEU C 268 17.09 -15.53 13.41
CA LEU C 268 15.86 -15.19 12.73
C LEU C 268 14.86 -16.33 12.83
N GLU C 269 13.57 -16.00 12.94
CA GLU C 269 12.58 -17.05 13.00
C GLU C 269 11.18 -16.62 12.63
N ILE C 270 10.49 -17.51 11.95
CA ILE C 270 9.12 -17.27 11.55
C ILE C 270 8.25 -17.61 12.75
N SER C 271 7.66 -16.60 13.37
CA SER C 271 6.83 -16.85 14.54
C SER C 271 5.50 -17.48 14.18
N GLU C 272 4.98 -18.30 15.07
CA GLU C 272 3.70 -18.96 14.83
C GLU C 272 2.54 -17.98 14.96
N SER C 273 2.82 -16.84 15.60
CA SER C 273 1.83 -15.80 15.81
C SER C 273 1.73 -14.90 14.59
N ASP C 274 2.54 -15.20 13.58
CA ASP C 274 2.52 -14.41 12.35
C ASP C 274 1.36 -14.91 11.49
N PRO C 275 0.40 -14.03 11.20
CA PRO C 275 -0.76 -14.39 10.38
C PRO C 275 -0.45 -15.11 9.07
N PHE C 276 0.81 -15.13 8.67
CA PHE C 276 1.16 -15.82 7.43
C PHE C 276 2.14 -16.94 7.69
N PHE C 277 2.19 -17.37 8.94
CA PHE C 277 3.09 -18.43 9.36
C PHE C 277 3.22 -19.59 8.39
N ASP C 278 2.15 -20.34 8.21
CA ASP C 278 2.17 -21.50 7.34
C ASP C 278 2.76 -21.29 5.96
N ASP C 279 2.42 -20.18 5.32
CA ASP C 279 2.93 -19.89 3.98
C ASP C 279 4.40 -19.51 4.02
N LYS C 280 4.79 -18.71 5.01
CA LYS C 280 6.17 -18.29 5.10
C LYS C 280 7.10 -19.45 5.42
N LEU C 281 6.66 -20.34 6.31
CA LEU C 281 7.48 -21.49 6.70
C LEU C 281 7.73 -22.34 5.48
N ASP C 282 6.68 -22.49 4.70
CA ASP C 282 6.74 -23.26 3.48
C ASP C 282 7.83 -22.66 2.60
N VAL C 283 7.67 -21.37 2.30
CA VAL C 283 8.64 -20.68 1.47
C VAL C 283 10.05 -20.89 2.01
N ALA C 284 10.21 -20.78 3.33
CA ALA C 284 11.52 -20.98 3.94
C ALA C 284 12.12 -22.36 3.70
N GLU C 285 11.40 -23.41 4.11
CA GLU C 285 11.89 -24.78 3.95
C GLU C 285 12.19 -25.13 2.51
N SER C 286 11.28 -24.78 1.63
CA SER C 286 11.46 -25.03 0.21
C SER C 286 12.72 -24.36 -0.33
N ASN C 287 13.37 -23.55 0.49
CA ASN C 287 14.56 -22.86 0.05
C ASN C 287 15.78 -23.09 0.92
N GLY C 288 15.76 -24.19 1.66
CA GLY C 288 16.90 -24.54 2.51
C GLY C 288 16.96 -23.91 3.89
N PHE C 289 15.86 -23.36 4.38
CA PHE C 289 15.89 -22.76 5.70
C PHE C 289 14.86 -23.36 6.61
N ALA C 290 15.06 -23.22 7.92
CA ALA C 290 14.13 -23.76 8.89
C ALA C 290 13.30 -22.67 9.56
N GLN C 291 12.34 -23.11 10.36
CA GLN C 291 11.44 -22.24 11.12
C GLN C 291 12.31 -21.29 11.92
N THR C 292 13.54 -21.71 12.19
CA THR C 292 14.51 -20.87 12.91
C THR C 292 15.81 -20.96 12.13
N ALA C 293 16.53 -19.85 12.07
CA ALA C 293 17.79 -19.83 11.34
C ALA C 293 18.80 -18.93 12.02
N TYR C 294 20.06 -19.33 11.97
CA TYR C 294 21.10 -18.53 12.56
C TYR C 294 22.02 -18.09 11.46
N PHE C 295 22.37 -16.81 11.46
CA PHE C 295 23.28 -16.28 10.45
C PHE C 295 24.49 -15.73 11.18
N ASP C 296 25.65 -16.25 10.82
CA ASP C 296 26.89 -15.79 11.42
C ASP C 296 27.44 -14.62 10.63
N ILE C 297 27.60 -13.50 11.32
CA ILE C 297 28.13 -12.28 10.73
C ILE C 297 29.55 -12.05 11.26
N PHE C 298 30.51 -12.06 10.35
CA PHE C 298 31.91 -11.87 10.71
C PHE C 298 32.36 -10.45 10.41
N TYR C 299 33.29 -9.95 11.21
CA TYR C 299 33.78 -8.61 11.01
C TYR C 299 34.46 -8.47 9.66
N ASN C 300 34.18 -7.37 8.99
CA ASN C 300 34.75 -7.07 7.68
C ASN C 300 34.43 -8.07 6.57
N ARG C 301 33.42 -8.89 6.78
CA ARG C 301 33.03 -9.86 5.76
C ARG C 301 31.62 -9.46 5.27
N THR C 302 31.29 -9.75 4.01
CA THR C 302 29.97 -9.38 3.50
C THR C 302 28.88 -10.17 4.19
N LEU C 303 27.70 -9.57 4.30
CA LEU C 303 26.57 -10.22 4.93
C LEU C 303 26.36 -11.57 4.30
N PRO C 304 26.06 -12.58 5.11
CA PRO C 304 25.83 -13.92 4.56
C PRO C 304 24.61 -13.97 3.64
N PRO C 305 24.65 -14.83 2.61
CA PRO C 305 23.49 -14.93 1.70
C PRO C 305 22.37 -15.54 2.51
N GLY C 306 21.14 -15.16 2.20
CA GLY C 306 20.02 -15.70 2.93
C GLY C 306 19.59 -14.82 4.07
N LEU C 307 20.52 -14.08 4.68
CA LEU C 307 20.15 -13.19 5.78
C LEU C 307 19.10 -12.15 5.37
N LEU C 308 19.36 -11.42 4.30
CA LEU C 308 18.43 -10.40 3.84
C LEU C 308 17.08 -10.96 3.44
N PRO C 309 17.07 -11.92 2.51
CA PRO C 309 15.78 -12.48 2.10
C PRO C 309 14.97 -13.01 3.28
N TYR C 310 15.66 -13.60 4.25
CA TYR C 310 14.97 -14.13 5.42
C TYR C 310 14.39 -12.98 6.27
N LEU C 311 15.14 -11.88 6.39
CA LEU C 311 14.67 -10.73 7.16
C LEU C 311 13.41 -10.23 6.46
N ARG C 312 13.46 -10.23 5.13
CA ARG C 312 12.35 -9.76 4.31
C ARG C 312 11.14 -10.67 4.46
N LEU C 313 11.39 -11.97 4.48
CA LEU C 313 10.29 -12.91 4.65
C LEU C 313 9.68 -12.71 6.02
N VAL C 314 10.53 -12.47 7.01
CA VAL C 314 10.05 -12.26 8.37
C VAL C 314 9.14 -11.03 8.47
N ALA C 315 9.61 -9.88 7.99
CA ALA C 315 8.84 -8.65 8.07
C ALA C 315 7.78 -8.49 6.98
N LEU C 316 7.57 -9.51 6.14
CA LEU C 316 6.61 -9.45 5.04
C LEU C 316 5.41 -8.51 5.23
N GLY C 317 4.30 -9.01 5.77
CA GLY C 317 3.15 -8.14 5.98
C GLY C 317 2.03 -8.13 4.94
N GLY C 318 0.87 -7.60 5.34
CA GLY C 318 -0.28 -7.54 4.45
C GLY C 318 -0.05 -7.03 3.03
N THR C 319 0.65 -5.90 2.89
CA THR C 319 0.93 -5.31 1.58
C THR C 319 1.62 -6.21 0.58
N ASP C 320 2.55 -7.01 1.06
CA ASP C 320 3.30 -7.88 0.17
C ASP C 320 2.87 -9.34 0.27
N ALA C 321 1.88 -9.60 1.13
CA ALA C 321 1.38 -10.97 1.32
C ALA C 321 0.97 -11.63 0.01
N PHE C 322 0.67 -10.85 -1.02
CA PHE C 322 0.28 -11.44 -2.29
C PHE C 322 1.39 -12.33 -2.84
N LEU C 323 2.63 -12.05 -2.46
CA LEU C 323 3.77 -12.85 -2.91
C LEU C 323 3.78 -14.28 -2.40
N LEU C 324 2.98 -14.56 -1.36
CA LEU C 324 2.90 -15.89 -0.77
C LEU C 324 1.95 -16.83 -1.52
N GLU C 325 1.18 -16.28 -2.46
CA GLU C 325 0.24 -17.08 -3.25
C GLU C 325 0.90 -18.13 -4.11
N SER C 326 0.14 -19.17 -4.43
CA SER C 326 0.62 -20.29 -5.25
C SER C 326 1.33 -19.79 -6.50
N LEU C 327 0.84 -18.68 -7.04
CA LEU C 327 1.40 -18.08 -8.23
C LEU C 327 2.89 -17.77 -8.15
N PHE C 328 3.36 -17.38 -6.96
CA PHE C 328 4.76 -17.01 -6.78
C PHE C 328 5.67 -18.02 -6.08
N ARG C 329 5.17 -19.22 -5.76
CA ARG C 329 6.00 -20.20 -5.08
C ARG C 329 7.13 -20.75 -5.92
N ASP C 330 7.66 -19.94 -6.82
CA ASP C 330 8.75 -20.39 -7.66
C ASP C 330 9.65 -19.22 -8.00
N THR C 331 9.24 -18.04 -7.52
CA THR C 331 9.98 -16.83 -7.79
C THR C 331 10.08 -15.96 -6.54
N ILE C 332 9.27 -16.30 -5.54
CA ILE C 332 9.22 -15.57 -4.28
C ILE C 332 10.61 -15.43 -3.66
N TRP C 333 11.42 -16.48 -3.70
CA TRP C 333 12.75 -16.39 -3.11
C TRP C 333 13.65 -15.43 -3.89
N GLY C 334 13.51 -15.43 -5.21
CA GLY C 334 14.32 -14.52 -6.01
C GLY C 334 13.92 -13.08 -5.69
N HIS C 335 12.61 -12.83 -5.54
CA HIS C 335 12.16 -11.50 -5.24
C HIS C 335 12.66 -11.12 -3.86
N LEU C 336 12.63 -12.07 -2.93
CA LEU C 336 13.12 -11.77 -1.59
C LEU C 336 14.61 -11.41 -1.67
N GLU C 337 15.31 -11.99 -2.64
CA GLU C 337 16.72 -11.67 -2.79
C GLU C 337 16.92 -10.28 -3.39
N LEU C 338 16.04 -9.89 -4.31
CA LEU C 338 16.14 -8.58 -4.93
C LEU C 338 15.50 -7.46 -4.13
N SER C 339 14.59 -7.82 -3.23
CA SER C 339 13.87 -6.91 -2.33
C SER C 339 12.39 -6.90 -2.69
N VAL C 340 11.54 -6.65 -1.70
CA VAL C 340 10.09 -6.66 -1.88
C VAL C 340 9.41 -5.29 -2.01
N SER C 341 9.55 -4.45 -0.99
CA SER C 341 8.93 -3.14 -1.04
C SER C 341 9.59 -2.22 -0.03
N ARG C 342 9.53 -0.93 -0.30
CA ARG C 342 10.15 0.05 0.58
C ARG C 342 9.68 -0.08 2.03
N ASP C 343 8.40 -0.36 2.24
CA ASP C 343 7.84 -0.48 3.60
C ASP C 343 8.41 -1.70 4.29
N ASN C 344 8.66 -2.72 3.49
CA ASN C 344 9.20 -3.96 3.99
C ASN C 344 10.67 -3.69 4.38
N GLU C 345 11.44 -3.15 3.43
CA GLU C 345 12.84 -2.84 3.67
C GLU C 345 13.05 -1.91 4.87
N GLU C 346 12.20 -0.90 5.00
CA GLU C 346 12.31 0.07 6.10
C GLU C 346 12.12 -0.57 7.46
N LEU C 347 11.13 -1.45 7.53
CA LEU C 347 10.77 -2.19 8.73
C LEU C 347 11.91 -3.05 9.24
N LEU C 348 12.45 -3.89 8.34
CA LEU C 348 13.53 -4.79 8.69
C LEU C 348 14.75 -4.00 9.08
N CYS C 349 14.97 -2.87 8.39
CA CYS C 349 16.11 -2.05 8.75
C CYS C 349 15.92 -1.63 10.20
N LYS C 350 14.74 -1.11 10.50
CA LYS C 350 14.50 -0.66 11.85
C LYS C 350 14.63 -1.76 12.89
N ALA C 351 14.14 -2.96 12.58
CA ALA C 351 14.23 -4.07 13.52
C ALA C 351 15.69 -4.38 13.84
N VAL C 352 16.50 -4.51 12.79
CA VAL C 352 17.93 -4.82 12.94
C VAL C 352 18.68 -3.76 13.77
N ARG C 353 18.47 -2.49 13.42
CA ARG C 353 19.14 -1.42 14.13
C ARG C 353 18.69 -1.33 15.57
N GLU C 354 17.41 -1.60 15.84
CA GLU C 354 16.95 -1.54 17.21
C GLU C 354 17.62 -2.63 18.01
N ALA C 355 17.77 -3.80 17.40
CA ALA C 355 18.39 -4.93 18.05
C ALA C 355 19.84 -4.59 18.40
N CYS C 356 20.56 -4.05 17.42
CA CYS C 356 21.96 -3.70 17.64
C CYS C 356 22.14 -2.71 18.79
N LYS C 357 21.33 -1.65 18.78
CA LYS C 357 21.42 -0.63 19.83
C LYS C 357 21.08 -1.19 21.20
N SER C 358 20.11 -2.08 21.24
CA SER C 358 19.71 -2.70 22.49
C SER C 358 20.87 -3.59 22.99
N ALA C 359 21.40 -4.40 22.08
CA ALA C 359 22.51 -5.30 22.41
C ALA C 359 23.71 -4.49 22.87
N LEU C 360 24.00 -3.40 22.16
CA LEU C 360 25.13 -2.56 22.52
C LEU C 360 25.07 -1.99 23.94
N ALA C 361 23.86 -1.68 24.41
CA ALA C 361 23.72 -1.13 25.76
C ALA C 361 23.95 -2.14 26.86
N GLY C 362 24.02 -3.42 26.51
CA GLY C 362 24.23 -4.45 27.51
C GLY C 362 25.64 -4.66 28.02
N TYR C 363 26.65 -4.11 27.34
CA TYR C 363 28.05 -4.26 27.77
C TYR C 363 28.39 -3.22 28.82
N HIS C 364 29.21 -3.58 29.79
CA HIS C 364 29.55 -2.65 30.85
C HIS C 364 30.82 -1.86 30.66
N THR C 365 31.40 -1.92 29.47
CA THR C 365 32.61 -1.16 29.21
C THR C 365 32.53 -0.75 27.76
N THR C 366 33.30 0.26 27.38
CA THR C 366 33.30 0.74 26.00
C THR C 366 34.48 0.13 25.26
N ILE C 367 34.43 0.21 23.94
CA ILE C 367 35.51 -0.33 23.14
C ILE C 367 36.81 0.36 23.55
N GLU C 368 36.75 1.67 23.78
CA GLU C 368 37.92 2.43 24.21
C GLU C 368 38.56 1.82 25.45
N GLN C 369 37.75 1.48 26.43
CA GLN C 369 38.28 0.89 27.67
C GLN C 369 38.87 -0.49 27.40
N ASP C 370 38.24 -1.26 26.52
CA ASP C 370 38.75 -2.60 26.23
C ASP C 370 40.14 -2.49 25.60
N ARG C 371 40.27 -1.58 24.65
CA ARG C 371 41.54 -1.38 23.98
C ARG C 371 42.66 -0.93 24.89
N GLU C 372 42.36 -0.05 25.84
CA GLU C 372 43.39 0.39 26.75
C GLU C 372 43.75 -0.79 27.66
N LEU C 373 42.77 -1.61 28.00
CA LEU C 373 43.02 -2.77 28.86
C LEU C 373 44.01 -3.70 28.20
N LYS C 374 43.77 -4.01 26.92
CA LYS C 374 44.63 -4.90 26.17
C LYS C 374 46.06 -4.38 26.13
N GLU C 375 46.18 -3.06 26.13
CA GLU C 375 47.47 -2.41 26.09
C GLU C 375 48.35 -2.81 27.27
N GLY C 376 47.75 -3.38 28.30
CA GLY C 376 48.51 -3.82 29.47
C GLY C 376 48.61 -5.33 29.60
N ASN C 377 49.02 -5.83 30.78
CA ASN C 377 49.15 -7.26 30.98
C ASN C 377 47.89 -7.85 31.56
N LEU C 378 47.17 -8.58 30.74
CA LEU C 378 45.94 -9.21 31.17
C LEU C 378 46.05 -10.69 31.49
N ASP C 379 45.21 -11.13 32.44
CA ASP C 379 45.15 -12.53 32.81
C ASP C 379 44.47 -13.28 31.67
N SER C 380 44.88 -14.52 31.43
CA SER C 380 44.32 -15.29 30.32
C SER C 380 42.80 -15.22 30.19
N ARG C 381 42.06 -15.41 31.28
CA ARG C 381 40.61 -15.37 31.21
C ARG C 381 40.04 -13.96 31.11
N LEU C 382 40.77 -13.00 31.61
CA LEU C 382 40.31 -11.62 31.51
C LEU C 382 40.61 -11.18 30.07
N ALA C 383 41.74 -11.64 29.54
CA ALA C 383 42.13 -11.32 28.18
C ALA C 383 41.08 -11.85 27.20
N ILE C 384 40.58 -13.06 27.45
CA ILE C 384 39.57 -13.64 26.58
C ILE C 384 38.33 -12.77 26.62
N ALA C 385 37.87 -12.45 27.83
CA ALA C 385 36.69 -11.61 27.97
C ALA C 385 36.83 -10.28 27.22
N VAL C 386 37.91 -9.55 27.49
CA VAL C 386 38.12 -8.26 26.85
C VAL C 386 38.11 -8.34 25.32
N GLY C 387 38.89 -9.26 24.76
CA GLY C 387 38.94 -9.40 23.31
C GLY C 387 37.62 -9.81 22.72
N ILE C 388 36.93 -10.73 23.38
CA ILE C 388 35.65 -11.16 22.86
C ILE C 388 34.66 -10.01 22.85
N ARG C 389 34.47 -9.36 24.00
CA ARG C 389 33.51 -8.26 24.08
C ARG C 389 33.86 -7.06 23.19
N GLU C 390 35.14 -6.76 23.02
CA GLU C 390 35.52 -5.66 22.13
C GLU C 390 35.07 -6.05 20.73
N GLY C 391 35.39 -7.29 20.35
CA GLY C 391 35.06 -7.79 19.04
C GLY C 391 33.59 -7.79 18.72
N GLU C 392 32.76 -8.14 19.71
CA GLU C 392 31.31 -8.18 19.52
C GLU C 392 30.73 -6.80 19.30
N LYS C 393 31.26 -5.83 20.04
CA LYS C 393 30.79 -4.47 19.90
C LYS C 393 31.14 -3.95 18.51
N MET C 394 32.28 -4.38 17.98
CA MET C 394 32.72 -3.97 16.66
C MET C 394 31.76 -4.47 15.60
N VAL C 395 31.44 -5.76 15.64
CA VAL C 395 30.55 -6.36 14.67
C VAL C 395 29.14 -5.78 14.76
N LEU C 396 28.69 -5.58 15.99
CA LEU C 396 27.36 -5.02 16.22
C LEU C 396 27.31 -3.64 15.61
N GLN C 397 28.35 -2.86 15.79
CA GLN C 397 28.33 -1.52 15.21
C GLN C 397 28.47 -1.58 13.70
N GLN C 398 29.19 -2.57 13.20
CA GLN C 398 29.37 -2.71 11.77
C GLN C 398 28.00 -3.00 11.16
N ILE C 399 27.27 -3.93 11.79
CA ILE C 399 25.94 -4.29 11.33
C ILE C 399 25.06 -3.06 11.32
N ASP C 400 25.03 -2.35 12.44
CA ASP C 400 24.22 -1.14 12.57
C ASP C 400 24.57 -0.14 11.48
N GLY C 401 25.86 -0.03 11.17
CA GLY C 401 26.30 0.89 10.16
C GLY C 401 25.85 0.42 8.79
N ILE C 402 25.85 -0.89 8.58
CA ILE C 402 25.41 -1.41 7.30
C ILE C 402 23.95 -1.09 7.05
N PHE C 403 23.12 -1.25 8.07
CA PHE C 403 21.70 -1.00 7.90
C PHE C 403 21.32 0.47 8.00
N GLU C 404 22.21 1.26 8.59
CA GLU C 404 21.93 2.68 8.69
C GLU C 404 22.08 3.22 7.28
N GLN C 405 23.10 2.74 6.59
CA GLN C 405 23.37 3.12 5.22
C GLN C 405 22.21 2.70 4.34
N LYS C 406 21.65 1.52 4.63
CA LYS C 406 20.53 0.99 3.86
C LYS C 406 19.29 1.85 4.01
N GLU C 407 19.11 2.47 5.17
CA GLU C 407 17.93 3.30 5.35
C GLU C 407 18.09 4.55 4.46
N LEU C 408 19.32 5.03 4.29
CA LEU C 408 19.53 6.19 3.45
C LEU C 408 19.28 5.88 1.98
N GLU C 409 19.67 4.68 1.56
CA GLU C 409 19.49 4.27 0.18
C GLU C 409 18.15 3.59 -0.02
N LEU C 410 17.27 3.75 0.95
CA LEU C 410 15.96 3.12 0.91
C LEU C 410 15.18 3.37 -0.39
N ASP C 411 15.54 4.41 -1.15
CA ASP C 411 14.82 4.69 -2.39
C ASP C 411 15.59 4.35 -3.65
N GLN C 412 16.79 3.82 -3.47
CA GLN C 412 17.64 3.42 -4.60
C GLN C 412 17.34 1.99 -5.03
N LEU C 413 16.77 1.19 -4.13
CA LEU C 413 16.45 -0.20 -4.43
C LEU C 413 15.28 -0.32 -5.39
N GLU C 414 15.37 -1.26 -6.32
CA GLU C 414 14.26 -1.47 -7.25
C GLU C 414 13.44 -2.59 -6.68
N TYR C 415 12.31 -2.26 -6.09
CA TYR C 415 11.47 -3.28 -5.49
C TYR C 415 10.70 -4.07 -6.55
N TYR C 416 9.88 -5.02 -6.09
CA TYR C 416 9.13 -5.89 -7.00
C TYR C 416 8.39 -5.15 -8.10
N GLN C 417 7.56 -4.19 -7.71
CA GLN C 417 6.78 -3.44 -8.67
C GLN C 417 7.65 -2.77 -9.72
N GLU C 418 8.64 -2.01 -9.28
CA GLU C 418 9.51 -1.34 -10.22
C GLU C 418 10.20 -2.31 -11.19
N ARG C 419 10.58 -3.50 -10.73
CA ARG C 419 11.25 -4.47 -11.59
C ARG C 419 10.26 -5.09 -12.58
N ARG C 420 8.98 -5.01 -12.24
CA ARG C 420 7.90 -5.56 -13.06
C ARG C 420 7.72 -4.69 -14.31
N LEU C 421 7.99 -3.40 -14.17
CA LEU C 421 7.83 -2.46 -15.29
C LEU C 421 9.17 -2.00 -15.85
N LYS C 422 10.09 -2.94 -16.08
CA LYS C 422 11.42 -2.60 -16.61
C LYS C 422 11.39 -2.04 -18.03
N ASP C 423 11.53 -2.91 -19.02
CA ASP C 423 11.51 -2.45 -20.41
C ASP C 423 10.10 -2.47 -20.98
N LEU C 424 9.33 -1.44 -20.65
CA LEU C 424 7.96 -1.31 -21.13
C LEU C 424 7.91 -1.06 -22.63
N GLY C 425 8.79 -0.21 -23.11
CA GLY C 425 8.83 0.10 -24.53
C GLY C 425 7.73 1.07 -24.93
N LEU C 426 7.51 2.07 -24.08
CA LEU C 426 6.50 3.10 -24.32
C LEU C 426 6.83 3.88 -25.58
N CYS C 427 8.10 4.26 -25.70
CA CYS C 427 8.58 5.02 -26.84
C CYS C 427 9.04 4.08 -27.96
N GLY C 428 8.07 3.54 -28.69
CA GLY C 428 8.40 2.64 -29.78
C GLY C 428 8.02 3.27 -31.11
N GLU C 429 7.15 2.61 -31.85
CA GLU C 429 6.72 3.10 -33.14
C GLU C 429 5.25 3.48 -33.10
N ASN C 430 4.80 4.14 -34.16
CA ASN C 430 3.39 4.52 -34.25
C ASN C 430 2.67 3.29 -34.81
N GLY C 431 2.80 2.18 -34.10
CA GLY C 431 2.20 0.93 -34.52
C GLY C 431 0.81 1.03 -35.12
N ASP C 432 0.08 2.08 -34.77
CA ASP C 432 -1.29 2.26 -35.28
C ASP C 432 -1.31 2.40 -36.79
N ILE C 433 -0.23 2.92 -37.36
CA ILE C 433 -0.15 3.08 -38.80
C ILE C 433 -0.14 1.69 -39.46
N LEU C 434 0.54 0.75 -38.82
CA LEU C 434 0.62 -0.62 -39.32
C LEU C 434 -0.71 -1.34 -39.09
N GLU C 435 -1.40 -0.97 -38.03
CA GLU C 435 -2.70 -1.57 -37.70
C GLU C 435 -3.73 -1.26 -38.79
N ASN C 436 -3.63 -0.08 -39.40
CA ASN C 436 -4.55 0.34 -40.46
C ASN C 436 -4.33 -0.44 -41.74
N LEU C 437 -3.19 -1.11 -41.82
CA LEU C 437 -2.85 -1.91 -42.99
C LEU C 437 -3.05 -3.41 -42.74
N TYR C 438 -3.68 -3.77 -41.62
CA TYR C 438 -3.95 -5.18 -41.30
C TYR C 438 -5.29 -5.68 -41.82
N PHE C 439 -6.36 -5.00 -41.43
CA PHE C 439 -7.71 -5.37 -41.86
C PHE C 439 -7.87 -5.20 -43.38
N SAH D . -40.64 29.00 34.67
CA SAH D . -41.54 27.93 34.24
CB SAH D . -41.49 26.75 35.24
CG SAH D . -40.39 25.75 35.01
SD SAH D . -40.68 24.48 33.73
C SAH D . -43.00 28.49 34.08
O SAH D . -43.94 27.69 33.88
OXT SAH D . -43.21 29.73 34.16
C5' SAH D . -39.17 24.69 32.80
C4' SAH D . -39.22 25.77 31.73
O4' SAH D . -39.03 27.07 32.38
C3' SAH D . -38.10 25.71 30.69
O3' SAH D . -38.40 24.88 29.57
C2' SAH D . -37.88 27.16 30.33
O2' SAH D . -38.71 27.72 29.33
C1' SAH D . -38.00 27.80 31.71
N9 SAH D . -36.73 27.74 32.50
C8 SAH D . -36.36 26.95 33.57
N7 SAH D . -35.15 27.18 34.02
C5 SAH D . -34.67 28.19 33.19
C6 SAH D . -33.43 28.89 33.13
N6 SAH D . -32.41 28.66 33.95
N1 SAH D . -33.28 29.87 32.17
C2 SAH D . -34.30 30.13 31.31
N3 SAH D . -35.52 29.53 31.28
C4 SAH D . -35.64 28.56 32.25
N M3L E . -36.52 15.09 33.91
CA M3L E . -35.65 15.77 34.86
CB M3L E . -36.28 17.09 35.31
CG M3L E . -36.44 18.06 34.14
CD M3L E . -37.07 19.38 34.60
CE M3L E . -38.52 19.21 35.05
NZ M3L E . -39.13 20.45 35.53
C M3L E . -35.41 14.88 36.08
O M3L E . -36.32 14.23 36.60
OXT M3L E . -34.40 14.60 36.67
CM1 M3L E . -39.00 21.53 34.55
CM2 M3L E . -40.56 20.21 35.76
CM3 M3L E . -38.52 20.86 36.81
N SAH F . 2.07 18.17 -56.22
CA SAH F . 1.60 16.89 -56.77
CB SAH F . 0.06 16.90 -56.86
CG SAH F . -0.63 16.62 -55.55
SD SAH F . -0.46 14.90 -54.89
C SAH F . 2.24 16.64 -58.17
O SAH F . 1.92 15.62 -58.82
OXT SAH F . 3.10 17.43 -58.63
C5' SAH F . 0.27 15.28 -53.30
C4' SAH F . 1.76 15.54 -53.36
O4' SAH F . 2.00 16.94 -53.70
C3' SAH F . 2.50 15.36 -52.06
O3' SAH F . 2.80 13.99 -51.81
C2' SAH F . 3.73 16.24 -52.26
O2' SAH F . 4.82 15.65 -52.95
C1' SAH F . 3.09 17.44 -52.96
N9 SAH F . 2.58 18.50 -52.06
C8 SAH F . 1.28 18.88 -51.81
N7 SAH F . 1.16 19.86 -50.96
C5 SAH F . 2.46 20.19 -50.63
C6 SAH F . 3.03 21.17 -49.75
N6 SAH F . 2.30 22.04 -49.05
N1 SAH F . 4.42 21.23 -49.64
C2 SAH F . 5.19 20.35 -50.36
N3 SAH F . 4.77 19.37 -51.21
C4 SAH F . 3.37 19.35 -51.30
N M3L G . -8.09 12.42 -48.00
CA M3L G . -8.06 13.72 -48.69
CB M3L G . -6.91 13.78 -49.69
CG M3L G . -5.92 14.92 -49.40
CD M3L G . -5.02 15.26 -50.59
CE M3L G . -5.26 14.30 -51.76
NZ M3L G . -4.56 14.70 -52.99
C M3L G . -9.39 13.97 -49.40
O M3L G . -9.78 15.12 -49.64
OXT M3L G . -10.19 13.23 -49.76
CM1 M3L G . -3.14 14.98 -52.76
CM2 M3L G . -4.66 13.59 -53.94
CM3 M3L G . -5.21 15.88 -53.59
N SAH H . 48.44 -27.82 25.23
CA SAH H . 47.46 -28.88 25.53
CB SAH H . 47.40 -29.86 24.34
CG SAH H . 46.52 -29.42 23.21
SD SAH H . 44.74 -29.78 23.41
C SAH H . 47.82 -29.60 26.86
O SAH H . 47.22 -30.63 27.19
OXT SAH H . 48.71 -29.14 27.61
C5' SAH H . 44.12 -28.13 23.14
C4' SAH H . 44.22 -27.22 24.34
O4' SAH H . 45.58 -26.68 24.44
C3' SAH H . 43.35 -26.01 24.28
O3' SAH H . 42.04 -26.26 24.73
C2' SAH H . 44.10 -25.01 25.13
O2' SAH H . 43.85 -25.08 26.53
C1' SAH H . 45.53 -25.30 24.70
N9 SAH H . 45.98 -24.55 23.50
C8 SAH H . 46.25 -25.02 22.24
N7 SAH H . 46.64 -24.12 21.39
C5 SAH H . 46.63 -22.95 22.13
C6 SAH H . 46.94 -21.59 21.81
N6 SAH H . 47.34 -21.20 20.60
N1 SAH H . 46.83 -20.65 22.80
C2 SAH H . 46.42 -21.03 24.04
N3 SAH H . 46.10 -22.28 24.46
C4 SAH H . 46.22 -23.20 23.45
N M3L I . 37.74 -28.92 15.15
CA M3L I . 39.17 -29.29 15.06
CB M3L I . 39.66 -29.66 16.47
CG M3L I . 41.00 -29.69 16.35
CD M3L I . 41.64 -30.29 17.90
CE M3L I . 43.17 -30.43 17.94
NZ M3L I . 43.65 -30.88 19.26
C M3L I . 39.31 -30.50 14.12
O M3L I . 40.31 -30.63 13.40
OXT M3L I . 38.46 -31.35 14.06
CM1 M3L I . 43.19 -32.25 19.53
CM2 M3L I . 45.11 -30.87 19.25
CM3 M3L I . 43.18 -29.99 20.33
#